data_9MTI
#
_entry.id   9MTI
#
_cell.length_a   1.00
_cell.length_b   1.00
_cell.length_c   1.00
_cell.angle_alpha   90.00
_cell.angle_beta   90.00
_cell.angle_gamma   90.00
#
_symmetry.space_group_name_H-M   'P 1'
#
loop_
_entity.id
_entity.type
_entity.pdbx_description
1 polymer Hemagglutinin
2 polymer 'Heavy chain of Fab from porcine antibody 15-1'
3 polymer 'Light chain of Fab from porcine antibody 15-1'
#
loop_
_entity_poly.entity_id
_entity_poly.type
_entity_poly.pdbx_seq_one_letter_code
_entity_poly.pdbx_strand_id
1 'polypeptide(L)'
;ATLCLGHHAVPNGTIVKTITDDQIEVTNATELVQSSSTGKICNNPHRILDGRDCTLIDALLGDPHCDVFQDETWDLYVER
SSAFSNCYPYDVPDYASLRSLVASSGTLEFITEGFTWTGVTQNGGSNACKRGPASGFFSRLNWLTKSGSAYPVLNVTMPN
NDNFDKLYVWGVHHPSTNQEQTNLYVQASGRVTVSTRRSQQTIIPNIGSRPWVRGQSGRISIYWTIVKPGDVLVINSNGN
LIAPRGYFKMRTGKSSIMRSDAPIDTCISECITPNGSIPNDKPFQNVNKITYGACPKYVKQSTLKLATGMRNVPEKQTRG
LFGAKAGFIENGWEGMIDGWYGFRHQNSEGTGQAADLKSTQAAIDQINGKLNRVIEKTNEKFHQIEKEFSEVEGRIQDLE
KYVEDTKIDLWSYNAELLVALENQHTIDLTDSEMNKLFEKTRRQLRENAEDMGNGCFKIYHKCDNACIESIRNGTYDHDI
YRDEALNNRFQIKGV
;
A,B,C
2 'polypeptide(L)'
;EEKLVESGGGLVQPGGSLRLSCVGSGFDLSDYAFSWVRQAPRKGLEWLAAIDSVSYRRSTYYADSVKGRFTISSDYSQNT
LYLQMNSLRTEDTARYYCARGAFPNLWGPGVEVVVS
;
H,I,M
3 'polypeptide(L)'
;AIVLTQTPLSLSVSPGEPASISCRSSQSLRHTDGKDYLNWYLQKPGQSPQLLIYYATTRASGVPDRFTGSGSGTDFTLKI
SRVEAEDVGVYYCFQGLQSPPGFGAGTKLELK
;
J,L,N
#
# COMPACT_ATOMS: atom_id res chain seq x y z
N ALA A 1 30.05 32.71 27.89
CA ALA A 1 29.73 32.53 26.49
C ALA A 1 28.47 31.68 26.30
N THR A 2 27.68 32.04 25.29
CA THR A 2 26.46 31.31 24.95
C THR A 2 26.59 30.78 23.54
N LEU A 3 26.34 29.48 23.35
CA LEU A 3 26.28 28.85 22.01
C LEU A 3 24.87 28.32 21.84
N CYS A 4 24.19 28.69 20.76
CA CYS A 4 22.80 28.24 20.50
C CYS A 4 22.78 27.47 19.19
N LEU A 5 21.97 26.42 19.12
CA LEU A 5 21.90 25.57 17.92
C LEU A 5 20.57 25.80 17.22
N GLY A 6 20.52 25.98 15.89
CA GLY A 6 19.25 26.28 15.27
C GLY A 6 19.16 25.70 13.87
N HIS A 7 17.94 25.75 13.34
CA HIS A 7 17.65 25.29 12.00
C HIS A 7 16.97 26.40 11.21
N HIS A 8 17.18 26.39 9.90
CA HIS A 8 16.76 27.52 9.09
C HIS A 8 15.25 27.48 8.83
N ALA A 9 14.72 28.64 8.46
CA ALA A 9 13.31 28.77 8.12
C ALA A 9 13.19 29.70 6.91
N VAL A 10 12.08 29.56 6.19
CA VAL A 10 11.82 30.36 5.00
C VAL A 10 10.66 31.31 5.27
N PRO A 11 10.63 32.49 4.67
CA PRO A 11 9.51 33.42 4.93
C PRO A 11 8.16 32.85 4.55
N ASN A 12 8.09 32.12 3.45
CA ASN A 12 6.85 31.49 2.99
C ASN A 12 7.15 30.07 2.55
N GLY A 13 6.46 29.10 3.15
CA GLY A 13 6.70 27.71 2.84
C GLY A 13 5.40 27.01 2.45
N THR A 14 5.56 25.84 1.85
CA THR A 14 4.42 25.06 1.39
C THR A 14 3.69 24.44 2.59
N ILE A 15 2.49 23.95 2.33
CA ILE A 15 1.68 23.24 3.32
C ILE A 15 1.49 21.83 2.81
N VAL A 16 2.02 20.85 3.55
CA VAL A 16 1.93 19.45 3.17
C VAL A 16 1.02 18.72 4.15
N LYS A 17 0.77 17.44 3.86
CA LYS A 17 -0.27 16.67 4.52
C LYS A 17 0.31 15.33 4.96
N THR A 18 0.35 15.10 6.27
CA THR A 18 0.95 13.92 6.86
C THR A 18 -0.09 13.12 7.63
N ILE A 19 0.37 12.11 8.36
CA ILE A 19 -0.53 11.24 9.12
C ILE A 19 -1.23 12.04 10.22
N THR A 20 -0.46 12.86 10.95
CA THR A 20 -1.02 13.54 12.11
C THR A 20 -2.00 14.63 11.70
N ASP A 21 -1.52 15.63 10.97
CA ASP A 21 -2.33 16.78 10.59
C ASP A 21 -2.33 16.93 9.07
N ASP A 22 -3.49 17.34 8.54
CA ASP A 22 -3.63 17.53 7.10
C ASP A 22 -2.94 18.79 6.60
N GLN A 23 -2.58 19.71 7.49
CA GLN A 23 -1.95 20.97 7.10
C GLN A 23 -0.76 21.22 8.04
N ILE A 24 0.45 20.97 7.56
CA ILE A 24 1.67 21.28 8.30
C ILE A 24 2.63 21.99 7.36
N GLU A 25 3.24 23.07 7.86
CA GLU A 25 4.11 23.89 7.01
C GLU A 25 5.49 23.24 6.87
N VAL A 26 6.01 23.28 5.64
CA VAL A 26 7.31 22.73 5.31
C VAL A 26 8.03 23.72 4.39
N THR A 27 9.34 23.84 4.59
CA THR A 27 10.12 24.84 3.86
C THR A 27 10.05 24.63 2.36
N ASN A 28 10.19 23.39 1.90
CA ASN A 28 10.17 23.10 0.47
C ASN A 28 9.44 21.79 0.22
N ALA A 29 8.58 21.79 -0.79
CA ALA A 29 7.86 20.59 -1.20
C ALA A 29 7.79 20.53 -2.72
N THR A 30 7.62 19.32 -3.23
CA THR A 30 7.55 19.07 -4.67
C THR A 30 6.22 18.42 -5.03
N GLU A 31 5.63 18.85 -6.14
CA GLU A 31 4.38 18.28 -6.61
C GLU A 31 4.63 16.91 -7.23
N LEU A 32 3.78 15.95 -6.88
CA LEU A 32 3.91 14.58 -7.35
C LEU A 32 2.87 14.20 -8.41
N VAL A 33 2.00 15.12 -8.80
CA VAL A 33 0.93 14.85 -9.75
C VAL A 33 1.10 15.77 -10.94
N GLN A 34 1.16 15.20 -12.14
CA GLN A 34 1.26 15.96 -13.39
C GLN A 34 -0.16 16.24 -13.87
N SER A 35 -0.62 17.47 -13.66
CA SER A 35 -2.00 17.85 -13.97
C SER A 35 -2.10 18.73 -15.21
N SER A 36 -1.03 18.87 -15.99
CA SER A 36 -1.04 19.74 -17.16
C SER A 36 -0.42 19.02 -18.34
N SER A 37 -0.87 19.39 -19.54
CA SER A 37 -0.38 18.83 -20.79
C SER A 37 -0.14 19.95 -21.79
N THR A 38 0.76 19.70 -22.74
CA THR A 38 1.08 20.69 -23.75
C THR A 38 0.05 20.76 -24.87
N GLY A 39 -0.87 19.79 -24.94
CA GLY A 39 -1.89 19.80 -25.97
C GLY A 39 -1.48 19.25 -27.30
N LYS A 40 -0.28 18.67 -27.42
CA LYS A 40 0.22 18.14 -28.67
C LYS A 40 0.83 16.77 -28.44
N ILE A 41 0.91 15.99 -29.52
CA ILE A 41 1.44 14.64 -29.48
C ILE A 41 2.80 14.65 -30.17
N CYS A 42 3.82 14.19 -29.45
CA CYS A 42 5.17 14.11 -30.00
C CYS A 42 5.29 12.89 -30.91
N ASN A 43 6.15 13.01 -31.93
CA ASN A 43 6.37 11.95 -32.89
C ASN A 43 7.63 11.15 -32.62
N ASN A 44 8.28 11.38 -31.48
CA ASN A 44 9.47 10.63 -31.09
C ASN A 44 9.37 10.24 -29.63
N PRO A 45 9.88 9.06 -29.26
CA PRO A 45 10.53 8.06 -30.09
C PRO A 45 9.53 7.06 -30.68
N HIS A 46 8.24 7.26 -30.42
CA HIS A 46 7.20 6.39 -30.91
C HIS A 46 6.78 6.81 -32.31
N ARG A 47 6.45 5.83 -33.15
CA ARG A 47 6.05 6.10 -34.53
C ARG A 47 4.55 6.35 -34.54
N ILE A 48 4.18 7.63 -34.62
CA ILE A 48 2.78 8.04 -34.58
C ILE A 48 2.28 8.20 -36.00
N LEU A 49 1.14 7.57 -36.30
CA LEU A 49 0.51 7.65 -37.61
C LEU A 49 -0.85 8.31 -37.45
N ASP A 50 -1.00 9.50 -38.02
CA ASP A 50 -2.26 10.23 -37.95
C ASP A 50 -3.25 9.61 -38.92
N GLY A 51 -4.38 9.14 -38.40
CA GLY A 51 -5.40 8.52 -39.23
C GLY A 51 -6.24 9.48 -40.04
N ARG A 52 -6.15 10.78 -39.75
CA ARG A 52 -6.88 11.81 -40.47
C ARG A 52 -8.39 11.55 -40.46
N ASP A 53 -8.94 11.16 -41.61
CA ASP A 53 -10.38 11.00 -41.76
C ASP A 53 -10.79 9.56 -42.01
N CYS A 54 -10.01 8.59 -41.51
CA CYS A 54 -10.31 7.18 -41.68
C CYS A 54 -10.13 6.45 -40.36
N THR A 55 -11.03 5.52 -40.08
CA THR A 55 -10.85 4.59 -38.98
C THR A 55 -9.84 3.51 -39.38
N LEU A 56 -9.38 2.75 -38.37
CA LEU A 56 -8.44 1.67 -38.65
C LEU A 56 -9.05 0.62 -39.55
N ILE A 57 -10.33 0.28 -39.33
CA ILE A 57 -10.99 -0.72 -40.15
C ILE A 57 -11.17 -0.20 -41.58
N ASP A 58 -11.44 1.10 -41.74
CA ASP A 58 -11.59 1.67 -43.07
C ASP A 58 -10.28 1.56 -43.85
N ALA A 59 -9.15 1.84 -43.20
CA ALA A 59 -7.86 1.65 -43.87
C ALA A 59 -7.56 0.17 -44.09
N LEU A 60 -8.04 -0.70 -43.20
CA LEU A 60 -7.87 -2.14 -43.39
C LEU A 60 -8.57 -2.62 -44.66
N LEU A 61 -9.84 -2.24 -44.82
CA LEU A 61 -10.62 -2.72 -45.95
C LEU A 61 -10.22 -2.04 -47.26
N GLY A 62 -9.79 -0.78 -47.18
CA GLY A 62 -9.37 -0.06 -48.38
C GLY A 62 -10.43 0.87 -48.94
N ASP A 63 -11.00 1.73 -48.10
CA ASP A 63 -11.98 2.73 -48.58
C ASP A 63 -11.21 3.58 -49.59
N PRO A 64 -11.80 3.96 -50.74
CA PRO A 64 -11.12 4.81 -51.72
C PRO A 64 -10.71 6.13 -51.10
N HIS A 65 -11.41 6.58 -50.06
CA HIS A 65 -11.16 7.93 -49.49
C HIS A 65 -9.89 8.02 -48.70
N CYS A 66 -8.91 7.17 -48.95
CA CYS A 66 -7.63 7.26 -48.25
C CYS A 66 -6.79 6.00 -48.42
N ASP A 67 -6.55 5.59 -49.66
CA ASP A 67 -5.58 4.56 -49.98
C ASP A 67 -4.16 4.94 -49.59
N VAL A 68 -3.97 6.10 -48.98
CA VAL A 68 -2.64 6.50 -48.52
C VAL A 68 -2.11 5.55 -47.45
N PHE A 69 -2.99 4.93 -46.67
CA PHE A 69 -2.59 4.07 -45.55
C PHE A 69 -2.31 2.63 -45.97
N GLN A 70 -2.01 2.38 -47.24
CA GLN A 70 -1.66 1.04 -47.68
C GLN A 70 -0.23 0.71 -47.26
N ASP A 71 -0.04 -0.53 -46.78
CA ASP A 71 1.28 -1.02 -46.36
C ASP A 71 1.92 -0.09 -45.32
N GLU A 72 1.14 0.32 -44.34
CA GLU A 72 1.57 1.28 -43.34
C GLU A 72 1.91 0.58 -42.03
N THR A 73 2.84 1.18 -41.29
CA THR A 73 3.26 0.68 -39.99
C THR A 73 3.19 1.82 -38.98
N TRP A 74 2.84 1.48 -37.74
CA TRP A 74 2.75 2.48 -36.69
C TRP A 74 3.12 1.85 -35.36
N ASP A 75 3.48 2.71 -34.41
CA ASP A 75 3.54 2.34 -33.01
C ASP A 75 2.30 2.77 -32.24
N LEU A 76 1.64 3.83 -32.70
CA LEU A 76 0.38 4.30 -32.13
C LEU A 76 -0.47 4.87 -33.26
N TYR A 77 -1.67 4.30 -33.44
CA TYR A 77 -2.61 4.81 -34.42
C TYR A 77 -3.52 5.83 -33.76
N VAL A 78 -3.58 7.03 -34.33
CA VAL A 78 -4.37 8.13 -33.77
C VAL A 78 -5.65 8.24 -34.58
N GLU A 79 -6.78 7.98 -33.92
CA GLU A 79 -8.09 8.06 -34.56
C GLU A 79 -8.72 9.41 -34.23
N ARG A 80 -9.24 10.08 -35.26
CA ARG A 80 -9.81 11.40 -35.11
C ARG A 80 -11.33 11.34 -35.16
N SER A 81 -11.96 12.29 -34.48
CA SER A 81 -13.42 12.35 -34.43
C SER A 81 -14.04 12.78 -35.75
N SER A 82 -13.23 13.23 -36.70
CA SER A 82 -13.71 13.61 -38.02
C SER A 82 -13.69 12.46 -39.01
N ALA A 83 -13.31 11.27 -38.58
CA ALA A 83 -13.24 10.11 -39.46
C ALA A 83 -14.64 9.75 -39.96
N PHE A 84 -14.72 9.35 -41.23
CA PHE A 84 -15.99 9.01 -41.85
C PHE A 84 -15.75 7.93 -42.91
N SER A 85 -16.81 7.22 -43.24
CA SER A 85 -16.78 6.17 -44.26
C SER A 85 -17.41 6.67 -45.54
N ASN A 86 -16.80 6.34 -46.67
CA ASN A 86 -17.25 6.80 -47.98
C ASN A 86 -17.28 5.65 -48.98
N CYS A 87 -17.88 4.53 -48.59
CA CYS A 87 -17.99 3.38 -49.45
C CYS A 87 -19.30 2.64 -49.13
N TYR A 88 -19.38 1.39 -49.55
CA TYR A 88 -20.58 0.60 -49.33
C TYR A 88 -20.88 0.48 -47.84
N PRO A 89 -22.13 0.62 -47.43
CA PRO A 89 -22.47 0.48 -46.00
C PRO A 89 -22.15 -0.91 -45.50
N TYR A 90 -21.23 -0.98 -44.54
CA TYR A 90 -20.77 -2.25 -44.00
C TYR A 90 -20.88 -2.25 -42.49
N ASP A 91 -21.06 -3.44 -41.93
CA ASP A 91 -21.06 -3.65 -40.49
C ASP A 91 -20.05 -4.73 -40.16
N VAL A 92 -19.43 -4.61 -38.99
CA VAL A 92 -18.43 -5.56 -38.51
C VAL A 92 -18.97 -6.23 -37.25
N PRO A 93 -19.42 -7.47 -37.34
CA PRO A 93 -19.82 -8.20 -36.14
C PRO A 93 -18.65 -8.35 -35.19
N ASP A 94 -18.84 -7.88 -33.96
CA ASP A 94 -17.79 -7.80 -32.95
C ASP A 94 -16.64 -6.94 -33.49
N TYR A 95 -16.96 -5.66 -33.65
CA TYR A 95 -16.04 -4.69 -34.24
C TYR A 95 -14.81 -4.48 -33.37
N ALA A 96 -15.00 -4.47 -32.04
CA ALA A 96 -13.92 -4.10 -31.13
C ALA A 96 -12.76 -5.09 -31.21
N SER A 97 -13.07 -6.38 -31.30
CA SER A 97 -12.00 -7.39 -31.34
C SER A 97 -11.13 -7.22 -32.57
N LEU A 98 -11.75 -7.01 -33.74
CA LEU A 98 -10.98 -6.80 -34.96
C LEU A 98 -10.17 -5.51 -34.88
N ARG A 99 -10.78 -4.45 -34.34
CA ARG A 99 -10.05 -3.19 -34.21
C ARG A 99 -8.82 -3.37 -33.32
N SER A 100 -8.98 -4.03 -32.18
CA SER A 100 -7.85 -4.25 -31.27
C SER A 100 -6.81 -5.16 -31.91
N LEU A 101 -7.25 -6.19 -32.64
CA LEU A 101 -6.32 -7.08 -33.32
C LEU A 101 -5.44 -6.31 -34.30
N VAL A 102 -6.06 -5.51 -35.17
CA VAL A 102 -5.30 -4.77 -36.16
C VAL A 102 -4.42 -3.72 -35.50
N ALA A 103 -4.93 -3.06 -34.45
CA ALA A 103 -4.13 -2.05 -33.77
C ALA A 103 -2.90 -2.65 -33.11
N SER A 104 -3.04 -3.81 -32.47
CA SER A 104 -1.90 -4.46 -31.84
C SER A 104 -0.96 -5.09 -32.86
N SER A 105 -1.46 -5.46 -34.04
CA SER A 105 -0.59 -5.97 -35.08
C SER A 105 0.43 -4.92 -35.52
N GLY A 106 -0.03 -3.68 -35.69
CA GLY A 106 0.86 -2.58 -36.00
C GLY A 106 1.26 -2.42 -37.45
N THR A 107 0.74 -3.26 -38.35
CA THR A 107 1.08 -3.16 -39.76
C THR A 107 -0.15 -3.42 -40.61
N LEU A 108 -0.37 -2.57 -41.60
CA LEU A 108 -1.36 -2.80 -42.65
C LEU A 108 -0.70 -3.40 -43.89
N GLU A 109 0.05 -4.47 -43.71
CA GLU A 109 0.84 -5.05 -44.80
C GLU A 109 0.01 -6.14 -45.47
N PHE A 110 -0.29 -5.94 -46.75
CA PHE A 110 -1.15 -6.83 -47.51
C PHE A 110 -0.33 -7.56 -48.56
N ILE A 111 -0.40 -8.89 -48.55
CA ILE A 111 0.25 -9.73 -49.55
C ILE A 111 -0.85 -10.42 -50.34
N THR A 112 -0.86 -10.17 -51.65
CA THR A 112 -1.86 -10.78 -52.53
C THR A 112 -1.53 -12.25 -52.76
N GLU A 113 -2.59 -13.06 -52.91
CA GLU A 113 -2.44 -14.48 -53.15
C GLU A 113 -3.21 -14.86 -54.41
N GLY A 114 -2.76 -15.95 -55.03
CA GLY A 114 -3.34 -16.39 -56.29
C GLY A 114 -4.63 -17.17 -56.14
N PHE A 115 -5.67 -16.51 -55.65
CA PHE A 115 -6.98 -17.14 -55.57
C PHE A 115 -7.59 -17.29 -56.96
N THR A 116 -8.12 -18.47 -57.23
CA THR A 116 -8.76 -18.76 -58.51
C THR A 116 -10.25 -18.97 -58.29
N TRP A 117 -11.06 -18.03 -58.79
CA TRP A 117 -12.51 -18.08 -58.67
C TRP A 117 -13.07 -18.35 -60.06
N THR A 118 -13.16 -19.63 -60.43
CA THR A 118 -13.61 -20.01 -61.76
C THR A 118 -15.13 -20.08 -61.80
N GLY A 119 -15.72 -19.41 -62.80
CA GLY A 119 -17.15 -19.44 -63.00
C GLY A 119 -17.91 -18.24 -62.47
N VAL A 120 -17.22 -17.25 -61.90
CA VAL A 120 -17.86 -16.06 -61.37
C VAL A 120 -17.15 -14.82 -61.90
N THR A 121 -17.86 -13.70 -61.87
CA THR A 121 -17.33 -12.43 -62.34
C THR A 121 -16.69 -11.71 -61.16
N GLN A 122 -15.41 -11.36 -61.31
CA GLN A 122 -14.66 -10.71 -60.26
C GLN A 122 -14.72 -9.20 -60.39
N ASN A 123 -14.10 -8.50 -59.43
CA ASN A 123 -13.96 -7.05 -59.45
C ASN A 123 -15.31 -6.35 -59.53
N GLY A 124 -16.28 -6.83 -58.77
CA GLY A 124 -17.55 -6.15 -58.66
C GLY A 124 -17.44 -4.84 -57.90
N GLY A 125 -18.39 -3.94 -58.17
CA GLY A 125 -18.36 -2.63 -57.55
C GLY A 125 -19.76 -2.07 -57.40
N SER A 126 -19.83 -0.93 -56.73
CA SER A 126 -21.08 -0.24 -56.48
C SER A 126 -20.88 1.26 -56.59
N ASN A 127 -21.97 1.99 -56.84
CA ASN A 127 -21.92 3.43 -56.97
C ASN A 127 -21.72 4.15 -55.64
N ALA A 128 -21.81 3.44 -54.52
CA ALA A 128 -21.53 4.03 -53.22
C ALA A 128 -20.04 4.13 -52.92
N CYS A 129 -19.19 3.58 -53.79
CA CYS A 129 -17.75 3.58 -53.57
C CYS A 129 -17.05 4.22 -54.76
N LYS A 130 -17.52 5.40 -55.16
CA LYS A 130 -17.02 6.10 -56.34
C LYS A 130 -15.52 6.33 -56.25
N ARG A 131 -14.76 5.67 -57.12
CA ARG A 131 -13.31 5.85 -57.17
C ARG A 131 -12.98 6.86 -58.26
N GLY A 132 -13.44 8.09 -58.04
CA GLY A 132 -13.33 9.14 -59.01
C GLY A 132 -14.61 9.28 -59.80
N PRO A 133 -14.53 9.12 -61.13
CA PRO A 133 -15.74 9.14 -61.96
C PRO A 133 -16.40 7.80 -62.15
N ALA A 134 -15.73 6.70 -61.81
CA ALA A 134 -16.27 5.36 -61.96
C ALA A 134 -16.74 4.83 -60.61
N SER A 135 -17.26 3.61 -60.63
CA SER A 135 -17.75 2.93 -59.43
C SER A 135 -16.75 1.86 -59.02
N GLY A 136 -16.37 1.87 -57.74
CA GLY A 136 -15.37 0.94 -57.25
C GLY A 136 -15.82 0.14 -56.05
N PHE A 137 -14.84 -0.37 -55.29
CA PHE A 137 -15.10 -1.19 -54.12
C PHE A 137 -13.88 -1.10 -53.21
N PHE A 138 -13.94 -1.82 -52.09
CA PHE A 138 -12.80 -1.91 -51.21
C PHE A 138 -11.62 -2.55 -51.94
N SER A 139 -10.44 -1.96 -51.79
CA SER A 139 -9.27 -2.41 -52.54
C SER A 139 -8.80 -3.78 -52.09
N ARG A 140 -9.07 -4.15 -50.84
CA ARG A 140 -8.62 -5.42 -50.29
C ARG A 140 -9.71 -6.49 -50.31
N LEU A 141 -10.83 -6.23 -50.97
CA LEU A 141 -11.92 -7.17 -51.10
C LEU A 141 -12.27 -7.35 -52.57
N ASN A 142 -12.90 -8.49 -52.88
CA ASN A 142 -13.26 -8.85 -54.24
C ASN A 142 -14.75 -9.21 -54.25
N TRP A 143 -15.56 -8.40 -54.92
CA TRP A 143 -16.99 -8.64 -55.01
C TRP A 143 -17.25 -9.60 -56.18
N LEU A 144 -17.54 -10.85 -55.86
CA LEU A 144 -17.84 -11.86 -56.87
C LEU A 144 -19.31 -11.81 -57.25
N THR A 145 -19.58 -12.04 -58.53
CA THR A 145 -20.93 -11.94 -59.08
C THR A 145 -21.07 -13.02 -60.15
N LYS A 146 -22.31 -13.43 -60.40
CA LYS A 146 -22.57 -14.48 -61.39
C LYS A 146 -21.96 -14.12 -62.74
N SER A 147 -21.43 -15.14 -63.40
CA SER A 147 -20.85 -14.99 -64.73
C SER A 147 -21.81 -15.63 -65.73
N GLY A 148 -22.50 -14.80 -66.49
CA GLY A 148 -23.53 -15.30 -67.38
C GLY A 148 -24.84 -15.47 -66.66
N SER A 149 -25.19 -16.72 -66.33
CA SER A 149 -26.41 -16.99 -65.57
C SER A 149 -26.22 -18.08 -64.53
N ALA A 150 -24.99 -18.37 -64.11
CA ALA A 150 -24.72 -19.43 -63.16
C ALA A 150 -23.69 -18.98 -62.15
N TYR A 151 -23.91 -19.34 -60.89
CA TYR A 151 -22.95 -19.11 -59.81
C TYR A 151 -22.58 -20.45 -59.21
N PRO A 152 -21.45 -21.03 -59.57
CA PRO A 152 -21.07 -22.35 -59.05
C PRO A 152 -20.67 -22.28 -57.58
N VAL A 153 -20.69 -23.45 -56.95
CA VAL A 153 -20.27 -23.56 -55.55
C VAL A 153 -18.75 -23.42 -55.50
N LEU A 154 -18.28 -22.27 -55.02
CA LEU A 154 -16.85 -21.98 -54.99
C LEU A 154 -16.21 -22.70 -53.82
N ASN A 155 -15.25 -23.58 -54.11
CA ASN A 155 -14.52 -24.34 -53.10
C ASN A 155 -13.03 -24.10 -53.34
N VAL A 156 -12.46 -23.14 -52.62
CA VAL A 156 -11.06 -22.77 -52.82
C VAL A 156 -10.28 -23.04 -51.53
N THR A 157 -8.97 -23.24 -51.70
CA THR A 157 -8.09 -23.55 -50.59
C THR A 157 -6.79 -22.76 -50.72
N MET A 158 -6.16 -22.50 -49.57
CA MET A 158 -4.87 -21.84 -49.51
C MET A 158 -4.13 -22.25 -48.25
N PRO A 159 -2.95 -22.87 -48.36
CA PRO A 159 -2.25 -23.39 -47.19
C PRO A 159 -1.32 -22.35 -46.57
N ASN A 160 -0.83 -22.69 -45.38
CA ASN A 160 0.14 -21.90 -44.63
C ASN A 160 1.48 -22.63 -44.69
N ASN A 161 2.26 -22.34 -45.73
CA ASN A 161 3.60 -22.89 -45.86
C ASN A 161 4.67 -21.97 -45.27
N ASP A 162 4.29 -20.82 -44.73
CA ASP A 162 5.21 -19.86 -44.17
C ASP A 162 5.32 -20.05 -42.65
N ASN A 163 6.00 -19.12 -41.99
CA ASN A 163 6.24 -19.22 -40.56
C ASN A 163 5.56 -18.09 -39.78
N PHE A 164 4.55 -17.45 -40.36
CA PHE A 164 3.84 -16.37 -39.70
C PHE A 164 2.34 -16.56 -39.87
N ASP A 165 1.58 -15.99 -38.94
CA ASP A 165 0.13 -16.05 -39.00
C ASP A 165 -0.39 -15.13 -40.10
N LYS A 166 -1.41 -15.60 -40.82
CA LYS A 166 -2.06 -14.82 -41.85
C LYS A 166 -3.46 -14.43 -41.40
N LEU A 167 -3.81 -13.16 -41.61
CA LEU A 167 -5.13 -12.66 -41.29
C LEU A 167 -5.91 -12.44 -42.58
N TYR A 168 -6.93 -13.25 -42.79
CA TYR A 168 -7.79 -13.15 -43.97
C TYR A 168 -9.06 -12.39 -43.59
N VAL A 169 -9.28 -11.26 -44.23
CA VAL A 169 -10.46 -10.44 -43.99
C VAL A 169 -11.39 -10.59 -45.18
N TRP A 170 -12.59 -11.12 -44.94
CA TRP A 170 -13.58 -11.34 -45.99
C TRP A 170 -14.93 -10.79 -45.56
N GLY A 171 -15.97 -11.04 -46.34
CA GLY A 171 -17.27 -10.50 -46.00
C GLY A 171 -18.40 -11.25 -46.68
N VAL A 172 -19.60 -11.02 -46.16
CA VAL A 172 -20.83 -11.59 -46.67
C VAL A 172 -21.80 -10.46 -46.97
N HIS A 173 -22.38 -10.47 -48.16
CA HIS A 173 -23.25 -9.39 -48.62
C HIS A 173 -24.71 -9.74 -48.32
N HIS A 174 -25.36 -8.92 -47.49
CA HIS A 174 -26.79 -9.03 -47.26
C HIS A 174 -27.50 -8.10 -48.23
N PRO A 175 -28.24 -8.62 -49.20
CA PRO A 175 -28.91 -7.75 -50.17
C PRO A 175 -30.19 -7.12 -49.60
N SER A 176 -30.72 -6.16 -50.34
CA SER A 176 -31.92 -5.45 -49.90
C SER A 176 -33.19 -6.19 -50.27
N THR A 177 -33.23 -6.80 -51.45
CA THR A 177 -34.44 -7.46 -51.94
C THR A 177 -34.07 -8.80 -52.56
N ASN A 178 -35.08 -9.67 -52.65
CA ASN A 178 -34.87 -10.98 -53.28
C ASN A 178 -34.58 -10.85 -54.76
N GLN A 179 -35.13 -9.85 -55.42
CA GLN A 179 -34.87 -9.64 -56.84
C GLN A 179 -33.37 -9.41 -57.00
N GLU A 180 -32.81 -8.47 -56.23
CA GLU A 180 -31.39 -8.17 -56.35
C GLU A 180 -30.55 -9.39 -55.98
N GLN A 181 -30.97 -10.17 -54.99
CA GLN A 181 -30.21 -11.40 -54.64
C GLN A 181 -30.15 -12.28 -55.87
N THR A 182 -31.31 -12.58 -56.46
CA THR A 182 -31.30 -13.49 -57.59
C THR A 182 -30.59 -12.90 -58.80
N ASN A 183 -30.59 -11.57 -58.95
CA ASN A 183 -29.91 -10.95 -60.07
C ASN A 183 -28.39 -11.00 -59.88
N LEU A 184 -27.92 -10.95 -58.64
CA LEU A 184 -26.49 -10.93 -58.37
C LEU A 184 -25.90 -12.31 -58.11
N TYR A 185 -26.68 -13.26 -57.58
CA TYR A 185 -26.12 -14.51 -57.11
C TYR A 185 -26.95 -15.73 -57.51
N VAL A 186 -27.96 -15.54 -58.37
CA VAL A 186 -28.77 -16.62 -58.93
C VAL A 186 -29.56 -17.35 -57.85
N GLN A 187 -28.86 -17.91 -56.86
CA GLN A 187 -29.52 -18.70 -55.83
C GLN A 187 -30.44 -17.83 -54.97
N ALA A 188 -31.54 -18.43 -54.52
CA ALA A 188 -32.48 -17.71 -53.66
C ALA A 188 -31.86 -17.36 -52.31
N SER A 189 -31.09 -18.29 -51.77
CA SER A 189 -30.38 -18.04 -50.52
C SER A 189 -28.91 -18.41 -50.73
N GLY A 190 -27.99 -17.56 -50.24
CA GLY A 190 -26.55 -17.87 -50.36
C GLY A 190 -26.07 -18.58 -49.12
N ARG A 191 -24.78 -18.94 -49.08
CA ARG A 191 -24.20 -19.60 -47.89
C ARG A 191 -22.67 -19.48 -47.95
N VAL A 192 -22.06 -18.93 -46.90
CA VAL A 192 -20.57 -18.73 -46.91
C VAL A 192 -19.96 -19.43 -45.69
N THR A 193 -19.11 -20.42 -45.93
CA THR A 193 -18.41 -21.08 -44.83
C THR A 193 -16.91 -21.01 -45.08
N VAL A 194 -16.18 -20.41 -44.15
CA VAL A 194 -14.73 -20.28 -44.22
C VAL A 194 -14.15 -21.01 -43.03
N SER A 195 -13.28 -22.00 -43.30
CA SER A 195 -12.88 -22.93 -42.26
C SER A 195 -11.37 -23.18 -42.32
N THR A 196 -10.82 -23.55 -41.17
CA THR A 196 -9.47 -24.07 -41.04
C THR A 196 -9.56 -25.46 -40.42
N ARG A 197 -8.39 -26.05 -40.13
CA ARG A 197 -8.37 -27.39 -39.56
C ARG A 197 -8.80 -27.43 -38.10
N ARG A 198 -8.94 -26.27 -37.45
CA ARG A 198 -9.32 -26.22 -36.05
C ARG A 198 -10.49 -25.30 -35.76
N SER A 199 -10.99 -24.57 -36.75
CA SER A 199 -12.11 -23.66 -36.53
C SER A 199 -12.85 -23.45 -37.85
N GLN A 200 -14.07 -22.94 -37.75
CA GLN A 200 -14.88 -22.65 -38.92
C GLN A 200 -15.83 -21.51 -38.60
N GLN A 201 -16.30 -20.85 -39.66
CA GLN A 201 -17.28 -19.78 -39.54
C GLN A 201 -18.28 -19.93 -40.68
N THR A 202 -19.55 -20.11 -40.33
CA THR A 202 -20.63 -20.21 -41.31
C THR A 202 -21.53 -18.99 -41.20
N ILE A 203 -21.99 -18.50 -42.35
CA ILE A 203 -22.86 -17.33 -42.42
C ILE A 203 -23.93 -17.61 -43.46
N ILE A 204 -25.19 -17.47 -43.06
CA ILE A 204 -26.32 -17.53 -43.97
C ILE A 204 -26.84 -16.11 -44.16
N PRO A 205 -26.74 -15.53 -45.35
CA PRO A 205 -27.20 -14.15 -45.55
C PRO A 205 -28.71 -14.05 -45.46
N ASN A 206 -29.17 -12.97 -44.86
CA ASN A 206 -30.60 -12.65 -44.77
C ASN A 206 -30.88 -11.37 -45.54
N ILE A 207 -32.05 -11.32 -46.17
CA ILE A 207 -32.42 -10.25 -47.08
C ILE A 207 -33.42 -9.33 -46.36
N GLY A 208 -33.13 -8.04 -46.38
CA GLY A 208 -34.02 -7.07 -45.75
C GLY A 208 -33.65 -5.68 -46.20
N SER A 209 -34.61 -4.76 -46.00
CA SER A 209 -34.43 -3.37 -46.41
C SER A 209 -33.86 -2.59 -45.24
N ARG A 210 -32.57 -2.34 -45.28
CA ARG A 210 -31.88 -1.54 -44.28
C ARG A 210 -31.96 -0.06 -44.65
N PRO A 211 -31.72 0.84 -43.70
CA PRO A 211 -31.81 2.27 -44.00
C PRO A 211 -30.88 2.69 -45.13
N TRP A 212 -31.36 3.62 -45.95
CA TRP A 212 -30.63 4.16 -47.08
C TRP A 212 -29.33 4.82 -46.65
N VAL A 213 -28.19 4.22 -47.00
CA VAL A 213 -26.88 4.78 -46.69
C VAL A 213 -26.07 4.83 -47.99
N ARG A 214 -25.74 6.04 -48.43
CA ARG A 214 -24.91 6.27 -49.61
C ARG A 214 -25.48 5.60 -50.87
N GLY A 215 -26.80 5.53 -50.97
CA GLY A 215 -27.46 5.02 -52.16
C GLY A 215 -27.79 3.55 -52.15
N GLN A 216 -27.35 2.80 -51.15
CA GLN A 216 -27.58 1.36 -51.10
C GLN A 216 -28.27 0.98 -49.80
N SER A 217 -29.25 0.08 -49.91
N SER A 217 -29.25 0.08 -49.91
CA SER A 217 -29.99 -0.43 -48.76
CA SER A 217 -29.99 -0.43 -48.76
C SER A 217 -29.48 -1.77 -48.27
C SER A 217 -29.48 -1.77 -48.27
N GLY A 218 -28.41 -2.30 -48.87
N GLY A 218 -28.41 -2.30 -48.87
CA GLY A 218 -27.82 -3.55 -48.44
CA GLY A 218 -27.82 -3.55 -48.44
C GLY A 218 -26.72 -3.33 -47.42
C GLY A 218 -26.72 -3.33 -47.42
N ARG A 219 -26.13 -4.45 -46.98
CA ARG A 219 -25.07 -4.39 -45.98
C ARG A 219 -23.99 -5.40 -46.35
N ILE A 220 -22.80 -5.21 -45.78
CA ILE A 220 -21.70 -6.16 -45.90
C ILE A 220 -21.18 -6.44 -44.50
N SER A 221 -21.30 -7.69 -44.06
CA SER A 221 -20.76 -8.09 -42.77
C SER A 221 -19.35 -8.60 -42.95
N ILE A 222 -18.40 -7.95 -42.27
CA ILE A 222 -16.98 -8.24 -42.42
C ILE A 222 -16.57 -9.23 -41.34
N TYR A 223 -15.90 -10.30 -41.76
CA TYR A 223 -15.40 -11.35 -40.88
C TYR A 223 -13.90 -11.53 -41.10
N TRP A 224 -13.25 -12.12 -40.10
CA TRP A 224 -11.81 -12.30 -40.14
C TRP A 224 -11.46 -13.72 -39.68
N THR A 225 -10.39 -14.27 -40.25
CA THR A 225 -9.93 -15.60 -39.91
C THR A 225 -8.41 -15.57 -39.76
N ILE A 226 -7.89 -16.25 -38.74
CA ILE A 226 -6.46 -16.31 -38.49
C ILE A 226 -5.98 -17.72 -38.86
N VAL A 227 -5.02 -17.79 -39.77
CA VAL A 227 -4.45 -19.06 -40.21
C VAL A 227 -3.02 -19.13 -39.72
N LYS A 228 -2.73 -20.13 -38.88
CA LYS A 228 -1.41 -20.37 -38.30
C LYS A 228 -0.58 -21.23 -39.24
N PRO A 229 0.74 -21.23 -39.07
CA PRO A 229 1.58 -22.09 -39.91
C PRO A 229 1.19 -23.55 -39.80
N GLY A 230 1.24 -24.25 -40.93
CA GLY A 230 0.80 -25.62 -41.00
C GLY A 230 -0.69 -25.81 -41.18
N ASP A 231 -1.45 -24.73 -41.27
CA ASP A 231 -2.89 -24.79 -41.45
C ASP A 231 -3.27 -24.40 -42.88
N VAL A 232 -4.51 -24.69 -43.24
CA VAL A 232 -5.05 -24.31 -44.53
C VAL A 232 -6.38 -23.60 -44.32
N LEU A 233 -6.69 -22.69 -45.25
CA LEU A 233 -7.94 -21.96 -45.27
C LEU A 233 -8.77 -22.46 -46.45
N VAL A 234 -10.00 -22.88 -46.18
CA VAL A 234 -10.92 -23.36 -47.21
C VAL A 234 -12.16 -22.49 -47.19
N ILE A 235 -12.49 -21.93 -48.36
CA ILE A 235 -13.67 -21.09 -48.53
C ILE A 235 -14.66 -21.84 -49.41
N ASN A 236 -15.87 -22.04 -48.90
CA ASN A 236 -16.94 -22.69 -49.64
C ASN A 236 -18.13 -21.74 -49.67
N SER A 237 -18.48 -21.27 -50.86
CA SER A 237 -19.54 -20.28 -51.03
C SER A 237 -20.56 -20.79 -52.03
N ASN A 238 -21.82 -20.90 -51.60
CA ASN A 238 -22.92 -21.07 -52.53
C ASN A 238 -23.25 -19.73 -53.17
N GLY A 239 -23.10 -18.64 -52.43
CA GLY A 239 -23.33 -17.30 -52.95
C GLY A 239 -23.08 -16.28 -51.86
N ASN A 240 -23.20 -15.01 -52.26
CA ASN A 240 -23.11 -13.87 -51.34
C ASN A 240 -21.74 -13.83 -50.64
N LEU A 241 -20.68 -13.79 -51.44
CA LEU A 241 -19.32 -13.83 -50.92
C LEU A 241 -18.55 -12.59 -51.34
N ILE A 242 -17.95 -11.93 -50.36
CA ILE A 242 -17.00 -10.85 -50.60
C ILE A 242 -15.62 -11.46 -50.31
N ALA A 243 -14.99 -11.97 -51.37
CA ALA A 243 -13.79 -12.75 -51.23
C ALA A 243 -12.60 -11.90 -50.79
N PRO A 244 -11.60 -12.50 -50.15
CA PRO A 244 -10.37 -11.77 -49.85
C PRO A 244 -9.35 -11.89 -50.97
N ARG A 245 -8.70 -10.76 -51.27
CA ARG A 245 -7.68 -10.74 -52.32
C ARG A 245 -6.34 -11.27 -51.84
N GLY A 246 -6.14 -11.39 -50.53
CA GLY A 246 -4.87 -11.84 -49.99
C GLY A 246 -4.91 -11.94 -48.48
N TYR A 247 -3.78 -11.70 -47.83
CA TYR A 247 -3.72 -11.78 -46.38
C TYR A 247 -2.90 -10.63 -45.81
N PHE A 248 -3.25 -10.24 -44.59
CA PHE A 248 -2.49 -9.24 -43.85
C PHE A 248 -1.50 -9.95 -42.94
N LYS A 249 -0.24 -9.52 -42.99
CA LYS A 249 0.77 -10.10 -42.10
C LYS A 249 0.46 -9.74 -40.66
N MET A 250 0.57 -10.72 -39.78
N MET A 250 0.56 -10.72 -39.77
CA MET A 250 0.29 -10.56 -38.36
CA MET A 250 0.27 -10.54 -38.36
C MET A 250 1.60 -10.45 -37.59
C MET A 250 1.58 -10.45 -37.58
N ARG A 251 1.69 -9.44 -36.74
CA ARG A 251 2.90 -9.19 -35.95
C ARG A 251 2.54 -9.03 -34.48
N THR A 252 3.46 -9.44 -33.63
CA THR A 252 3.33 -9.26 -32.18
C THR A 252 4.29 -8.17 -31.75
N GLY A 253 3.79 -7.19 -31.01
CA GLY A 253 4.63 -6.08 -30.60
C GLY A 253 3.99 -5.14 -29.60
N LYS A 254 4.41 -3.88 -29.66
CA LYS A 254 4.01 -2.85 -28.70
C LYS A 254 3.16 -1.76 -29.35
N SER A 255 2.39 -2.12 -30.38
CA SER A 255 1.54 -1.18 -31.08
C SER A 255 0.17 -1.11 -30.42
N SER A 256 -0.50 0.04 -30.58
CA SER A 256 -1.80 0.26 -29.98
C SER A 256 -2.54 1.31 -30.80
N ILE A 257 -3.70 1.75 -30.29
CA ILE A 257 -4.54 2.74 -30.94
C ILE A 257 -5.00 3.74 -29.90
N MET A 258 -5.41 4.92 -30.38
CA MET A 258 -5.90 5.96 -29.48
C MET A 258 -6.82 6.89 -30.26
N ARG A 259 -7.88 7.36 -29.58
CA ARG A 259 -8.82 8.32 -30.14
C ARG A 259 -8.53 9.68 -29.53
N SER A 260 -8.05 10.60 -30.36
CA SER A 260 -7.71 11.94 -29.88
C SER A 260 -7.80 12.92 -31.03
N ASP A 261 -8.08 14.18 -30.67
CA ASP A 261 -8.12 15.28 -31.64
C ASP A 261 -6.92 16.20 -31.51
N ALA A 262 -5.94 15.84 -30.68
CA ALA A 262 -4.79 16.69 -30.48
C ALA A 262 -3.90 16.73 -31.71
N PRO A 263 -3.28 17.86 -32.00
CA PRO A 263 -2.34 17.94 -33.12
C PRO A 263 -1.05 17.18 -32.82
N ILE A 264 -0.27 16.96 -33.87
CA ILE A 264 1.02 16.29 -33.78
C ILE A 264 2.10 17.29 -34.17
N ASP A 265 3.06 17.49 -33.27
CA ASP A 265 4.11 18.47 -33.47
C ASP A 265 5.47 17.82 -33.24
N THR A 266 6.49 18.36 -33.92
CA THR A 266 7.84 17.81 -33.84
C THR A 266 8.42 18.03 -32.46
N CYS A 267 8.51 16.97 -31.66
CA CYS A 267 9.06 17.03 -30.32
C CYS A 267 9.39 15.61 -29.87
N ILE A 268 9.83 15.48 -28.63
CA ILE A 268 10.17 14.18 -28.04
C ILE A 268 9.42 14.02 -26.73
N SER A 269 8.82 12.85 -26.53
CA SER A 269 8.09 12.53 -25.32
C SER A 269 7.81 11.03 -25.30
N GLU A 270 8.00 10.41 -24.15
CA GLU A 270 7.79 8.96 -24.00
C GLU A 270 6.38 8.62 -23.53
N CYS A 271 5.55 9.61 -23.24
CA CYS A 271 4.19 9.39 -22.75
C CYS A 271 3.21 10.15 -23.63
N ILE A 272 2.15 9.47 -24.07
CA ILE A 272 1.14 10.05 -24.93
C ILE A 272 -0.23 9.82 -24.31
N THR A 273 -1.02 10.89 -24.22
CA THR A 273 -2.39 10.85 -23.73
C THR A 273 -3.29 11.51 -24.77
N PRO A 274 -4.59 11.20 -24.74
CA PRO A 274 -5.51 11.87 -25.70
C PRO A 274 -5.49 13.38 -25.59
N ASN A 275 -5.25 13.91 -24.39
CA ASN A 275 -5.12 15.35 -24.22
C ASN A 275 -3.77 15.88 -24.69
N GLY A 276 -2.83 15.01 -25.02
CA GLY A 276 -1.52 15.40 -25.47
C GLY A 276 -0.44 14.62 -24.75
N SER A 277 0.81 14.96 -25.08
CA SER A 277 1.95 14.33 -24.42
C SER A 277 2.24 15.03 -23.10
N ILE A 278 2.60 14.24 -22.09
CA ILE A 278 2.91 14.77 -20.77
C ILE A 278 4.29 14.29 -20.34
N PRO A 279 5.02 15.06 -19.54
CA PRO A 279 6.31 14.58 -19.03
C PRO A 279 6.13 13.43 -18.07
N ASN A 280 7.13 12.55 -18.02
CA ASN A 280 7.08 11.33 -17.23
C ASN A 280 8.01 11.36 -16.02
N ASP A 281 8.40 12.55 -15.57
CA ASP A 281 9.25 12.63 -14.38
C ASP A 281 8.45 12.35 -13.11
N LYS A 282 7.24 12.88 -13.01
CA LYS A 282 6.41 12.65 -11.84
C LYS A 282 5.85 11.22 -11.85
N PRO A 283 5.64 10.63 -10.67
CA PRO A 283 5.10 9.27 -10.63
C PRO A 283 3.61 9.19 -10.88
N PHE A 284 2.87 10.28 -10.70
CA PHE A 284 1.42 10.28 -10.86
C PHE A 284 1.01 11.40 -11.81
N GLN A 285 -0.14 11.20 -12.46
CA GLN A 285 -0.69 12.21 -13.36
C GLN A 285 -2.21 12.26 -13.19
N ASN A 286 -2.77 13.42 -13.49
CA ASN A 286 -4.21 13.65 -13.41
C ASN A 286 -4.72 14.27 -14.70
N VAL A 287 -4.32 13.69 -15.83
CA VAL A 287 -4.70 14.21 -17.14
C VAL A 287 -5.74 13.31 -17.76
N ASN A 288 -5.38 12.05 -17.99
CA ASN A 288 -6.29 11.09 -18.61
C ASN A 288 -5.89 9.68 -18.18
N LYS A 289 -6.88 8.78 -18.16
CA LYS A 289 -6.63 7.40 -17.81
C LYS A 289 -6.14 6.56 -18.99
N ILE A 290 -6.25 7.08 -20.21
CA ILE A 290 -5.72 6.40 -21.39
C ILE A 290 -4.31 6.92 -21.63
N THR A 291 -3.34 6.02 -21.66
CA THR A 291 -1.93 6.38 -21.80
C THR A 291 -1.23 5.39 -22.71
N TYR A 292 -0.21 5.88 -23.41
CA TYR A 292 0.65 5.05 -24.22
C TYR A 292 2.11 5.39 -23.92
N GLY A 293 2.92 4.35 -23.76
CA GLY A 293 4.32 4.52 -23.43
C GLY A 293 4.57 4.54 -21.94
N ALA A 294 5.80 4.91 -21.58
CA ALA A 294 6.19 5.03 -20.19
C ALA A 294 5.47 6.25 -19.60
N CYS A 295 4.41 6.00 -18.84
CA CYS A 295 3.55 7.06 -18.36
C CYS A 295 3.37 6.98 -16.85
N PRO A 296 3.14 8.11 -16.20
CA PRO A 296 2.83 8.09 -14.76
C PRO A 296 1.46 7.47 -14.52
N LYS A 297 1.30 6.95 -13.31
CA LYS A 297 0.04 6.30 -12.94
C LYS A 297 -1.05 7.34 -12.73
N TYR A 298 -2.24 7.05 -13.25
CA TYR A 298 -3.36 7.97 -13.12
C TYR A 298 -3.92 7.91 -11.70
N VAL A 299 -4.16 9.09 -11.12
CA VAL A 299 -4.69 9.21 -9.78
C VAL A 299 -5.84 10.19 -9.78
N LYS A 300 -6.76 10.02 -8.83
CA LYS A 300 -7.90 10.92 -8.72
C LYS A 300 -7.54 12.27 -8.13
N GLN A 301 -6.40 12.37 -7.44
CA GLN A 301 -6.03 13.59 -6.73
C GLN A 301 -5.47 14.62 -7.68
N SER A 302 -5.91 15.88 -7.51
CA SER A 302 -5.40 16.95 -8.35
C SER A 302 -4.01 17.38 -7.93
N THR A 303 -3.72 17.36 -6.63
CA THR A 303 -2.43 17.78 -6.11
C THR A 303 -1.93 16.77 -5.09
N LEU A 304 -0.60 16.68 -4.97
CA LEU A 304 0.06 15.81 -4.00
C LEU A 304 1.44 16.38 -3.75
N LYS A 305 1.70 16.85 -2.53
CA LYS A 305 2.96 17.50 -2.19
C LYS A 305 3.81 16.58 -1.33
N LEU A 306 5.06 16.40 -1.74
CA LEU A 306 6.04 15.64 -0.98
C LEU A 306 7.01 16.60 -0.32
N ALA A 307 7.20 16.43 0.99
CA ALA A 307 8.02 17.36 1.76
C ALA A 307 9.49 17.13 1.47
N THR A 308 10.14 18.13 0.87
CA THR A 308 11.57 18.09 0.63
C THR A 308 12.38 18.70 1.76
N GLY A 309 11.84 19.71 2.44
CA GLY A 309 12.49 20.29 3.60
C GLY A 309 11.90 19.79 4.90
N MET A 310 11.98 20.63 5.91
CA MET A 310 11.45 20.30 7.25
C MET A 310 10.44 21.33 7.69
N ARG A 311 9.89 21.14 8.89
CA ARG A 311 8.88 22.07 9.44
C ARG A 311 9.39 23.51 9.35
N ASN A 312 8.50 24.43 8.96
CA ASN A 312 8.86 25.84 8.83
C ASN A 312 8.21 26.60 9.96
N VAL A 313 8.99 26.89 11.00
CA VAL A 313 8.51 27.70 12.12
C VAL A 313 9.27 29.02 12.11
N PRO A 314 8.67 30.10 11.62
CA PRO A 314 9.40 31.37 11.51
C PRO A 314 9.18 32.28 12.71
N GLU A 315 9.91 33.38 12.75
CA GLU A 315 9.66 34.41 13.76
C GLU A 315 8.37 35.16 13.42
N LYS A 316 7.55 35.39 14.45
CA LYS A 316 6.29 36.11 14.29
C LYS A 316 6.11 37.18 15.35
N GLN A 317 7.18 37.55 16.06
CA GLN A 317 7.16 38.58 17.10
C GLN A 317 6.15 38.24 18.19
N THR A 318 6.40 37.12 18.85
CA THR A 318 5.59 36.68 19.99
C THR A 318 6.32 36.83 21.32
N ARG A 319 7.55 36.33 21.39
CA ARG A 319 8.36 36.43 22.60
C ARG A 319 9.79 36.74 22.22
N GLY A 320 10.51 37.39 23.14
CA GLY A 320 11.87 37.79 22.87
C GLY A 320 11.97 39.26 22.52
N LEU A 321 12.40 40.07 23.49
CA LEU A 321 12.37 41.52 23.32
C LEU A 321 13.75 42.06 22.96
N PHE A 322 13.76 42.97 21.99
CA PHE A 322 14.95 43.70 21.57
C PHE A 322 16.03 42.76 21.04
N GLY A 323 15.62 41.84 20.18
CA GLY A 323 16.54 40.95 19.49
C GLY A 323 17.15 39.90 20.39
N ALA A 324 16.67 39.81 21.63
CA ALA A 324 17.17 38.82 22.59
C ALA A 324 16.42 37.51 22.36
N LYS A 325 16.73 36.87 21.23
CA LYS A 325 16.13 35.61 20.84
C LYS A 325 17.23 34.61 20.55
N ALA A 326 16.98 33.35 20.90
CA ALA A 326 17.98 32.31 20.71
C ALA A 326 17.34 30.95 20.92
N GLY A 327 17.88 29.94 20.23
CA GLY A 327 17.47 28.57 20.42
C GLY A 327 16.64 27.99 19.28
N PHE A 328 16.71 26.67 19.10
CA PHE A 328 15.90 25.98 18.11
C PHE A 328 14.57 25.48 18.67
N ILE A 329 14.48 25.31 19.98
CA ILE A 329 13.21 24.91 20.59
C ILE A 329 12.14 25.95 20.39
N GLU A 330 12.47 27.24 20.53
CA GLU A 330 11.51 28.32 20.36
C GLU A 330 11.04 28.46 18.93
N ASN A 331 11.95 28.62 17.98
CA ASN A 331 11.58 28.89 16.60
C ASN A 331 12.79 28.64 15.69
N GLY A 332 12.63 28.96 14.40
CA GLY A 332 13.69 28.82 13.44
C GLY A 332 14.37 30.15 13.12
N TRP A 333 15.29 30.09 12.16
CA TRP A 333 16.14 31.23 11.81
C TRP A 333 15.99 31.51 10.31
N GLU A 334 15.42 32.67 9.98
CA GLU A 334 15.37 33.09 8.59
C GLU A 334 16.71 33.64 8.09
N GLY A 335 17.58 34.08 9.00
CA GLY A 335 18.85 34.64 8.62
C GLY A 335 19.90 33.65 8.18
N MET A 336 19.55 32.37 8.14
CA MET A 336 20.47 31.32 7.74
C MET A 336 20.18 30.92 6.30
N ILE A 337 21.16 31.13 5.42
CA ILE A 337 20.99 30.81 4.01
C ILE A 337 22.09 29.90 3.46
N ASP A 338 23.03 29.47 4.30
CA ASP A 338 24.13 28.63 3.85
C ASP A 338 24.08 27.22 4.43
N GLY A 339 23.05 26.88 5.21
CA GLY A 339 22.94 25.54 5.75
C GLY A 339 21.57 25.33 6.36
N TRP A 340 21.29 24.08 6.69
CA TRP A 340 20.04 23.72 7.36
C TRP A 340 20.15 23.82 8.87
N TYR A 341 21.27 23.42 9.44
CA TYR A 341 21.50 23.50 10.88
C TYR A 341 22.80 24.24 11.14
N GLY A 342 22.89 24.85 12.32
CA GLY A 342 24.11 25.55 12.65
C GLY A 342 24.09 26.14 14.04
N PHE A 343 25.06 27.00 14.28
CA PHE A 343 25.36 27.56 15.59
C PHE A 343 25.34 29.08 15.55
N ARG A 344 24.90 29.67 16.66
CA ARG A 344 25.02 31.10 16.92
C ARG A 344 25.68 31.27 18.29
N HIS A 345 26.71 32.11 18.35
CA HIS A 345 27.49 32.30 19.57
C HIS A 345 27.56 33.78 19.93
N GLN A 346 27.55 34.03 21.23
CA GLN A 346 27.75 35.38 21.78
C GLN A 346 28.80 35.25 22.88
N ASN A 347 30.01 35.75 22.60
CA ASN A 347 31.12 35.70 23.52
C ASN A 347 31.64 37.12 23.79
N SER A 348 32.78 37.20 24.47
CA SER A 348 33.38 38.49 24.80
C SER A 348 33.78 39.29 23.56
N GLU A 349 34.02 38.61 22.44
CA GLU A 349 34.41 39.27 21.20
C GLU A 349 33.22 39.58 20.30
N GLY A 350 32.00 39.35 20.76
CA GLY A 350 30.82 39.68 19.99
C GLY A 350 29.93 38.50 19.67
N THR A 351 29.25 38.57 18.52
CA THR A 351 28.33 37.53 18.09
C THR A 351 28.77 36.98 16.74
N GLY A 352 28.36 35.74 16.46
CA GLY A 352 28.70 35.11 15.20
C GLY A 352 27.74 33.98 14.89
N GLN A 353 27.68 33.65 13.61
CA GLN A 353 26.83 32.58 13.10
C GLN A 353 27.62 31.70 12.16
N ALA A 354 27.36 30.39 12.23
CA ALA A 354 28.00 29.43 11.34
C ALA A 354 27.05 28.27 11.11
N ALA A 355 27.33 27.49 10.07
CA ALA A 355 26.48 26.37 9.70
C ALA A 355 27.23 25.06 9.91
N ASP A 356 26.49 24.03 10.35
CA ASP A 356 27.03 22.69 10.53
C ASP A 356 26.71 21.89 9.27
N LEU A 357 27.73 21.68 8.44
CA LEU A 357 27.52 21.12 7.11
C LEU A 357 27.25 19.61 7.13
N LYS A 358 27.78 18.89 8.11
CA LYS A 358 27.66 17.43 8.10
C LYS A 358 26.21 16.99 8.26
N SER A 359 25.50 17.54 9.24
N SER A 359 25.50 17.54 9.24
CA SER A 359 24.11 17.16 9.45
CA SER A 359 24.11 17.16 9.45
C SER A 359 23.23 17.61 8.30
C SER A 359 23.23 17.61 8.30
N THR A 360 23.49 18.80 7.76
CA THR A 360 22.73 19.28 6.60
C THR A 360 22.92 18.36 5.42
N GLN A 361 24.17 17.95 5.16
CA GLN A 361 24.44 17.04 4.05
C GLN A 361 23.78 15.68 4.27
N ALA A 362 23.79 15.18 5.51
CA ALA A 362 23.15 13.91 5.80
C ALA A 362 21.65 13.98 5.56
N ALA A 363 21.01 15.05 6.03
CA ALA A 363 19.57 15.22 5.82
C ALA A 363 19.24 15.35 4.35
N ILE A 364 20.03 16.13 3.61
CA ILE A 364 19.79 16.31 2.18
C ILE A 364 19.96 14.98 1.44
N ASP A 365 20.98 14.20 1.81
CA ASP A 365 21.19 12.90 1.17
C ASP A 365 20.02 11.97 1.45
N GLN A 366 19.54 11.92 2.69
CA GLN A 366 18.40 11.06 3.01
C GLN A 366 17.17 11.48 2.24
N ILE A 367 16.91 12.78 2.15
CA ILE A 367 15.73 13.27 1.45
C ILE A 367 15.82 12.98 -0.04
N ASN A 368 17.01 13.19 -0.64
CA ASN A 368 17.17 12.88 -2.05
C ASN A 368 17.03 11.39 -2.32
N GLY A 369 17.56 10.54 -1.42
CA GLY A 369 17.40 9.11 -1.58
C GLY A 369 15.95 8.68 -1.52
N LYS A 370 15.18 9.25 -0.58
CA LYS A 370 13.75 8.95 -0.52
C LYS A 370 12.99 9.54 -1.69
N LEU A 371 13.51 10.59 -2.32
CA LEU A 371 12.88 11.14 -3.51
C LEU A 371 13.12 10.27 -4.73
N ASN A 372 14.33 9.70 -4.85
CA ASN A 372 14.65 8.88 -6.02
C ASN A 372 13.79 7.61 -6.06
N ARG A 373 13.47 7.05 -4.89
CA ARG A 373 12.61 5.87 -4.85
C ARG A 373 11.21 6.19 -5.40
N VAL A 374 10.68 7.35 -5.04
CA VAL A 374 9.33 7.72 -5.48
C VAL A 374 9.28 7.84 -7.00
N ILE A 375 10.28 8.49 -7.58
CA ILE A 375 10.34 8.63 -9.03
C ILE A 375 10.90 7.36 -9.66
N ASN A 379 6.79 2.23 -15.11
CA ASN A 379 5.90 1.32 -15.81
C ASN A 379 5.83 1.65 -17.30
N GLU A 380 5.67 0.62 -18.13
CA GLU A 380 5.61 0.77 -19.59
C GLU A 380 4.43 -0.05 -20.10
N LYS A 381 3.31 0.62 -20.30
CA LYS A 381 2.09 0.00 -20.80
C LYS A 381 1.81 0.49 -22.22
N PHE A 382 1.57 -0.46 -23.13
CA PHE A 382 1.42 -0.15 -24.55
C PHE A 382 0.00 -0.34 -25.04
N HIS A 383 -0.55 -1.54 -24.92
CA HIS A 383 -1.91 -1.84 -25.37
C HIS A 383 -2.73 -2.32 -24.17
N GLN A 384 -3.81 -1.60 -23.89
CA GLN A 384 -4.68 -1.90 -22.76
C GLN A 384 -6.12 -2.02 -23.25
N ILE A 385 -7.04 -2.12 -22.29
CA ILE A 385 -8.46 -2.21 -22.64
C ILE A 385 -9.00 -0.82 -22.96
N GLU A 386 -10.16 -0.79 -23.61
CA GLU A 386 -10.83 0.46 -23.90
C GLU A 386 -11.34 1.09 -22.61
N LYS A 387 -11.20 2.42 -22.50
CA LYS A 387 -11.57 3.14 -21.29
C LYS A 387 -12.80 4.00 -21.45
N GLU A 388 -13.04 4.55 -22.64
CA GLU A 388 -14.24 5.31 -22.93
C GLU A 388 -15.03 4.63 -24.04
N PHE A 389 -16.35 4.66 -23.91
CA PHE A 389 -17.24 4.01 -24.86
C PHE A 389 -18.31 4.99 -25.32
N SER A 390 -18.62 4.96 -26.61
CA SER A 390 -19.63 5.83 -27.18
C SER A 390 -20.97 5.13 -27.40
N GLU A 391 -21.01 3.80 -27.35
CA GLU A 391 -22.25 3.05 -27.39
C GLU A 391 -22.55 2.48 -26.01
N VAL A 392 -23.73 1.85 -25.90
CA VAL A 392 -24.14 1.16 -24.68
C VAL A 392 -24.31 -0.32 -25.04
N GLU A 393 -23.49 -1.17 -24.43
CA GLU A 393 -23.45 -2.58 -24.78
C GLU A 393 -23.95 -3.48 -23.66
N GLY A 394 -23.36 -3.39 -22.47
CA GLY A 394 -23.77 -4.25 -21.37
C GLY A 394 -22.63 -4.88 -20.61
N ARG A 395 -22.86 -6.09 -20.10
CA ARG A 395 -21.90 -6.79 -19.22
C ARG A 395 -20.44 -6.37 -19.41
N ILE A 396 -19.87 -6.62 -20.59
CA ILE A 396 -18.42 -6.42 -20.72
C ILE A 396 -18.06 -4.94 -20.52
N GLN A 397 -18.94 -4.02 -20.90
CA GLN A 397 -18.66 -2.61 -20.70
C GLN A 397 -18.62 -2.26 -19.21
N ASP A 398 -19.60 -2.73 -18.45
CA ASP A 398 -19.57 -2.54 -17.01
C ASP A 398 -18.39 -3.25 -16.37
N LEU A 399 -18.00 -4.42 -16.89
CA LEU A 399 -16.83 -5.10 -16.34
C LEU A 399 -15.56 -4.27 -16.54
N GLU A 400 -15.37 -3.72 -17.74
CA GLU A 400 -14.20 -2.89 -17.99
C GLU A 400 -14.22 -1.62 -17.14
N LYS A 401 -15.39 -0.98 -17.03
CA LYS A 401 -15.49 0.21 -16.21
C LYS A 401 -15.20 -0.09 -14.74
N TYR A 402 -15.71 -1.22 -14.25
CA TYR A 402 -15.45 -1.63 -12.87
C TYR A 402 -13.96 -1.87 -12.65
N VAL A 403 -13.30 -2.55 -13.59
CA VAL A 403 -11.88 -2.83 -13.45
C VAL A 403 -11.09 -1.53 -13.39
N GLU A 404 -11.40 -0.60 -14.30
CA GLU A 404 -10.67 0.67 -14.31
C GLU A 404 -10.92 1.48 -13.05
N ASP A 405 -12.17 1.49 -12.57
CA ASP A 405 -12.48 2.22 -11.34
C ASP A 405 -11.73 1.64 -10.15
N THR A 406 -11.70 0.31 -10.03
CA THR A 406 -10.98 -0.30 -8.92
C THR A 406 -9.49 0.01 -8.99
N LYS A 407 -8.91 -0.06 -10.19
CA LYS A 407 -7.49 0.26 -10.33
C LYS A 407 -7.21 1.70 -9.93
N ILE A 408 -8.06 2.63 -10.38
CA ILE A 408 -7.86 4.05 -10.05
C ILE A 408 -7.95 4.26 -8.55
N ASP A 409 -8.96 3.67 -7.91
CA ASP A 409 -9.14 3.84 -6.46
C ASP A 409 -7.96 3.28 -5.70
N LEU A 410 -7.50 2.09 -6.06
CA LEU A 410 -6.37 1.47 -5.36
C LEU A 410 -5.10 2.31 -5.53
N TRP A 411 -4.84 2.81 -6.73
CA TRP A 411 -3.64 3.60 -6.93
C TRP A 411 -3.72 4.95 -6.23
N SER A 412 -4.91 5.55 -6.17
CA SER A 412 -5.06 6.80 -5.42
C SER A 412 -4.81 6.58 -3.93
N TYR A 413 -5.34 5.50 -3.37
CA TYR A 413 -5.07 5.20 -1.97
C TYR A 413 -3.58 4.96 -1.74
N ASN A 414 -2.92 4.26 -2.66
CA ASN A 414 -1.49 4.04 -2.54
C ASN A 414 -0.72 5.35 -2.55
N ALA A 415 -1.11 6.27 -3.44
CA ALA A 415 -0.44 7.57 -3.50
C ALA A 415 -0.63 8.36 -2.22
N GLU A 416 -1.85 8.37 -1.68
CA GLU A 416 -2.10 9.09 -0.42
C GLU A 416 -1.25 8.52 0.70
N LEU A 417 -1.25 7.18 0.84
CA LEU A 417 -0.48 6.56 1.91
C LEU A 417 1.01 6.84 1.76
N LEU A 418 1.53 6.75 0.53
CA LEU A 418 2.95 7.00 0.29
C LEU A 418 3.31 8.43 0.66
N VAL A 419 2.52 9.40 0.21
CA VAL A 419 2.83 10.80 0.49
C VAL A 419 2.81 11.06 2.00
N ALA A 420 1.78 10.57 2.69
CA ALA A 420 1.68 10.80 4.12
C ALA A 420 2.87 10.18 4.86
N LEU A 421 3.19 8.93 4.53
CA LEU A 421 4.29 8.24 5.22
C LEU A 421 5.62 8.94 4.99
N GLU A 422 5.90 9.32 3.73
CA GLU A 422 7.16 9.96 3.43
C GLU A 422 7.28 11.31 4.11
N ASN A 423 6.20 12.09 4.11
CA ASN A 423 6.25 13.40 4.78
C ASN A 423 6.48 13.25 6.27
N GLN A 424 5.76 12.32 6.91
CA GLN A 424 5.96 12.10 8.35
C GLN A 424 7.39 11.67 8.65
N HIS A 425 7.93 10.74 7.85
CA HIS A 425 9.29 10.28 8.08
C HIS A 425 10.31 11.39 7.86
N THR A 426 10.08 12.25 6.86
CA THR A 426 10.99 13.38 6.63
C THR A 426 11.01 14.31 7.82
N ILE A 427 9.83 14.65 8.35
CA ILE A 427 9.78 15.55 9.49
C ILE A 427 10.47 14.93 10.71
N ASP A 428 10.17 13.65 10.98
CA ASP A 428 10.76 12.99 12.14
C ASP A 428 12.25 12.72 11.98
N LEU A 429 12.78 12.67 10.75
CA LEU A 429 14.22 12.53 10.57
C LEU A 429 14.95 13.86 10.66
N THR A 430 14.35 14.95 10.18
CA THR A 430 14.96 16.26 10.39
C THR A 430 15.01 16.64 11.86
N ASP A 431 13.92 16.41 12.59
CA ASP A 431 13.94 16.65 14.03
C ASP A 431 14.98 15.79 14.72
N SER A 432 15.10 14.53 14.30
CA SER A 432 16.11 13.64 14.87
C SER A 432 17.52 14.15 14.59
N GLU A 433 17.75 14.67 13.40
CA GLU A 433 19.07 15.23 13.08
C GLU A 433 19.40 16.42 13.97
N MET A 434 18.43 17.32 14.18
CA MET A 434 18.66 18.45 15.07
C MET A 434 18.97 17.97 16.49
N ASN A 435 18.20 17.01 16.98
CA ASN A 435 18.43 16.48 18.32
C ASN A 435 19.79 15.81 18.43
N LYS A 436 20.21 15.10 17.38
CA LYS A 436 21.51 14.46 17.37
C LYS A 436 22.64 15.47 17.43
N LEU A 437 22.51 16.57 16.69
CA LEU A 437 23.52 17.62 16.77
C LEU A 437 23.58 18.23 18.17
N PHE A 438 22.42 18.46 18.77
CA PHE A 438 22.38 18.98 20.14
C PHE A 438 23.05 18.02 21.11
N GLU A 439 22.77 16.71 20.97
CA GLU A 439 23.38 15.71 21.84
C GLU A 439 24.89 15.67 21.68
N LYS A 440 25.36 15.75 20.43
CA LYS A 440 26.80 15.75 20.19
C LYS A 440 27.46 16.96 20.84
N THR A 441 26.84 18.13 20.71
CA THR A 441 27.39 19.32 21.36
C THR A 441 27.43 19.16 22.88
N ARG A 442 26.36 18.62 23.46
CA ARG A 442 26.32 18.41 24.91
C ARG A 442 27.43 17.46 25.36
N ARG A 443 27.64 16.38 24.61
CA ARG A 443 28.71 15.45 24.94
C ARG A 443 30.08 16.10 24.80
N GLN A 444 30.25 16.99 23.81
CA GLN A 444 31.50 17.70 23.67
C GLN A 444 31.74 18.65 24.85
N LEU A 445 30.67 19.19 25.43
CA LEU A 445 30.79 20.24 26.43
C LEU A 445 30.75 19.70 27.85
N ARG A 446 31.40 18.56 28.10
CA ARG A 446 31.38 17.89 29.39
C ARG A 446 31.64 18.83 30.56
N GLU A 447 30.61 19.05 31.40
CA GLU A 447 30.74 19.72 32.68
C GLU A 447 31.28 21.14 32.57
N ASN A 448 31.50 21.62 31.35
CA ASN A 448 31.97 22.98 31.13
C ASN A 448 30.85 23.90 30.65
N ALA A 449 29.70 23.33 30.37
CA ALA A 449 28.54 24.11 29.91
C ALA A 449 27.28 23.50 30.50
N GLU A 450 26.19 24.26 30.55
CA GLU A 450 24.88 23.70 30.99
C GLU A 450 23.78 24.14 30.02
N ASP A 451 22.70 23.37 29.92
CA ASP A 451 21.63 23.67 28.93
C ASP A 451 20.58 24.59 29.53
N MET A 452 20.29 25.70 28.84
CA MET A 452 19.34 26.69 29.35
C MET A 452 17.91 26.33 28.93
N GLY A 453 17.68 25.12 28.43
CA GLY A 453 16.32 24.66 28.08
C GLY A 453 15.78 25.19 26.78
N ASN A 454 16.09 26.41 26.42
CA ASN A 454 15.62 27.05 25.20
C ASN A 454 16.37 26.56 23.97
N GLY A 455 17.29 25.61 24.14
CA GLY A 455 18.14 25.15 23.07
C GLY A 455 19.56 25.69 23.15
N CYS A 456 19.95 26.37 24.22
CA CYS A 456 21.25 27.02 24.29
C CYS A 456 22.10 26.45 25.41
N PHE A 457 23.43 26.54 25.20
CA PHE A 457 24.43 26.13 26.17
C PHE A 457 25.12 27.37 26.69
N LYS A 458 25.04 27.59 28.00
CA LYS A 458 25.85 28.58 28.67
C LYS A 458 27.17 27.93 29.05
N ILE A 459 28.27 28.49 28.56
CA ILE A 459 29.61 27.99 28.83
C ILE A 459 30.20 28.79 29.98
N TYR A 460 30.62 28.09 31.03
CA TYR A 460 31.07 28.74 32.27
C TYR A 460 32.56 29.06 32.26
N HIS A 461 33.18 29.11 31.08
CA HIS A 461 34.54 29.56 30.96
C HIS A 461 34.65 30.44 29.73
N LYS A 462 35.54 31.43 29.80
CA LYS A 462 35.75 32.34 28.68
C LYS A 462 36.70 31.70 27.68
N CYS A 463 36.38 31.84 26.40
CA CYS A 463 37.28 31.43 25.33
C CYS A 463 36.87 32.15 24.04
N ASP A 464 37.86 32.38 23.18
CA ASP A 464 37.67 33.22 22.01
C ASP A 464 36.95 32.51 20.88
N ASN A 465 36.97 33.11 19.68
CA ASN A 465 36.33 32.50 18.53
C ASN A 465 36.99 31.18 18.14
N ALA A 466 38.27 31.01 18.47
CA ALA A 466 38.92 29.73 18.23
C ALA A 466 38.28 28.62 19.06
N CYS A 467 37.88 28.94 20.29
CA CYS A 467 37.15 27.99 21.12
C CYS A 467 35.81 27.60 20.49
N ILE A 468 35.08 28.58 19.95
CA ILE A 468 33.80 28.28 19.33
C ILE A 468 34.00 27.41 18.09
N GLU A 469 35.02 27.74 17.30
CA GLU A 469 35.34 26.92 16.12
C GLU A 469 35.74 25.50 16.52
N SER A 470 36.48 25.37 17.63
CA SER A 470 36.86 24.04 18.11
C SER A 470 35.63 23.24 18.52
N ILE A 471 34.67 23.89 19.19
CA ILE A 471 33.43 23.20 19.52
C ILE A 471 32.70 22.79 18.26
N ARG A 472 32.67 23.67 17.26
CA ARG A 472 31.96 23.39 16.02
C ARG A 472 32.57 22.21 15.26
N ASN A 473 33.90 22.15 15.20
CA ASN A 473 34.60 21.14 14.41
C ASN A 473 34.84 19.84 15.15
N GLY A 474 34.49 19.78 16.44
CA GLY A 474 34.67 18.57 17.21
C GLY A 474 35.98 18.46 17.94
N THR A 475 36.92 19.38 17.71
CA THR A 475 38.24 19.34 18.35
C THR A 475 38.27 20.27 19.56
N TYR A 476 37.45 19.93 20.55
CA TYR A 476 37.31 20.73 21.77
C TYR A 476 37.78 19.90 22.95
N ASP A 477 38.91 20.29 23.54
CA ASP A 477 39.46 19.60 24.71
C ASP A 477 38.86 20.22 25.97
N HIS A 478 38.07 19.43 26.70
CA HIS A 478 37.42 19.92 27.90
C HIS A 478 38.33 19.88 29.12
N ASP A 479 39.50 19.26 29.03
CA ASP A 479 40.38 19.13 30.19
C ASP A 479 41.18 20.40 30.47
N ILE A 480 41.29 21.31 29.50
CA ILE A 480 42.06 22.54 29.69
C ILE A 480 41.12 23.64 30.16
N TYR A 481 39.87 23.28 30.44
CA TYR A 481 38.88 24.23 30.91
C TYR A 481 38.10 23.76 32.13
N ARG A 482 38.38 22.57 32.65
CA ARG A 482 37.56 22.00 33.73
C ARG A 482 37.61 22.85 34.99
N ASP A 483 38.80 23.31 35.36
CA ASP A 483 38.95 24.05 36.62
C ASP A 483 38.16 25.35 36.59
N GLU A 484 38.34 26.15 35.53
CA GLU A 484 37.64 27.42 35.43
C GLU A 484 36.13 27.22 35.35
N ALA A 485 35.69 26.24 34.55
CA ALA A 485 34.26 25.99 34.41
C ALA A 485 33.65 25.55 35.72
N LEU A 486 34.31 24.64 36.44
CA LEU A 486 33.77 24.17 37.71
C LEU A 486 33.76 25.29 38.75
N ASN A 487 34.80 26.13 38.77
CA ASN A 487 34.82 27.24 39.71
C ASN A 487 33.69 28.22 39.43
N ASN A 488 33.45 28.54 38.15
CA ASN A 488 32.40 29.49 37.81
C ASN A 488 31.01 28.87 37.93
N ARG A 489 30.91 27.54 37.88
CA ARG A 489 29.62 26.85 37.84
C ARG A 489 29.12 26.46 39.22
N PHE A 490 30.01 25.95 40.07
CA PHE A 490 29.62 25.29 41.30
C PHE A 490 29.96 26.09 42.55
N GLN A 491 30.68 27.20 42.41
CA GLN A 491 31.15 27.97 43.55
C GLN A 491 30.80 29.45 43.37
N ILE A 492 29.56 29.70 42.98
CA ILE A 492 29.04 31.06 42.76
C ILE A 492 29.90 31.81 41.75
N ALA B 1 37.89 3.26 36.33
CA ALA B 1 37.18 2.22 35.58
C ALA B 1 36.31 2.83 34.48
N THR B 2 36.22 2.13 33.35
CA THR B 2 35.42 2.57 32.22
C THR B 2 34.53 1.42 31.78
N LEU B 3 33.28 1.75 31.46
CA LEU B 3 32.29 0.76 31.01
C LEU B 3 31.75 1.21 29.66
N CYS B 4 32.03 0.43 28.62
CA CYS B 4 31.64 0.74 27.25
C CYS B 4 30.48 -0.14 26.82
N LEU B 5 29.46 0.47 26.24
CA LEU B 5 28.29 -0.25 25.75
C LEU B 5 28.35 -0.36 24.24
N GLY B 6 28.15 -1.58 23.73
CA GLY B 6 28.28 -1.80 22.30
C GLY B 6 27.36 -2.87 21.79
N HIS B 7 27.32 -3.01 20.47
CA HIS B 7 26.52 -4.02 19.80
C HIS B 7 27.43 -4.88 18.94
N HIS B 8 26.90 -6.02 18.51
CA HIS B 8 27.66 -6.96 17.73
C HIS B 8 27.77 -6.52 16.27
N ALA B 9 28.65 -7.19 15.54
CA ALA B 9 28.81 -6.97 14.12
C ALA B 9 29.35 -8.25 13.49
N VAL B 10 28.89 -8.55 12.29
CA VAL B 10 29.29 -9.78 11.61
C VAL B 10 30.35 -9.45 10.57
N PRO B 11 31.29 -10.36 10.27
CA PRO B 11 32.31 -10.07 9.26
C PRO B 11 31.70 -9.74 7.91
N ASN B 12 30.86 -10.62 7.39
CA ASN B 12 30.08 -10.36 6.18
C ASN B 12 28.61 -10.22 6.53
N GLY B 13 27.90 -9.36 5.78
CA GLY B 13 26.52 -9.07 6.06
C GLY B 13 25.73 -8.86 4.79
N THR B 14 24.41 -8.80 4.96
CA THR B 14 23.50 -8.62 3.83
C THR B 14 23.26 -7.14 3.57
N ILE B 15 22.70 -6.84 2.41
CA ILE B 15 22.36 -5.49 2.01
C ILE B 15 20.86 -5.43 1.76
N VAL B 16 20.18 -4.51 2.44
CA VAL B 16 18.74 -4.34 2.32
C VAL B 16 18.43 -2.95 1.80
N LYS B 17 17.14 -2.69 1.52
CA LYS B 17 16.70 -1.47 0.87
C LYS B 17 15.59 -0.86 1.70
N THR B 18 15.83 0.35 2.21
CA THR B 18 14.92 1.03 3.11
C THR B 18 14.29 2.24 2.43
N ILE B 19 13.54 3.03 3.21
CA ILE B 19 12.83 4.18 2.66
C ILE B 19 13.80 5.20 2.08
N THR B 20 14.86 5.52 2.82
CA THR B 20 15.81 6.54 2.39
C THR B 20 16.98 5.95 1.63
N ASP B 21 17.73 5.04 2.27
CA ASP B 21 18.92 4.47 1.66
C ASP B 21 18.57 3.17 0.95
N ASP B 22 18.98 3.07 -0.31
CA ASP B 22 18.73 1.87 -1.11
C ASP B 22 19.74 0.76 -0.84
N GLN B 23 20.78 1.02 -0.05
CA GLN B 23 21.80 0.03 0.24
C GLN B 23 22.22 0.22 1.70
N ILE B 24 21.62 -0.56 2.60
CA ILE B 24 21.96 -0.54 4.02
C ILE B 24 22.49 -1.91 4.41
N GLU B 25 23.69 -1.94 4.97
CA GLU B 25 24.30 -3.21 5.36
C GLU B 25 23.78 -3.62 6.73
N VAL B 26 23.17 -4.79 6.82
CA VAL B 26 22.63 -5.33 8.06
C VAL B 26 23.26 -6.70 8.32
N THR B 27 23.15 -7.12 9.58
CA THR B 27 23.83 -8.33 10.02
C THR B 27 23.23 -9.58 9.39
N ASN B 28 21.91 -9.70 9.43
CA ASN B 28 21.23 -10.87 8.90
C ASN B 28 19.98 -10.44 8.14
N ALA B 29 19.59 -11.25 7.17
CA ALA B 29 18.40 -10.97 6.37
C ALA B 29 17.82 -12.27 5.84
N THR B 30 16.56 -12.21 5.44
CA THR B 30 15.84 -13.36 4.91
C THR B 30 15.26 -13.02 3.54
N GLU B 31 15.11 -14.05 2.71
CA GLU B 31 14.56 -13.90 1.38
C GLU B 31 13.05 -14.05 1.45
N LEU B 32 12.33 -13.03 0.95
CA LEU B 32 10.87 -13.02 0.99
C LEU B 32 10.24 -13.49 -0.32
N VAL B 33 11.04 -13.79 -1.34
CA VAL B 33 10.53 -14.14 -2.66
C VAL B 33 11.08 -15.51 -3.04
N GLN B 34 10.19 -16.39 -3.46
CA GLN B 34 10.56 -17.72 -3.92
C GLN B 34 10.75 -17.69 -5.44
N SER B 35 11.95 -18.06 -5.90
CA SER B 35 12.27 -18.01 -7.32
C SER B 35 12.82 -19.33 -7.84
N SER B 36 12.61 -20.42 -7.10
CA SER B 36 13.12 -21.73 -7.49
C SER B 36 12.04 -22.77 -7.35
N SER B 37 12.02 -23.72 -8.29
CA SER B 37 11.07 -24.82 -8.28
C SER B 37 11.80 -26.13 -8.53
N THR B 38 11.30 -27.20 -7.93
CA THR B 38 11.92 -28.51 -8.12
C THR B 38 11.71 -29.04 -9.53
N GLY B 39 10.68 -28.57 -10.23
CA GLY B 39 10.36 -29.06 -11.55
C GLY B 39 9.44 -30.24 -11.60
N LYS B 40 8.83 -30.61 -10.48
CA LYS B 40 7.93 -31.76 -10.41
C LYS B 40 6.68 -31.38 -9.63
N ILE B 41 5.61 -32.11 -9.89
CA ILE B 41 4.31 -31.86 -9.28
C ILE B 41 4.04 -32.96 -8.26
N CYS B 42 3.88 -32.56 -7.00
CA CYS B 42 3.55 -33.52 -5.95
C CYS B 42 2.11 -33.97 -6.07
N ASN B 43 1.85 -35.22 -5.65
CA ASN B 43 0.51 -35.78 -5.68
C ASN B 43 -0.16 -35.73 -4.31
N ASN B 44 0.40 -35.01 -3.35
CA ASN B 44 -0.20 -34.82 -2.05
C ASN B 44 -0.17 -33.35 -1.68
N PRO B 45 -1.21 -32.86 -0.98
CA PRO B 45 -2.40 -33.56 -0.55
C PRO B 45 -3.53 -33.49 -1.58
N HIS B 46 -3.24 -32.97 -2.77
CA HIS B 46 -4.26 -32.79 -3.80
C HIS B 46 -4.28 -33.98 -4.75
N ARG B 47 -5.44 -34.20 -5.35
CA ARG B 47 -5.64 -35.27 -6.33
C ARG B 47 -5.23 -34.74 -7.70
N ILE B 48 -4.10 -35.19 -8.20
CA ILE B 48 -3.56 -34.76 -9.48
C ILE B 48 -3.86 -35.82 -10.52
N LEU B 49 -4.45 -35.40 -11.64
CA LEU B 49 -4.80 -36.30 -12.73
C LEU B 49 -3.96 -35.94 -13.94
N ASP B 50 -3.05 -36.83 -14.32
CA ASP B 50 -2.22 -36.62 -15.51
C ASP B 50 -3.03 -36.98 -16.75
N GLY B 51 -3.35 -35.99 -17.57
CA GLY B 51 -4.14 -36.22 -18.76
C GLY B 51 -3.39 -36.89 -19.89
N ARG B 52 -2.06 -36.97 -19.80
CA ARG B 52 -1.23 -37.59 -20.81
C ARG B 52 -1.48 -36.99 -22.19
N ASP B 53 -2.17 -37.73 -23.06
CA ASP B 53 -2.39 -37.32 -24.45
C ASP B 53 -3.86 -37.04 -24.73
N CYS B 54 -4.61 -36.60 -23.71
CA CYS B 54 -6.02 -36.30 -23.87
C CYS B 54 -6.35 -34.96 -23.23
N THR B 55 -7.13 -34.15 -23.94
CA THR B 55 -7.69 -32.93 -23.38
C THR B 55 -8.87 -33.28 -22.47
N LEU B 56 -9.26 -32.32 -21.63
CA LEU B 56 -10.42 -32.52 -20.78
C LEU B 56 -11.68 -32.70 -21.60
N ILE B 57 -11.82 -31.92 -22.69
CA ILE B 57 -12.98 -32.07 -23.56
C ILE B 57 -12.93 -33.41 -24.28
N ASP B 58 -11.74 -33.84 -24.69
CA ASP B 58 -11.61 -35.12 -25.38
C ASP B 58 -12.01 -36.29 -24.47
N ALA B 59 -11.63 -36.22 -23.19
CA ALA B 59 -12.07 -37.24 -22.24
C ALA B 59 -13.56 -37.09 -21.93
N LEU B 60 -14.09 -35.88 -21.96
CA LEU B 60 -15.51 -35.67 -21.77
C LEU B 60 -16.33 -36.35 -22.86
N LEU B 61 -15.91 -36.20 -24.11
CA LEU B 61 -16.68 -36.73 -25.22
C LEU B 61 -16.55 -38.25 -25.34
N GLY B 62 -15.43 -38.82 -24.93
CA GLY B 62 -15.24 -40.25 -25.07
C GLY B 62 -14.31 -40.64 -26.19
N ASP B 63 -13.18 -39.95 -26.30
CA ASP B 63 -12.18 -40.29 -27.30
C ASP B 63 -11.74 -41.75 -27.10
N PRO B 64 -11.76 -42.58 -28.14
CA PRO B 64 -11.38 -43.99 -27.95
C PRO B 64 -9.89 -44.20 -27.74
N HIS B 65 -9.05 -43.22 -28.06
CA HIS B 65 -7.62 -43.31 -27.80
C HIS B 65 -7.30 -43.31 -26.31
N CYS B 66 -8.24 -42.88 -25.48
CA CYS B 66 -8.09 -43.02 -24.03
C CYS B 66 -9.45 -43.06 -23.32
N ASP B 67 -9.90 -44.27 -23.00
CA ASP B 67 -11.08 -44.48 -22.17
C ASP B 67 -10.74 -44.69 -20.71
N VAL B 68 -9.46 -44.59 -20.35
CA VAL B 68 -9.04 -44.76 -18.96
C VAL B 68 -9.59 -43.64 -18.10
N PHE B 69 -9.73 -42.44 -18.65
CA PHE B 69 -10.22 -41.28 -17.91
C PHE B 69 -11.74 -41.30 -17.73
N GLN B 70 -12.39 -42.43 -17.98
CA GLN B 70 -13.83 -42.55 -17.79
C GLN B 70 -14.15 -42.68 -16.31
N ASP B 71 -15.11 -41.88 -15.85
CA ASP B 71 -15.61 -41.93 -14.47
C ASP B 71 -14.48 -41.70 -13.47
N GLU B 72 -13.85 -40.53 -13.59
CA GLU B 72 -12.70 -40.18 -12.77
C GLU B 72 -12.90 -38.84 -12.08
N THR B 73 -12.31 -38.72 -10.89
CA THR B 73 -12.33 -37.51 -10.09
C THR B 73 -10.93 -36.93 -10.01
N TRP B 74 -10.86 -35.60 -9.85
CA TRP B 74 -9.56 -34.94 -9.76
C TRP B 74 -9.72 -33.64 -8.98
N ASP B 75 -8.60 -33.18 -8.44
CA ASP B 75 -8.51 -31.83 -7.88
C ASP B 75 -7.79 -30.87 -8.81
N LEU B 76 -6.89 -31.37 -9.64
CA LEU B 76 -6.19 -30.56 -10.62
C LEU B 76 -5.89 -31.43 -11.84
N TYR B 77 -6.57 -31.17 -12.95
CA TYR B 77 -6.33 -31.88 -14.19
C TYR B 77 -5.13 -31.26 -14.89
N VAL B 78 -4.10 -32.05 -15.17
CA VAL B 78 -2.87 -31.57 -15.77
C VAL B 78 -2.91 -31.88 -17.26
N GLU B 79 -2.89 -30.83 -18.08
CA GLU B 79 -2.88 -30.96 -19.53
C GLU B 79 -1.45 -30.89 -20.04
N ARG B 80 -1.11 -31.79 -20.95
CA ARG B 80 0.21 -31.84 -21.54
C ARG B 80 0.17 -31.33 -22.98
N SER B 81 1.27 -30.69 -23.40
CA SER B 81 1.34 -30.13 -24.74
C SER B 81 1.38 -31.19 -25.83
N SER B 82 1.58 -32.45 -25.48
CA SER B 82 1.59 -33.55 -26.44
C SER B 82 0.20 -34.14 -26.66
N ALA B 83 -0.83 -33.59 -26.04
CA ALA B 83 -2.19 -34.10 -26.21
C ALA B 83 -2.67 -33.86 -27.63
N PHE B 84 -3.55 -34.74 -28.10
CA PHE B 84 -4.06 -34.68 -29.46
C PHE B 84 -5.42 -35.35 -29.52
N SER B 85 -6.14 -35.08 -30.60
CA SER B 85 -7.44 -35.68 -30.87
C SER B 85 -7.31 -36.71 -31.98
N ASN B 86 -7.92 -37.87 -31.78
CA ASN B 86 -7.79 -39.00 -32.70
C ASN B 86 -9.17 -39.59 -32.99
N CYS B 87 -10.12 -38.72 -33.32
CA CYS B 87 -11.48 -39.16 -33.62
C CYS B 87 -12.06 -38.24 -34.69
N TYR B 88 -13.38 -38.27 -34.84
CA TYR B 88 -14.04 -37.43 -35.82
C TYR B 88 -13.74 -35.96 -35.54
N PRO B 89 -13.37 -35.18 -36.56
CA PRO B 89 -13.08 -33.76 -36.31
C PRO B 89 -14.29 -33.04 -35.74
N TYR B 90 -14.03 -32.17 -34.77
CA TYR B 90 -15.11 -31.50 -34.05
C TYR B 90 -14.63 -30.14 -33.60
N ASP B 91 -15.59 -29.27 -33.30
CA ASP B 91 -15.32 -27.98 -32.70
C ASP B 91 -16.34 -27.72 -31.60
N VAL B 92 -15.95 -26.89 -30.64
CA VAL B 92 -16.81 -26.51 -29.53
C VAL B 92 -16.93 -24.99 -29.53
N PRO B 93 -18.04 -24.43 -30.01
CA PRO B 93 -18.29 -23.01 -29.79
C PRO B 93 -18.34 -22.72 -28.30
N ASP B 94 -17.74 -21.59 -27.91
CA ASP B 94 -17.58 -21.24 -26.51
C ASP B 94 -16.83 -22.35 -25.76
N TYR B 95 -15.70 -22.75 -26.33
CA TYR B 95 -14.94 -23.90 -25.85
C TYR B 95 -14.38 -23.65 -24.44
N ALA B 96 -13.86 -22.46 -24.19
CA ALA B 96 -13.21 -22.18 -22.92
C ALA B 96 -14.19 -22.29 -21.76
N SER B 97 -15.43 -21.86 -21.98
CA SER B 97 -16.44 -21.96 -20.92
C SER B 97 -16.73 -23.41 -20.57
N LEU B 98 -16.88 -24.27 -21.58
CA LEU B 98 -17.12 -25.68 -21.31
C LEU B 98 -15.93 -26.31 -20.60
N ARG B 99 -14.71 -25.96 -21.02
CA ARG B 99 -13.52 -26.46 -20.35
C ARG B 99 -13.50 -26.05 -18.89
N SER B 100 -13.84 -24.78 -18.60
CA SER B 100 -13.87 -24.30 -17.23
C SER B 100 -14.96 -25.00 -16.42
N LEU B 101 -16.12 -25.22 -17.02
CA LEU B 101 -17.19 -25.94 -16.33
C LEU B 101 -16.75 -27.33 -15.93
N VAL B 102 -16.20 -28.09 -16.89
CA VAL B 102 -15.80 -29.46 -16.59
C VAL B 102 -14.64 -29.48 -15.60
N ALA B 103 -13.72 -28.52 -15.69
CA ALA B 103 -12.60 -28.48 -14.76
C ALA B 103 -13.06 -28.18 -13.34
N SER B 104 -13.92 -27.17 -13.18
CA SER B 104 -14.40 -26.82 -11.85
C SER B 104 -15.33 -27.88 -11.27
N SER B 105 -16.01 -28.63 -12.13
CA SER B 105 -16.84 -29.74 -11.63
C SER B 105 -15.98 -30.79 -10.95
N GLY B 106 -14.95 -31.27 -11.63
CA GLY B 106 -14.01 -32.21 -11.05
C GLY B 106 -14.38 -33.67 -11.18
N THR B 107 -15.56 -33.98 -11.72
CA THR B 107 -16.00 -35.36 -11.86
C THR B 107 -16.42 -35.60 -13.31
N LEU B 108 -15.83 -36.61 -13.93
CA LEU B 108 -16.30 -37.12 -15.22
C LEU B 108 -17.28 -38.27 -15.02
N GLU B 109 -18.27 -38.06 -14.16
CA GLU B 109 -19.19 -39.11 -13.75
C GLU B 109 -20.36 -39.15 -14.71
N PHE B 110 -20.38 -40.13 -15.59
CA PHE B 110 -21.40 -40.27 -16.62
C PHE B 110 -22.42 -41.33 -16.19
N ILE B 111 -23.69 -40.96 -16.19
CA ILE B 111 -24.78 -41.88 -15.87
C ILE B 111 -25.72 -41.93 -17.08
N THR B 112 -26.00 -43.15 -17.53
CA THR B 112 -26.81 -43.37 -18.72
C THR B 112 -28.30 -43.26 -18.39
N GLU B 113 -29.06 -42.68 -19.31
CA GLU B 113 -30.50 -42.57 -19.18
C GLU B 113 -31.19 -43.29 -20.33
N GLY B 114 -32.43 -43.67 -20.11
CA GLY B 114 -33.19 -44.43 -21.08
C GLY B 114 -33.78 -43.60 -22.20
N PHE B 115 -32.92 -42.96 -23.00
CA PHE B 115 -33.39 -42.24 -24.16
C PHE B 115 -33.97 -43.19 -25.19
N THR B 116 -35.10 -42.82 -25.77
CA THR B 116 -35.78 -43.61 -26.78
C THR B 116 -35.72 -42.86 -28.11
N TRP B 117 -35.14 -43.48 -29.13
CA TRP B 117 -35.00 -42.89 -30.45
C TRP B 117 -35.78 -43.77 -31.43
N THR B 118 -37.03 -43.41 -31.66
CA THR B 118 -37.94 -44.20 -32.50
C THR B 118 -37.80 -43.77 -33.94
N GLY B 119 -37.49 -44.73 -34.82
CA GLY B 119 -37.43 -44.47 -36.25
C GLY B 119 -36.07 -44.12 -36.80
N VAL B 120 -35.02 -44.15 -35.97
CA VAL B 120 -33.67 -43.85 -36.42
C VAL B 120 -32.73 -44.96 -35.97
N THR B 121 -31.61 -45.07 -36.68
CA THR B 121 -30.59 -46.07 -36.37
C THR B 121 -29.55 -45.46 -35.45
N GLN B 122 -29.31 -46.12 -34.31
CA GLN B 122 -28.38 -45.62 -33.31
C GLN B 122 -26.98 -46.17 -33.57
N ASN B 123 -26.04 -45.76 -32.71
CA ASN B 123 -24.67 -46.27 -32.70
C ASN B 123 -24.00 -46.07 -34.06
N GLY B 124 -24.09 -44.86 -34.59
CA GLY B 124 -23.37 -44.51 -35.79
C GLY B 124 -21.87 -44.39 -35.53
N GLY B 125 -21.11 -44.44 -36.62
CA GLY B 125 -19.66 -44.39 -36.50
C GLY B 125 -19.03 -43.84 -37.76
N SER B 126 -17.70 -43.69 -37.69
CA SER B 126 -16.93 -43.18 -38.82
C SER B 126 -15.55 -43.84 -38.82
N ASN B 127 -14.92 -43.84 -39.98
CA ASN B 127 -13.58 -44.41 -40.13
C ASN B 127 -12.51 -43.54 -39.48
N ALA B 128 -12.84 -42.32 -39.07
CA ALA B 128 -11.89 -41.43 -38.41
C ALA B 128 -11.79 -41.68 -36.92
N CYS B 129 -12.61 -42.57 -36.38
CA CYS B 129 -12.68 -42.84 -34.94
C CYS B 129 -12.58 -44.34 -34.68
N LYS B 130 -11.60 -44.98 -35.29
CA LYS B 130 -11.45 -46.43 -35.21
C LYS B 130 -11.26 -46.87 -33.76
N ARG B 131 -12.19 -47.70 -33.28
CA ARG B 131 -12.09 -48.30 -31.95
C ARG B 131 -11.54 -49.72 -32.09
N GLY B 132 -10.24 -49.79 -32.35
CA GLY B 132 -9.59 -51.04 -32.60
C GLY B 132 -9.49 -51.33 -34.09
N PRO B 133 -10.08 -52.46 -34.51
CA PRO B 133 -10.09 -52.79 -35.95
C PRO B 133 -11.35 -52.36 -36.69
N ALA B 134 -12.37 -51.88 -35.99
CA ALA B 134 -13.61 -51.45 -36.61
C ALA B 134 -13.74 -49.93 -36.53
N SER B 135 -14.87 -49.42 -37.01
CA SER B 135 -15.15 -47.99 -37.01
C SER B 135 -16.04 -47.66 -35.82
N GLY B 136 -15.63 -46.65 -35.04
CA GLY B 136 -16.37 -46.27 -33.86
C GLY B 136 -16.72 -44.80 -33.80
N PHE B 137 -16.98 -44.32 -32.58
CA PHE B 137 -17.39 -42.94 -32.36
C PHE B 137 -17.11 -42.60 -30.90
N PHE B 138 -17.45 -41.37 -30.51
CA PHE B 138 -17.32 -40.97 -29.12
C PHE B 138 -18.19 -41.85 -28.23
N SER B 139 -17.65 -42.21 -27.07
CA SER B 139 -18.35 -43.13 -26.18
C SER B 139 -19.58 -42.50 -25.55
N ARG B 140 -19.55 -41.18 -25.32
CA ARG B 140 -20.62 -40.49 -24.62
C ARG B 140 -21.60 -39.81 -25.57
N LEU B 141 -21.52 -40.10 -26.87
CA LEU B 141 -22.42 -39.52 -27.86
C LEU B 141 -23.01 -40.63 -28.71
N ASN B 142 -24.20 -40.37 -29.26
CA ASN B 142 -24.92 -41.33 -30.08
C ASN B 142 -25.19 -40.69 -31.44
N TRP B 143 -24.58 -41.23 -32.49
CA TRP B 143 -24.78 -40.72 -33.84
C TRP B 143 -26.02 -41.40 -34.43
N LEU B 144 -27.10 -40.64 -34.52
CA LEU B 144 -28.34 -41.16 -35.10
C LEU B 144 -28.29 -41.02 -36.62
N THR B 145 -28.84 -42.01 -37.31
CA THR B 145 -28.90 -42.03 -38.76
C THR B 145 -30.27 -42.53 -39.17
N LYS B 146 -30.65 -42.24 -40.42
CA LYS B 146 -31.96 -42.65 -40.91
C LYS B 146 -32.08 -44.18 -40.87
N SER B 147 -33.23 -44.64 -40.39
CA SER B 147 -33.53 -46.07 -40.32
C SER B 147 -34.40 -46.42 -41.53
N GLY B 148 -33.91 -47.32 -42.37
CA GLY B 148 -34.58 -47.63 -43.61
C GLY B 148 -34.41 -46.53 -44.63
N SER B 149 -35.48 -45.77 -44.88
CA SER B 149 -35.41 -44.64 -45.80
C SER B 149 -36.21 -43.45 -45.28
N ALA B 150 -36.29 -43.29 -43.96
CA ALA B 150 -37.04 -42.19 -43.37
C ALA B 150 -36.40 -41.77 -42.06
N TYR B 151 -36.27 -40.46 -41.87
CA TYR B 151 -35.76 -39.89 -40.63
C TYR B 151 -36.87 -39.05 -40.00
N PRO B 152 -37.58 -39.57 -39.00
CA PRO B 152 -38.70 -38.81 -38.42
C PRO B 152 -38.19 -37.68 -37.53
N VAL B 153 -39.09 -36.76 -37.24
CA VAL B 153 -38.80 -35.67 -36.32
C VAL B 153 -38.82 -36.25 -34.91
N LEU B 154 -37.67 -36.23 -34.24
CA LEU B 154 -37.52 -36.82 -32.92
C LEU B 154 -37.88 -35.78 -31.87
N ASN B 155 -38.78 -36.14 -30.96
CA ASN B 155 -39.22 -35.26 -29.86
C ASN B 155 -39.13 -36.08 -28.58
N VAL B 156 -37.97 -36.00 -27.92
CA VAL B 156 -37.73 -36.78 -26.71
C VAL B 156 -37.66 -35.85 -25.51
N THR B 157 -37.93 -36.42 -24.33
CA THR B 157 -37.97 -35.64 -23.10
C THR B 157 -37.33 -36.44 -21.98
N MET B 158 -36.79 -35.71 -20.99
CA MET B 158 -36.19 -36.32 -19.81
C MET B 158 -36.27 -35.35 -18.64
N PRO B 159 -36.95 -35.72 -17.56
CA PRO B 159 -37.07 -34.81 -16.41
C PRO B 159 -35.91 -34.96 -15.44
N ASN B 160 -35.76 -33.94 -14.59
CA ASN B 160 -34.76 -33.91 -13.53
C ASN B 160 -35.49 -33.93 -12.20
N ASN B 161 -35.76 -35.13 -11.71
CA ASN B 161 -36.42 -35.32 -10.42
C ASN B 161 -35.43 -35.50 -9.27
N ASP B 162 -34.14 -35.38 -9.54
CA ASP B 162 -33.10 -35.53 -8.52
C ASP B 162 -32.84 -34.18 -7.87
N ASN B 163 -31.76 -34.09 -7.09
CA ASN B 163 -31.40 -32.89 -6.36
C ASN B 163 -30.02 -32.39 -6.77
N PHE B 164 -29.68 -32.53 -8.06
CA PHE B 164 -28.42 -32.03 -8.56
C PHE B 164 -28.58 -31.67 -10.03
N ASP B 165 -27.72 -30.76 -10.49
CA ASP B 165 -27.73 -30.35 -11.89
C ASP B 165 -27.18 -31.45 -12.78
N LYS B 166 -27.73 -31.53 -14.00
CA LYS B 166 -27.27 -32.49 -15.00
C LYS B 166 -26.69 -31.74 -16.19
N LEU B 167 -25.52 -32.16 -16.64
CA LEU B 167 -24.85 -31.58 -17.81
C LEU B 167 -25.01 -32.53 -18.98
N TYR B 168 -25.80 -32.13 -19.97
CA TYR B 168 -25.99 -32.90 -21.19
C TYR B 168 -25.10 -32.33 -22.28
N VAL B 169 -24.21 -33.14 -22.82
CA VAL B 169 -23.32 -32.74 -23.90
C VAL B 169 -23.83 -33.40 -25.18
N TRP B 170 -24.30 -32.58 -26.11
CA TRP B 170 -24.82 -33.04 -27.39
C TRP B 170 -24.06 -32.37 -28.52
N GLY B 171 -24.44 -32.71 -29.75
CA GLY B 171 -23.73 -32.16 -30.89
C GLY B 171 -24.59 -32.10 -32.13
N VAL B 172 -24.12 -31.31 -33.09
CA VAL B 172 -24.77 -31.14 -34.38
C VAL B 172 -23.73 -31.40 -35.47
N HIS B 173 -24.11 -32.21 -36.46
CA HIS B 173 -23.20 -32.62 -37.51
C HIS B 173 -23.33 -31.70 -38.72
N HIS B 174 -22.20 -31.17 -39.18
CA HIS B 174 -22.15 -30.37 -40.39
C HIS B 174 -21.54 -31.20 -41.50
N PRO B 175 -22.32 -31.66 -42.47
CA PRO B 175 -21.78 -32.53 -43.53
C PRO B 175 -20.98 -31.72 -44.56
N SER B 176 -20.16 -32.46 -45.32
CA SER B 176 -19.34 -31.83 -46.34
C SER B 176 -20.14 -31.49 -47.60
N THR B 177 -21.06 -32.36 -48.00
CA THR B 177 -21.79 -32.19 -49.24
C THR B 177 -23.26 -32.46 -49.01
N ASN B 178 -24.09 -31.98 -49.93
CA ASN B 178 -25.57 -32.19 -49.84
C ASN B 178 -25.92 -33.65 -50.14
N GLN B 179 -25.06 -34.38 -50.82
CA GLN B 179 -25.32 -35.82 -51.03
C GLN B 179 -25.39 -36.43 -49.64
N GLU B 180 -24.56 -35.95 -48.73
CA GLU B 180 -24.52 -36.53 -47.37
C GLU B 180 -25.77 -36.17 -46.56
N GLN B 181 -26.20 -34.91 -46.51
CA GLN B 181 -27.34 -34.56 -45.64
C GLN B 181 -28.50 -35.45 -46.07
N THR B 182 -28.51 -35.89 -47.32
CA THR B 182 -29.63 -36.68 -47.82
C THR B 182 -29.32 -38.12 -47.58
N ASN B 183 -28.10 -38.53 -47.79
CA ASN B 183 -27.90 -39.97 -47.60
C ASN B 183 -28.02 -40.37 -46.14
N LEU B 184 -27.51 -39.54 -45.22
CA LEU B 184 -27.61 -39.88 -43.81
C LEU B 184 -28.94 -39.50 -43.18
N TYR B 185 -29.61 -38.45 -43.69
CA TYR B 185 -30.68 -37.83 -42.93
C TYR B 185 -31.90 -37.47 -43.78
N VAL B 186 -32.03 -37.98 -45.00
CA VAL B 186 -33.20 -37.79 -45.84
C VAL B 186 -33.44 -36.31 -46.13
N GLN B 187 -33.74 -35.55 -45.08
CA GLN B 187 -34.05 -34.13 -45.25
C GLN B 187 -32.85 -33.37 -45.80
N ALA B 188 -33.13 -32.35 -46.62
CA ALA B 188 -32.07 -31.56 -47.21
C ALA B 188 -31.45 -30.60 -46.21
N SER B 189 -32.19 -30.22 -45.16
CA SER B 189 -31.70 -29.29 -44.17
C SER B 189 -32.23 -29.69 -42.80
N GLY B 190 -31.31 -30.01 -41.89
CA GLY B 190 -31.68 -30.41 -40.55
C GLY B 190 -31.86 -29.24 -39.60
N ARG B 191 -32.13 -29.57 -38.35
CA ARG B 191 -32.33 -28.59 -37.29
C ARG B 191 -32.37 -29.32 -35.96
N VAL B 192 -31.66 -28.79 -34.97
CA VAL B 192 -31.59 -29.41 -33.64
C VAL B 192 -31.90 -28.34 -32.60
N THR B 193 -32.96 -28.54 -31.83
CA THR B 193 -33.30 -27.62 -30.75
C THR B 193 -33.40 -28.37 -29.44
N VAL B 194 -32.60 -27.95 -28.46
CA VAL B 194 -32.58 -28.54 -27.13
C VAL B 194 -33.01 -27.46 -26.16
N SER B 195 -34.06 -27.71 -25.38
CA SER B 195 -34.68 -26.67 -24.60
C SER B 195 -34.99 -27.17 -23.19
N THR B 196 -35.04 -26.23 -22.27
CA THR B 196 -35.52 -26.43 -20.91
C THR B 196 -36.65 -25.42 -20.65
N ARG B 197 -37.13 -25.39 -19.41
CA ARG B 197 -38.20 -24.46 -19.07
C ARG B 197 -37.72 -23.01 -18.98
N ARG B 198 -36.41 -22.77 -19.00
CA ARG B 198 -35.88 -21.42 -18.87
C ARG B 198 -34.91 -21.02 -19.97
N SER B 199 -34.42 -21.97 -20.79
CA SER B 199 -33.48 -21.64 -21.84
C SER B 199 -33.65 -22.63 -23.00
N GLN B 200 -33.19 -22.21 -24.17
CA GLN B 200 -33.24 -23.05 -25.36
C GLN B 200 -32.05 -22.75 -26.25
N GLN B 201 -31.63 -23.75 -27.01
CA GLN B 201 -30.56 -23.59 -28.00
C GLN B 201 -31.00 -24.29 -29.28
N THR B 202 -31.08 -23.53 -30.37
CA THR B 202 -31.46 -24.06 -31.67
C THR B 202 -30.31 -23.87 -32.64
N ILE B 203 -29.97 -24.93 -33.35
CA ILE B 203 -28.84 -24.94 -34.28
C ILE B 203 -29.37 -25.39 -35.63
N ILE B 204 -29.17 -24.56 -36.64
CA ILE B 204 -29.39 -24.91 -38.04
C ILE B 204 -28.03 -25.26 -38.63
N PRO B 205 -27.80 -26.48 -39.07
CA PRO B 205 -26.46 -26.91 -39.46
C PRO B 205 -26.05 -26.32 -40.82
N ASN B 206 -24.87 -26.73 -41.27
CA ASN B 206 -24.21 -26.15 -42.43
C ASN B 206 -23.84 -27.24 -43.42
N ILE B 207 -23.61 -26.82 -44.66
CA ILE B 207 -23.12 -27.70 -45.72
C ILE B 207 -21.91 -27.02 -46.35
N GLY B 208 -20.77 -27.72 -46.36
CA GLY B 208 -19.57 -27.16 -46.93
C GLY B 208 -18.34 -28.03 -46.71
N SER B 209 -17.32 -27.84 -47.53
CA SER B 209 -16.12 -28.66 -47.49
C SER B 209 -15.10 -28.02 -46.55
N ARG B 210 -14.95 -28.60 -45.36
CA ARG B 210 -13.90 -28.19 -44.44
C ARG B 210 -12.61 -28.92 -44.79
N PRO B 211 -11.47 -28.44 -44.30
CA PRO B 211 -10.20 -29.10 -44.60
C PRO B 211 -10.19 -30.56 -44.17
N TRP B 212 -9.54 -31.38 -44.99
CA TRP B 212 -9.37 -32.81 -44.72
C TRP B 212 -8.68 -33.04 -43.37
N VAL B 213 -9.39 -33.65 -42.44
CA VAL B 213 -8.83 -34.01 -41.13
C VAL B 213 -9.25 -35.45 -40.85
N ARG B 214 -8.28 -36.35 -40.81
CA ARG B 214 -8.50 -37.77 -40.50
C ARG B 214 -9.54 -38.40 -41.44
N GLY B 215 -9.54 -37.96 -42.69
CA GLY B 215 -10.39 -38.56 -43.70
C GLY B 215 -11.80 -38.03 -43.79
N GLN B 216 -12.15 -37.03 -43.00
CA GLN B 216 -13.51 -36.49 -42.99
C GLN B 216 -13.48 -34.99 -43.21
N SER B 217 -14.29 -34.51 -44.15
N SER B 217 -14.29 -34.51 -44.15
CA SER B 217 -14.40 -33.10 -44.45
CA SER B 217 -14.40 -33.10 -44.45
C SER B 217 -15.54 -32.42 -43.69
C SER B 217 -15.54 -32.41 -43.70
N GLY B 218 -16.32 -33.17 -42.90
N GLY B 218 -16.31 -33.17 -42.91
CA GLY B 218 -17.36 -32.60 -42.10
CA GLY B 218 -17.36 -32.59 -42.11
C GLY B 218 -16.88 -32.21 -40.72
C GLY B 218 -16.87 -32.20 -40.73
N ARG B 219 -17.78 -31.63 -39.94
CA ARG B 219 -17.47 -31.20 -38.58
C ARG B 219 -18.60 -31.59 -37.64
N ILE B 220 -18.31 -31.51 -36.35
CA ILE B 220 -19.31 -31.71 -35.30
C ILE B 220 -19.18 -30.56 -34.31
N SER B 221 -20.27 -29.81 -34.13
CA SER B 221 -20.30 -28.72 -33.17
C SER B 221 -20.89 -29.22 -31.86
N ILE B 222 -20.14 -29.07 -30.79
CA ILE B 222 -20.50 -29.62 -29.48
C ILE B 222 -21.14 -28.51 -28.64
N TYR B 223 -22.31 -28.79 -28.10
CA TYR B 223 -23.02 -27.88 -27.22
C TYR B 223 -23.37 -28.61 -25.93
N TRP B 224 -23.68 -27.83 -24.90
CA TRP B 224 -24.03 -28.38 -23.60
C TRP B 224 -25.24 -27.67 -23.02
N THR B 225 -25.98 -28.39 -22.19
CA THR B 225 -27.14 -27.85 -21.50
C THR B 225 -27.10 -28.27 -20.05
N ILE B 226 -27.46 -27.34 -19.16
CA ILE B 226 -27.49 -27.60 -17.72
C ILE B 226 -28.94 -27.65 -17.29
N VAL B 227 -29.34 -28.76 -16.69
CA VAL B 227 -30.71 -28.98 -16.24
C VAL B 227 -30.71 -28.95 -14.71
N LYS B 228 -31.42 -27.98 -14.16
CA LYS B 228 -31.55 -27.81 -12.72
C LYS B 228 -32.65 -28.72 -12.17
N PRO B 229 -32.66 -28.99 -10.87
CA PRO B 229 -33.75 -29.78 -10.30
C PRO B 229 -35.10 -29.12 -10.56
N GLY B 230 -36.09 -29.96 -10.86
CA GLY B 230 -37.40 -29.48 -11.23
C GLY B 230 -37.55 -29.07 -12.67
N ASP B 231 -36.49 -29.18 -13.47
CA ASP B 231 -36.52 -28.82 -14.88
C ASP B 231 -36.63 -30.08 -15.74
N VAL B 232 -36.86 -29.88 -17.03
CA VAL B 232 -37.01 -30.98 -17.97
C VAL B 232 -36.28 -30.61 -19.26
N LEU B 233 -35.55 -31.58 -19.80
CA LEU B 233 -34.85 -31.40 -21.07
C LEU B 233 -35.70 -31.97 -22.19
N VAL B 234 -35.93 -31.16 -23.23
CA VAL B 234 -36.68 -31.60 -24.41
C VAL B 234 -35.80 -31.40 -25.63
N ILE B 235 -35.63 -32.48 -26.41
CA ILE B 235 -34.82 -32.46 -27.62
C ILE B 235 -35.73 -32.69 -28.81
N ASN B 236 -35.70 -31.75 -29.76
CA ASN B 236 -36.47 -31.86 -30.99
C ASN B 236 -35.52 -31.73 -32.16
N SER B 237 -35.46 -32.77 -32.99
CA SER B 237 -34.49 -32.85 -34.07
C SER B 237 -35.18 -33.26 -35.37
N ASN B 238 -34.97 -32.46 -36.42
CA ASN B 238 -35.35 -32.89 -37.75
C ASN B 238 -34.22 -33.68 -38.40
N GLY B 239 -32.99 -33.46 -37.94
CA GLY B 239 -31.84 -34.18 -38.44
C GLY B 239 -30.57 -33.55 -37.93
N ASN B 240 -29.45 -34.14 -38.33
CA ASN B 240 -28.11 -33.61 -37.99
C ASN B 240 -27.92 -33.53 -36.47
N LEU B 241 -28.24 -34.62 -35.78
CA LEU B 241 -28.19 -34.66 -34.32
C LEU B 241 -27.18 -35.70 -33.86
N ILE B 242 -26.29 -35.29 -32.96
CA ILE B 242 -25.42 -36.21 -32.22
C ILE B 242 -25.95 -36.21 -30.80
N ALA B 243 -26.85 -37.15 -30.52
CA ALA B 243 -27.61 -37.12 -29.28
C ALA B 243 -26.75 -37.49 -28.08
N PRO B 244 -27.14 -37.05 -26.89
CA PRO B 244 -26.44 -37.49 -25.67
C PRO B 244 -26.89 -38.88 -25.25
N ARG B 245 -25.94 -39.65 -24.71
CA ARG B 245 -26.23 -40.97 -24.16
C ARG B 245 -26.61 -40.92 -22.69
N GLY B 246 -26.50 -39.76 -22.04
CA GLY B 246 -26.75 -39.67 -20.61
C GLY B 246 -26.41 -38.30 -20.09
N TYR B 247 -26.00 -38.25 -18.83
CA TYR B 247 -25.70 -36.98 -18.19
C TYR B 247 -24.47 -37.10 -17.30
N PHE B 248 -23.71 -36.00 -17.22
CA PHE B 248 -22.57 -35.90 -16.34
C PHE B 248 -22.98 -35.23 -15.04
N LYS B 249 -22.54 -35.79 -13.92
CA LYS B 249 -22.82 -35.18 -12.63
C LYS B 249 -22.05 -33.87 -12.49
N MET B 250 -22.75 -32.85 -11.98
N MET B 250 -22.75 -32.85 -11.98
CA MET B 250 -22.17 -31.53 -11.79
CA MET B 250 -22.16 -31.53 -11.80
C MET B 250 -22.11 -31.23 -10.30
C MET B 250 -22.11 -31.22 -10.30
N ARG B 251 -20.92 -30.87 -9.82
CA ARG B 251 -20.71 -30.54 -8.42
C ARG B 251 -19.79 -29.33 -8.32
N THR B 252 -19.91 -28.62 -7.19
CA THR B 252 -19.11 -27.43 -6.93
C THR B 252 -18.04 -27.78 -5.89
N GLY B 253 -16.80 -27.47 -6.21
CA GLY B 253 -15.69 -27.76 -5.33
C GLY B 253 -14.49 -26.90 -5.64
N LYS B 254 -13.31 -27.42 -5.29
CA LYS B 254 -12.04 -26.72 -5.49
C LYS B 254 -11.28 -27.20 -6.71
N SER B 255 -11.91 -28.00 -7.57
CA SER B 255 -11.21 -28.57 -8.70
C SER B 255 -10.89 -27.51 -9.74
N SER B 256 -9.77 -27.73 -10.45
CA SER B 256 -9.32 -26.81 -11.49
C SER B 256 -8.52 -27.60 -12.52
N ILE B 257 -7.96 -26.87 -13.48
CA ILE B 257 -7.18 -27.46 -14.56
C ILE B 257 -5.89 -26.65 -14.70
N MET B 258 -4.86 -27.31 -15.23
CA MET B 258 -3.57 -26.67 -15.46
C MET B 258 -2.90 -27.29 -16.67
N ARG B 259 -2.11 -26.48 -17.38
CA ARG B 259 -1.32 -26.91 -18.52
C ARG B 259 0.15 -26.89 -18.11
N SER B 260 0.77 -28.08 -18.08
CA SER B 260 2.16 -28.19 -17.67
C SER B 260 2.74 -29.48 -18.23
N ASP B 261 4.05 -29.47 -18.45
CA ASP B 261 4.80 -30.65 -18.89
C ASP B 261 5.65 -31.23 -17.77
N ALA B 262 5.48 -30.76 -16.55
CA ALA B 262 6.28 -31.24 -15.42
C ALA B 262 5.86 -32.65 -15.02
N PRO B 263 6.83 -33.48 -14.64
CA PRO B 263 6.49 -34.84 -14.18
C PRO B 263 5.85 -34.80 -12.80
N ILE B 264 5.28 -35.95 -12.42
CA ILE B 264 4.62 -36.11 -11.13
C ILE B 264 5.40 -37.14 -10.32
N ASP B 265 5.84 -36.75 -9.13
CA ASP B 265 6.59 -37.63 -8.24
C ASP B 265 5.98 -37.56 -6.85
N THR B 266 6.18 -38.64 -6.08
CA THR B 266 5.58 -38.74 -4.75
C THR B 266 6.25 -37.76 -3.79
N CYS B 267 5.47 -36.82 -3.28
CA CYS B 267 5.95 -35.81 -2.33
C CYS B 267 4.71 -35.07 -1.83
N ILE B 268 4.93 -34.14 -0.90
CA ILE B 268 3.88 -33.32 -0.32
C ILE B 268 4.20 -31.86 -0.60
N SER B 269 3.23 -31.15 -1.19
CA SER B 269 3.36 -29.72 -1.46
C SER B 269 1.98 -29.15 -1.70
N GLU B 270 1.65 -28.08 -0.97
CA GLU B 270 0.33 -27.47 -1.06
C GLU B 270 0.20 -26.45 -2.18
N CYS B 271 1.30 -26.09 -2.83
CA CYS B 271 1.29 -25.10 -3.91
C CYS B 271 1.79 -25.77 -5.19
N ILE B 272 1.01 -25.67 -6.26
CA ILE B 272 1.34 -26.28 -7.54
C ILE B 272 1.39 -25.19 -8.60
N THR B 273 2.48 -25.17 -9.36
CA THR B 273 2.67 -24.25 -10.48
C THR B 273 3.02 -25.06 -11.72
N PRO B 274 2.80 -24.51 -12.91
CA PRO B 274 3.17 -25.25 -14.13
C PRO B 274 4.65 -25.60 -14.19
N ASN B 275 5.51 -24.78 -13.59
CA ASN B 275 6.93 -25.09 -13.52
C ASN B 275 7.24 -26.14 -12.46
N GLY B 276 6.28 -26.51 -11.63
CA GLY B 276 6.46 -27.48 -10.58
C GLY B 276 5.97 -26.95 -9.25
N SER B 277 5.93 -27.85 -8.27
CA SER B 277 5.50 -27.47 -6.94
C SER B 277 6.56 -26.62 -6.25
N ILE B 278 6.11 -25.57 -5.58
CA ILE B 278 7.03 -24.68 -4.87
C ILE B 278 6.60 -24.58 -3.41
N PRO B 279 7.54 -24.38 -2.48
CA PRO B 279 7.16 -24.20 -1.08
C PRO B 279 6.41 -22.89 -0.86
N ASN B 280 5.54 -22.89 0.15
CA ASN B 280 4.69 -21.74 0.44
C ASN B 280 5.06 -21.04 1.74
N ASP B 281 6.28 -21.27 2.25
CA ASP B 281 6.70 -20.59 3.46
C ASP B 281 6.87 -19.09 3.23
N LYS B 282 7.45 -18.72 2.09
CA LYS B 282 7.64 -17.31 1.76
C LYS B 282 6.32 -16.69 1.33
N PRO B 283 6.10 -15.42 1.67
CA PRO B 283 4.84 -14.76 1.28
C PRO B 283 4.74 -14.45 -0.20
N PHE B 284 5.85 -14.37 -0.92
CA PHE B 284 5.86 -14.02 -2.33
C PHE B 284 6.64 -15.05 -3.12
N GLN B 285 6.26 -15.22 -4.38
CA GLN B 285 6.95 -16.13 -5.28
C GLN B 285 7.10 -15.45 -6.65
N ASN B 286 8.14 -15.85 -7.37
CA ASN B 286 8.43 -15.30 -8.69
C ASN B 286 8.70 -16.43 -9.67
N VAL B 287 7.83 -17.44 -9.68
CA VAL B 287 7.99 -18.59 -10.57
C VAL B 287 6.99 -18.48 -11.72
N ASN B 288 5.70 -18.45 -11.40
CA ASN B 288 4.65 -18.36 -12.40
C ASN B 288 3.43 -17.69 -11.78
N LYS B 289 2.69 -16.98 -12.61
CA LYS B 289 1.46 -16.32 -12.16
C LYS B 289 0.27 -17.27 -12.11
N ILE B 290 0.41 -18.49 -12.63
CA ILE B 290 -0.64 -19.50 -12.56
C ILE B 290 -0.31 -20.41 -11.39
N THR B 291 -1.21 -20.47 -10.41
CA THR B 291 -0.99 -21.22 -9.19
C THR B 291 -2.25 -21.99 -8.81
N TYR B 292 -2.03 -23.09 -8.08
CA TYR B 292 -3.13 -23.87 -7.51
C TYR B 292 -2.79 -24.21 -6.07
N GLY B 293 -3.79 -24.09 -5.20
CA GLY B 293 -3.60 -24.36 -3.78
C GLY B 293 -3.13 -23.15 -3.02
N ALA B 294 -2.70 -23.39 -1.79
CA ALA B 294 -2.16 -22.35 -0.93
C ALA B 294 -0.81 -21.92 -1.49
N CYS B 295 -0.79 -20.80 -2.20
CA CYS B 295 0.40 -20.38 -2.91
C CYS B 295 0.80 -18.96 -2.53
N PRO B 296 2.08 -18.62 -2.57
CA PRO B 296 2.49 -17.25 -2.34
C PRO B 296 2.05 -16.34 -3.48
N LYS B 297 1.90 -15.05 -3.15
CA LYS B 297 1.50 -14.07 -4.15
C LYS B 297 2.62 -13.83 -5.15
N TYR B 298 2.26 -13.73 -6.42
CA TYR B 298 3.25 -13.50 -7.46
C TYR B 298 3.68 -12.03 -7.47
N VAL B 299 4.98 -11.80 -7.63
CA VAL B 299 5.55 -10.46 -7.66
C VAL B 299 6.51 -10.35 -8.84
N LYS B 300 6.83 -9.13 -9.21
CA LYS B 300 7.72 -8.91 -10.37
C LYS B 300 9.18 -8.88 -9.88
N GLN B 301 9.42 -8.83 -8.56
CA GLN B 301 10.76 -8.74 -8.03
C GLN B 301 11.36 -10.13 -7.86
N SER B 302 12.58 -10.31 -8.37
CA SER B 302 13.26 -11.59 -8.21
C SER B 302 13.67 -11.82 -6.77
N THR B 303 14.13 -10.77 -6.08
CA THR B 303 14.57 -10.88 -4.70
C THR B 303 14.01 -9.72 -3.88
N LEU B 304 13.76 -10.00 -2.61
CA LEU B 304 13.30 -8.99 -1.66
C LEU B 304 13.76 -9.42 -0.27
N LYS B 305 14.68 -8.65 0.30
CA LYS B 305 15.33 -9.03 1.56
C LYS B 305 14.67 -8.32 2.73
N LEU B 306 14.31 -9.09 3.75
CA LEU B 306 13.78 -8.58 5.00
C LEU B 306 14.88 -8.59 6.06
N ALA B 307 15.04 -7.47 6.75
CA ALA B 307 16.12 -7.31 7.72
C ALA B 307 15.78 -8.05 9.00
N THR B 308 16.56 -9.08 9.31
CA THR B 308 16.41 -9.82 10.55
C THR B 308 17.26 -9.26 11.67
N GLY B 309 18.47 -8.77 11.35
CA GLY B 309 19.36 -8.20 12.33
C GLY B 309 19.34 -6.69 12.33
N MET B 310 20.41 -6.10 12.85
CA MET B 310 20.58 -4.66 12.97
C MET B 310 21.60 -4.17 11.95
N ARG B 311 21.87 -2.86 12.00
CA ARG B 311 22.86 -2.27 11.11
C ARG B 311 24.25 -2.84 11.41
N ASN B 312 25.03 -3.05 10.36
CA ASN B 312 26.35 -3.67 10.45
C ASN B 312 27.41 -2.61 10.26
N VAL B 313 28.08 -2.24 11.35
CA VAL B 313 29.17 -1.26 11.31
C VAL B 313 30.42 -1.95 11.84
N PRO B 314 31.22 -2.59 10.98
CA PRO B 314 32.33 -3.41 11.47
C PRO B 314 33.61 -2.62 11.70
N GLU B 315 34.62 -3.27 12.26
CA GLU B 315 35.95 -2.68 12.39
C GLU B 315 36.62 -2.62 11.01
N LYS B 316 37.14 -1.44 10.66
CA LYS B 316 37.84 -1.27 9.40
C LYS B 316 39.18 -0.56 9.60
N GLN B 317 39.69 -0.53 10.82
CA GLN B 317 40.97 0.11 11.15
C GLN B 317 40.97 1.58 10.74
N THR B 318 39.81 2.22 10.87
CA THR B 318 39.70 3.64 10.56
C THR B 318 40.37 4.50 11.63
N ARG B 319 40.14 4.17 12.90
CA ARG B 319 40.69 4.96 13.99
C ARG B 319 40.84 4.05 15.21
N GLY B 320 41.71 4.48 16.12
CA GLY B 320 41.98 3.70 17.32
C GLY B 320 43.28 2.93 17.23
N LEU B 321 44.33 3.45 17.86
CA LEU B 321 45.66 2.89 17.71
C LEU B 321 45.95 1.96 18.88
N PHE B 322 46.43 0.74 18.56
CA PHE B 322 46.84 -0.23 19.57
C PHE B 322 45.70 -0.54 20.52
N GLY B 323 44.62 -1.09 20.00
CA GLY B 323 43.41 -1.28 20.78
C GLY B 323 42.64 0.02 20.90
N ALA B 324 42.44 0.49 22.13
CA ALA B 324 41.80 1.77 22.39
C ALA B 324 40.48 1.91 21.64
N LYS B 325 39.51 1.05 21.96
CA LYS B 325 38.22 1.06 21.30
C LYS B 325 37.23 1.87 22.12
N ALA B 326 35.99 1.93 21.63
CA ALA B 326 34.96 2.76 22.24
C ALA B 326 33.62 2.04 22.29
N GLY B 327 32.56 2.79 22.59
CA GLY B 327 31.25 2.21 22.77
C GLY B 327 30.46 2.07 21.48
N PHE B 328 29.14 2.19 21.57
CA PHE B 328 28.29 1.86 20.42
C PHE B 328 28.50 2.83 19.26
N ILE B 329 28.54 4.12 19.53
CA ILE B 329 28.76 5.05 18.42
C ILE B 329 30.24 5.30 18.24
N GLU B 330 30.96 4.28 17.78
CA GLU B 330 32.19 4.44 17.00
C GLU B 330 32.15 3.42 15.87
N ASN B 331 31.66 2.22 16.22
CA ASN B 331 31.67 1.05 15.36
C ASN B 331 30.92 -0.06 16.08
N GLY B 332 30.92 -1.26 15.50
CA GLY B 332 30.38 -2.43 16.15
C GLY B 332 31.47 -3.34 16.70
N TRP B 333 31.04 -4.38 17.40
CA TRP B 333 31.94 -5.34 18.04
C TRP B 333 31.80 -6.68 17.35
N GLU B 334 32.83 -7.09 16.61
CA GLU B 334 32.81 -8.41 15.99
C GLU B 334 33.07 -9.52 16.99
N GLY B 335 33.61 -9.20 18.16
CA GLY B 335 33.94 -10.19 19.16
C GLY B 335 32.82 -10.60 20.09
N MET B 336 31.61 -10.07 19.90
CA MET B 336 30.47 -10.41 20.74
C MET B 336 29.62 -11.43 19.99
N ILE B 337 29.73 -12.69 20.40
CA ILE B 337 28.95 -13.77 19.80
C ILE B 337 27.95 -14.36 20.78
N ASP B 338 27.73 -13.70 21.92
CA ASP B 338 26.80 -14.18 22.93
C ASP B 338 25.47 -13.46 22.92
N GLY B 339 25.44 -12.21 22.45
CA GLY B 339 24.21 -11.44 22.40
C GLY B 339 24.33 -10.30 21.41
N TRP B 340 23.25 -9.53 21.30
CA TRP B 340 23.24 -8.37 20.41
C TRP B 340 23.82 -7.13 21.06
N TYR B 341 23.66 -6.97 22.37
CA TYR B 341 24.15 -5.81 23.09
C TYR B 341 24.99 -6.28 24.27
N GLY B 342 26.01 -5.49 24.63
CA GLY B 342 26.89 -5.93 25.68
C GLY B 342 27.74 -4.81 26.24
N PHE B 343 28.49 -5.18 27.27
CA PHE B 343 29.34 -4.29 28.04
C PHE B 343 30.79 -4.76 27.95
N ARG B 344 31.71 -3.80 27.97
CA ARG B 344 33.14 -4.06 28.06
C ARG B 344 33.71 -3.18 29.16
N HIS B 345 34.45 -3.79 30.08
CA HIS B 345 34.95 -3.08 31.25
C HIS B 345 36.47 -3.17 31.32
N GLN B 346 37.08 -2.10 31.81
CA GLN B 346 38.52 -2.03 32.09
C GLN B 346 38.67 -1.41 33.47
N ASN B 347 38.73 -2.27 34.49
CA ASN B 347 38.95 -1.84 35.86
C ASN B 347 40.39 -2.16 36.27
N SER B 348 40.69 -1.98 37.55
CA SER B 348 42.01 -2.29 38.07
C SER B 348 42.34 -3.78 37.97
N GLU B 349 41.32 -4.65 37.98
CA GLU B 349 41.56 -6.08 37.88
C GLU B 349 41.77 -6.56 36.45
N GLY B 350 41.47 -5.71 35.45
CA GLY B 350 41.68 -6.07 34.06
C GLY B 350 40.47 -5.74 33.24
N THR B 351 40.45 -6.27 32.02
CA THR B 351 39.35 -6.06 31.08
C THR B 351 38.42 -7.27 31.05
N GLY B 352 37.23 -7.05 30.53
CA GLY B 352 36.26 -8.13 30.43
C GLY B 352 35.09 -7.73 29.56
N GLN B 353 34.35 -8.74 29.11
CA GLN B 353 33.21 -8.56 28.24
C GLN B 353 32.02 -9.35 28.75
N ALA B 354 30.83 -8.83 28.49
CA ALA B 354 29.59 -9.51 28.87
C ALA B 354 28.48 -9.06 27.94
N ALA B 355 27.40 -9.84 27.93
CA ALA B 355 26.27 -9.58 27.05
C ALA B 355 25.03 -9.24 27.87
N ASP B 356 24.22 -8.32 27.35
CA ASP B 356 22.95 -7.95 27.98
C ASP B 356 21.84 -8.78 27.36
N LEU B 357 21.30 -9.72 28.15
CA LEU B 357 20.32 -10.65 27.63
C LEU B 357 18.94 -10.03 27.46
N LYS B 358 18.56 -9.09 28.35
CA LYS B 358 17.20 -8.56 28.31
C LYS B 358 16.92 -7.80 27.03
N SER B 359 17.79 -6.85 26.68
N SER B 359 17.79 -6.85 26.68
CA SER B 359 17.58 -6.04 25.48
CA SER B 359 17.58 -6.04 25.48
C SER B 359 17.72 -6.89 24.22
C SER B 359 17.72 -6.89 24.22
N THR B 360 18.69 -7.80 24.20
CA THR B 360 18.85 -8.68 23.05
C THR B 360 17.62 -9.54 22.83
N GLN B 361 17.08 -10.10 23.91
CA GLN B 361 15.87 -10.93 23.79
C GLN B 361 14.68 -10.10 23.37
N ALA B 362 14.57 -8.86 23.89
CA ALA B 362 13.45 -8.00 23.49
C ALA B 362 13.51 -7.69 22.01
N ALA B 363 14.70 -7.33 21.50
CA ALA B 363 14.85 -7.04 20.08
C ALA B 363 14.57 -8.27 19.24
N ILE B 364 15.08 -9.44 19.67
CA ILE B 364 14.89 -10.67 18.92
C ILE B 364 13.41 -11.03 18.86
N ASP B 365 12.70 -10.91 19.99
CA ASP B 365 11.28 -11.26 20.01
C ASP B 365 10.46 -10.29 19.17
N GLN B 366 10.78 -9.00 19.22
CA GLN B 366 10.08 -8.04 18.38
C GLN B 366 10.29 -8.34 16.90
N ILE B 367 11.52 -8.66 16.51
CA ILE B 367 11.82 -8.93 15.11
C ILE B 367 11.14 -10.23 14.66
N ASN B 368 11.14 -11.25 15.53
CA ASN B 368 10.46 -12.50 15.19
C ASN B 368 8.96 -12.29 15.05
N GLY B 369 8.36 -11.52 15.95
CA GLY B 369 6.94 -11.23 15.84
C GLY B 369 6.60 -10.47 14.58
N LYS B 370 7.48 -9.53 14.19
CA LYS B 370 7.29 -8.83 12.92
C LYS B 370 7.40 -9.80 11.75
N LEU B 371 8.34 -10.73 11.81
CA LEU B 371 8.52 -11.70 10.74
C LEU B 371 7.30 -12.61 10.61
N ASN B 372 6.70 -12.99 11.74
CA ASN B 372 5.59 -13.94 11.72
C ASN B 372 4.40 -13.37 10.93
N ARG B 373 4.09 -12.09 11.09
CA ARG B 373 2.99 -11.49 10.36
C ARG B 373 3.26 -11.46 8.86
N VAL B 374 4.51 -11.19 8.48
CA VAL B 374 4.85 -11.08 7.06
C VAL B 374 4.61 -12.41 6.35
N ILE B 375 5.05 -13.51 6.95
CA ILE B 375 4.84 -14.83 6.37
C ILE B 375 3.48 -15.38 6.78
N ASN B 379 -3.24 -17.24 1.67
CA ASN B 379 -4.29 -17.28 0.65
C ASN B 379 -4.36 -18.66 0.01
N GLU B 380 -5.58 -19.07 -0.37
CA GLU B 380 -5.81 -20.38 -0.97
C GLU B 380 -6.76 -20.18 -2.15
N LYS B 381 -6.19 -20.05 -3.34
CA LYS B 381 -6.94 -19.86 -4.57
C LYS B 381 -6.94 -21.16 -5.37
N PHE B 382 -8.11 -21.59 -5.81
CA PHE B 382 -8.27 -22.88 -6.46
C PHE B 382 -8.57 -22.76 -7.94
N HIS B 383 -9.65 -22.07 -8.32
CA HIS B 383 -10.02 -21.89 -9.71
C HIS B 383 -9.96 -20.40 -10.04
N GLN B 384 -9.15 -20.05 -11.02
CA GLN B 384 -8.95 -18.67 -11.45
C GLN B 384 -9.17 -18.58 -12.96
N ILE B 385 -8.89 -17.41 -13.51
CA ILE B 385 -9.04 -17.20 -14.95
C ILE B 385 -7.78 -17.67 -15.67
N GLU B 386 -7.93 -17.96 -16.96
CA GLU B 386 -6.80 -18.35 -17.78
C GLU B 386 -5.84 -17.18 -17.96
N LYS B 387 -4.54 -17.46 -17.82
CA LYS B 387 -3.53 -16.42 -17.83
C LYS B 387 -2.59 -16.47 -19.02
N GLU B 388 -2.52 -17.60 -19.73
CA GLU B 388 -1.72 -17.72 -20.94
C GLU B 388 -2.61 -18.20 -22.08
N PHE B 389 -2.47 -17.57 -23.24
CA PHE B 389 -3.33 -17.83 -24.39
C PHE B 389 -2.50 -18.23 -25.60
N SER B 390 -3.00 -19.21 -26.35
CA SER B 390 -2.32 -19.67 -27.55
C SER B 390 -2.91 -19.10 -28.84
N GLU B 391 -4.11 -18.55 -28.78
CA GLU B 391 -4.76 -17.93 -29.93
C GLU B 391 -5.05 -16.47 -29.64
N VAL B 392 -5.44 -15.74 -30.68
CA VAL B 392 -5.78 -14.33 -30.58
C VAL B 392 -7.30 -14.20 -30.73
N GLU B 393 -7.97 -13.73 -29.69
CA GLU B 393 -9.42 -13.60 -29.68
C GLU B 393 -9.88 -12.15 -29.71
N GLY B 394 -9.41 -11.33 -28.79
CA GLY B 394 -9.79 -9.93 -28.79
C GLY B 394 -10.17 -9.37 -27.44
N ARG B 395 -11.40 -8.87 -27.34
CA ARG B 395 -11.81 -8.05 -26.20
C ARG B 395 -11.64 -8.78 -24.87
N ILE B 396 -12.13 -10.02 -24.79
CA ILE B 396 -12.09 -10.77 -23.54
C ILE B 396 -10.65 -11.06 -23.14
N GLN B 397 -9.81 -11.45 -24.11
CA GLN B 397 -8.41 -11.75 -23.81
C GLN B 397 -7.68 -10.52 -23.28
N ASP B 398 -7.90 -9.36 -23.90
CA ASP B 398 -7.29 -8.14 -23.41
C ASP B 398 -7.80 -7.77 -22.02
N LEU B 399 -9.09 -8.01 -21.76
CA LEU B 399 -9.62 -7.73 -20.42
C LEU B 399 -8.95 -8.61 -19.37
N GLU B 400 -8.81 -9.90 -19.65
CA GLU B 400 -8.15 -10.80 -18.70
C GLU B 400 -6.69 -10.40 -18.49
N LYS B 401 -5.99 -10.07 -19.59
CA LYS B 401 -4.60 -9.66 -19.46
C LYS B 401 -4.47 -8.39 -18.64
N TYR B 402 -5.37 -7.42 -18.86
CA TYR B 402 -5.34 -6.18 -18.10
C TYR B 402 -5.57 -6.42 -16.62
N VAL B 403 -6.55 -7.28 -16.29
CA VAL B 403 -6.84 -7.57 -14.89
C VAL B 403 -5.63 -8.23 -14.23
N GLU B 404 -5.04 -9.21 -14.92
CA GLU B 404 -3.89 -9.93 -14.37
C GLU B 404 -2.71 -8.99 -14.16
N ASP B 405 -2.43 -8.12 -15.14
CA ASP B 405 -1.32 -7.19 -15.01
C ASP B 405 -1.56 -6.18 -13.88
N THR B 406 -2.79 -5.70 -13.74
CA THR B 406 -3.10 -4.79 -12.65
C THR B 406 -2.87 -5.44 -11.30
N LYS B 407 -3.33 -6.69 -11.15
CA LYS B 407 -3.12 -7.41 -9.90
C LYS B 407 -1.63 -7.57 -9.60
N ILE B 408 -0.85 -7.95 -10.62
CA ILE B 408 0.59 -8.14 -10.42
C ILE B 408 1.24 -6.83 -9.99
N ASP B 409 0.91 -5.74 -10.67
CA ASP B 409 1.54 -4.45 -10.35
C ASP B 409 1.19 -4.02 -8.94
N LEU B 410 -0.08 -4.14 -8.55
CA LEU B 410 -0.49 -3.74 -7.21
C LEU B 410 0.20 -4.57 -6.14
N TRP B 411 0.28 -5.88 -6.35
CA TRP B 411 0.93 -6.72 -5.35
C TRP B 411 2.43 -6.48 -5.27
N SER B 412 3.08 -6.19 -6.41
CA SER B 412 4.50 -5.87 -6.38
C SER B 412 4.76 -4.56 -5.62
N TYR B 413 3.93 -3.55 -5.86
CA TYR B 413 4.06 -2.31 -5.11
C TYR B 413 3.86 -2.54 -3.61
N ASN B 414 2.86 -3.35 -3.26
CA ASN B 414 2.61 -3.66 -1.86
C ASN B 414 3.81 -4.35 -1.22
N ALA B 415 4.40 -5.31 -1.93
CA ALA B 415 5.57 -6.01 -1.39
C ALA B 415 6.75 -5.07 -1.18
N GLU B 416 7.02 -4.21 -2.16
CA GLU B 416 8.13 -3.28 -2.03
C GLU B 416 7.93 -2.34 -0.84
N LEU B 417 6.73 -1.75 -0.73
CA LEU B 417 6.46 -0.84 0.36
C LEU B 417 6.55 -1.55 1.71
N LEU B 418 6.02 -2.77 1.79
CA LEU B 418 6.05 -3.52 3.04
C LEU B 418 7.48 -3.81 3.48
N VAL B 419 8.32 -4.28 2.57
CA VAL B 419 9.69 -4.64 2.96
C VAL B 419 10.46 -3.39 3.35
N ALA B 420 10.26 -2.28 2.63
CA ALA B 420 10.95 -1.04 3.00
C ALA B 420 10.54 -0.57 4.39
N LEU B 421 9.23 -0.57 4.67
CA LEU B 421 8.76 -0.12 5.98
C LEU B 421 9.28 -1.01 7.09
N GLU B 422 9.24 -2.33 6.90
CA GLU B 422 9.71 -3.25 7.93
C GLU B 422 11.20 -3.09 8.19
N ASN B 423 11.99 -2.91 7.13
CA ASN B 423 13.43 -2.73 7.33
C ASN B 423 13.72 -1.44 8.09
N GLN B 424 13.04 -0.35 7.71
CA GLN B 424 13.24 0.92 8.41
C GLN B 424 12.88 0.79 9.88
N HIS B 425 11.74 0.14 10.17
CA HIS B 425 11.32 0.02 11.56
C HIS B 425 12.25 -0.89 12.35
N THR B 426 12.80 -1.92 11.71
CA THR B 426 13.77 -2.78 12.38
C THR B 426 15.02 -2.00 12.79
N ILE B 427 15.55 -1.22 11.86
CA ILE B 427 16.73 -0.41 12.16
C ILE B 427 16.43 0.56 13.30
N ASP B 428 15.26 1.22 13.22
CA ASP B 428 14.89 2.18 14.25
C ASP B 428 14.76 1.52 15.61
N LEU B 429 14.18 0.32 15.65
CA LEU B 429 13.92 -0.41 16.92
C LEU B 429 15.24 -0.89 17.53
N THR B 430 16.20 -1.26 16.70
CA THR B 430 17.50 -1.65 17.25
C THR B 430 18.25 -0.45 17.83
N ASP B 431 18.27 0.66 17.09
CA ASP B 431 18.89 1.87 17.62
C ASP B 431 18.22 2.33 18.90
N SER B 432 16.88 2.27 18.95
CA SER B 432 16.15 2.66 20.14
C SER B 432 16.51 1.76 21.32
N GLU B 433 16.63 0.45 21.09
CA GLU B 433 16.98 -0.47 22.17
C GLU B 433 18.35 -0.13 22.75
N MET B 434 19.32 0.16 21.88
CA MET B 434 20.62 0.56 22.41
C MET B 434 20.53 1.88 23.18
N ASN B 435 19.72 2.82 22.68
CA ASN B 435 19.56 4.08 23.40
C ASN B 435 18.98 3.87 24.79
N LYS B 436 17.98 3.00 24.91
CA LYS B 436 17.41 2.71 26.23
C LYS B 436 18.42 2.03 27.14
N LEU B 437 19.24 1.13 26.59
CA LEU B 437 20.29 0.51 27.42
C LEU B 437 21.26 1.56 27.94
N PHE B 438 21.69 2.48 27.08
CA PHE B 438 22.58 3.55 27.51
C PHE B 438 21.93 4.42 28.57
N GLU B 439 20.67 4.78 28.38
CA GLU B 439 19.96 5.61 29.35
C GLU B 439 19.83 4.90 30.69
N LYS B 440 19.50 3.60 30.67
CA LYS B 440 19.39 2.84 31.91
C LYS B 440 20.70 2.82 32.65
N THR B 441 21.81 2.61 31.93
CA THR B 441 23.12 2.64 32.58
C THR B 441 23.40 4.02 33.19
N ARG B 442 23.03 5.09 32.48
CA ARG B 442 23.27 6.42 33.00
C ARG B 442 22.49 6.67 34.30
N ARG B 443 21.21 6.30 34.32
CA ARG B 443 20.44 6.50 35.55
C ARG B 443 20.92 5.59 36.67
N GLN B 444 21.44 4.41 36.34
CA GLN B 444 22.04 3.56 37.36
C GLN B 444 23.27 4.23 37.97
N LEU B 445 24.11 4.82 37.13
CA LEU B 445 25.37 5.39 37.62
C LEU B 445 25.19 6.71 38.36
N ARG B 446 24.23 7.53 37.95
CA ARG B 446 23.96 8.83 38.59
C ARG B 446 25.23 9.68 38.45
N GLU B 447 25.63 10.41 39.49
CA GLU B 447 26.81 11.28 39.45
C GLU B 447 28.09 10.54 39.81
N ASN B 448 28.09 9.21 39.76
CA ASN B 448 29.29 8.43 39.97
C ASN B 448 30.04 8.15 38.67
N ALA B 449 29.55 8.66 37.55
CA ALA B 449 30.18 8.43 36.26
C ALA B 449 29.89 9.61 35.34
N GLU B 450 30.69 9.69 34.28
CA GLU B 450 30.58 10.76 33.29
C GLU B 450 30.55 10.16 31.89
N ASP B 451 29.80 10.79 31.00
CA ASP B 451 29.69 10.33 29.62
C ASP B 451 30.84 10.91 28.82
N MET B 452 31.64 10.03 28.20
CA MET B 452 32.80 10.44 27.42
C MET B 452 32.46 10.77 25.97
N GLY B 453 31.22 10.60 25.55
CA GLY B 453 30.82 10.94 24.20
C GLY B 453 31.07 9.87 23.17
N ASN B 454 31.66 8.74 23.54
CA ASN B 454 31.92 7.64 22.63
C ASN B 454 31.19 6.37 23.04
N GLY B 455 30.06 6.52 23.72
CA GLY B 455 29.30 5.37 24.18
C GLY B 455 29.85 4.70 25.41
N CYS B 456 30.71 5.37 26.16
CA CYS B 456 31.34 4.79 27.34
C CYS B 456 31.16 5.72 28.54
N PHE B 457 31.06 5.10 29.72
CA PHE B 457 30.98 5.82 30.98
C PHE B 457 32.30 5.70 31.72
N LYS B 458 32.86 6.84 32.12
CA LYS B 458 34.03 6.88 32.99
C LYS B 458 33.53 6.93 34.43
N ILE B 459 33.83 5.88 35.19
CA ILE B 459 33.40 5.80 36.59
C ILE B 459 34.49 6.36 37.47
N TYR B 460 34.15 7.38 38.26
CA TYR B 460 35.12 8.14 39.02
C TYR B 460 35.40 7.53 40.40
N HIS B 461 34.96 6.31 40.64
CA HIS B 461 35.29 5.59 41.86
C HIS B 461 35.79 4.20 41.49
N LYS B 462 36.80 3.74 42.23
CA LYS B 462 37.38 2.43 41.97
C LYS B 462 36.48 1.36 42.56
N CYS B 463 36.10 0.39 41.74
CA CYS B 463 35.32 -0.75 42.20
C CYS B 463 35.60 -1.95 41.31
N ASP B 464 35.58 -3.13 41.93
CA ASP B 464 36.07 -4.35 41.30
C ASP B 464 35.00 -4.96 40.40
N ASN B 465 35.23 -6.22 39.99
CA ASN B 465 34.31 -6.90 39.07
C ASN B 465 32.93 -7.05 39.66
N ALA B 466 32.82 -7.12 41.00
CA ALA B 466 31.50 -7.16 41.62
C ALA B 466 30.72 -5.89 41.33
N CYS B 467 31.39 -4.74 41.35
CA CYS B 467 30.76 -3.48 40.97
C CYS B 467 30.26 -3.49 39.53
N ILE B 468 31.08 -4.00 38.60
CA ILE B 468 30.68 -4.03 37.21
C ILE B 468 29.49 -4.97 37.02
N GLU B 469 29.51 -6.12 37.69
CA GLU B 469 28.37 -7.03 37.63
C GLU B 469 27.13 -6.39 38.24
N SER B 470 27.28 -5.62 39.31
CA SER B 470 26.15 -4.91 39.90
C SER B 470 25.55 -3.90 38.93
N ILE B 471 26.41 -3.17 38.22
CA ILE B 471 25.91 -2.25 37.19
C ILE B 471 25.19 -3.02 36.10
N ARG B 472 25.75 -4.15 35.67
CA ARG B 472 25.16 -4.93 34.59
C ARG B 472 23.79 -5.47 34.98
N ASN B 473 23.66 -5.99 36.20
CA ASN B 473 22.42 -6.60 36.67
C ASN B 473 21.44 -5.60 37.25
N GLY B 474 21.81 -4.33 37.35
CA GLY B 474 20.93 -3.31 37.85
C GLY B 474 20.94 -3.11 39.35
N THR B 475 21.67 -3.93 40.10
CA THR B 475 21.72 -3.81 41.55
C THR B 475 22.98 -3.04 41.95
N TYR B 476 23.01 -1.78 41.52
CA TYR B 476 24.13 -0.88 41.79
C TYR B 476 23.67 0.20 42.76
N ASP B 477 24.34 0.28 43.91
CA ASP B 477 24.02 1.27 44.92
C ASP B 477 24.97 2.46 44.74
N HIS B 478 24.40 3.59 44.35
CA HIS B 478 25.20 4.79 44.10
C HIS B 478 25.52 5.58 45.37
N ASP B 479 24.84 5.29 46.48
CA ASP B 479 25.04 6.04 47.71
C ASP B 479 26.23 5.58 48.53
N ILE B 480 26.77 4.39 48.24
CA ILE B 480 27.94 3.89 48.96
C ILE B 480 29.19 4.29 48.21
N TYR B 481 29.02 5.03 47.12
CA TYR B 481 30.15 5.51 46.33
C TYR B 481 30.09 7.01 46.06
N ARG B 482 29.07 7.72 46.54
CA ARG B 482 28.87 9.10 46.14
C ARG B 482 29.99 10.01 46.61
N ASP B 483 30.46 9.82 47.85
CA ASP B 483 31.49 10.71 48.38
C ASP B 483 32.78 10.59 47.59
N GLU B 484 33.25 9.36 47.35
CA GLU B 484 34.49 9.16 46.61
C GLU B 484 34.36 9.65 45.17
N ALA B 485 33.22 9.36 44.53
CA ALA B 485 33.03 9.77 43.15
C ALA B 485 33.01 11.29 43.04
N LEU B 486 32.31 11.97 43.94
CA LEU B 486 32.28 13.43 43.91
C LEU B 486 33.65 14.02 44.20
N ASN B 487 34.39 13.43 45.14
CA ASN B 487 35.73 13.94 45.45
C ASN B 487 36.67 13.81 44.26
N ASN B 488 36.64 12.67 43.57
CA ASN B 488 37.50 12.50 42.41
C ASN B 488 36.97 13.17 41.16
N ARG B 489 35.71 13.61 41.16
CA ARG B 489 35.08 14.22 40.00
C ARG B 489 35.13 15.73 40.00
N PHE B 490 34.90 16.37 41.15
CA PHE B 490 34.73 17.81 41.21
C PHE B 490 35.82 18.51 42.00
N GLN B 491 36.81 17.79 42.49
CA GLN B 491 37.90 18.34 43.29
C GLN B 491 39.24 17.81 42.79
N ILE B 492 39.43 17.84 41.48
CA ILE B 492 40.66 17.39 40.84
C ILE B 492 41.02 15.97 41.23
N ALA C 1 12.13 17.27 48.46
CA ALA C 1 10.87 16.97 47.78
C ALA C 1 11.10 16.13 46.52
N THR C 2 10.13 15.30 46.19
CA THR C 2 10.18 14.44 45.01
C THR C 2 8.98 14.75 44.11
N LEU C 3 9.22 14.74 42.80
CA LEU C 3 8.19 15.02 41.81
C LEU C 3 8.29 13.98 40.70
N CYS C 4 7.25 13.15 40.57
CA CYS C 4 7.22 12.10 39.58
C CYS C 4 6.21 12.44 38.48
N LEU C 5 6.57 12.11 37.24
CA LEU C 5 5.69 12.27 36.10
C LEU C 5 5.13 10.92 35.71
N GLY C 6 3.87 10.90 35.27
CA GLY C 6 3.25 9.63 34.94
C GLY C 6 2.15 9.79 33.93
N HIS C 7 1.62 8.64 33.53
CA HIS C 7 0.53 8.59 32.54
C HIS C 7 -0.61 7.80 33.14
N HIS C 8 -1.77 7.83 32.51
CA HIS C 8 -2.98 7.19 33.07
C HIS C 8 -2.99 5.73 32.68
N ALA C 9 -3.90 4.99 33.31
CA ALA C 9 -4.09 3.58 32.98
C ALA C 9 -5.49 3.27 33.45
N VAL C 10 -6.21 2.49 32.69
CA VAL C 10 -7.60 2.12 32.96
C VAL C 10 -7.67 0.66 33.38
N PRO C 11 -8.67 0.25 34.16
CA PRO C 11 -8.75 -1.16 34.58
C PRO C 11 -8.81 -2.13 33.41
N ASN C 12 -9.77 -1.96 32.51
CA ASN C 12 -9.89 -2.79 31.33
C ASN C 12 -9.40 -2.06 30.08
N GLY C 13 -8.69 -2.79 29.23
CA GLY C 13 -8.13 -2.22 28.03
C GLY C 13 -8.50 -3.04 26.81
N THR C 14 -8.17 -2.50 25.65
CA THR C 14 -8.48 -3.12 24.37
C THR C 14 -7.20 -3.68 23.75
N ILE C 15 -7.26 -4.91 23.29
CA ILE C 15 -6.11 -5.58 22.68
C ILE C 15 -6.12 -5.26 21.19
N VAL C 16 -5.11 -4.51 20.74
CA VAL C 16 -4.99 -4.15 19.33
C VAL C 16 -3.72 -4.76 18.75
N LYS C 17 -3.52 -4.57 17.45
CA LYS C 17 -2.43 -5.18 16.70
C LYS C 17 -1.56 -4.09 16.10
N THR C 18 -0.24 -4.23 16.23
CA THR C 18 0.72 -3.34 15.59
C THR C 18 1.66 -4.16 14.70
N ILE C 19 2.70 -3.50 14.21
CA ILE C 19 3.65 -4.15 13.30
C ILE C 19 4.37 -5.29 14.02
N THR C 20 4.83 -5.05 15.25
CA THR C 20 5.59 -6.06 15.98
C THR C 20 4.69 -6.95 16.81
N ASP C 21 3.96 -6.36 17.76
CA ASP C 21 3.15 -7.12 18.70
C ASP C 21 1.77 -7.39 18.15
N ASP C 22 1.38 -8.66 18.15
CA ASP C 22 0.06 -9.06 17.68
C ASP C 22 -1.03 -8.86 18.74
N GLN C 23 -0.64 -8.65 20.00
CA GLN C 23 -1.59 -8.43 21.09
C GLN C 23 -0.97 -7.40 22.03
N ILE C 24 -1.36 -6.14 21.86
CA ILE C 24 -0.88 -5.07 22.74
C ILE C 24 -2.09 -4.36 23.34
N GLU C 25 -2.09 -4.20 24.66
CA GLU C 25 -3.19 -3.58 25.35
C GLU C 25 -3.08 -2.05 25.32
N VAL C 26 -4.19 -1.39 25.04
CA VAL C 26 -4.26 0.06 24.99
C VAL C 26 -5.45 0.53 25.80
N THR C 27 -5.41 1.82 26.15
CA THR C 27 -6.47 2.41 26.98
C THR C 27 -7.81 2.39 26.27
N ASN C 28 -7.86 2.88 25.03
CA ASN C 28 -9.10 2.98 24.28
C ASN C 28 -8.85 2.60 22.83
N ALA C 29 -9.90 2.13 22.18
CA ALA C 29 -9.83 1.77 20.77
C ALA C 29 -11.21 1.85 20.16
N THR C 30 -11.25 1.95 18.83
CA THR C 30 -12.49 2.04 18.08
C THR C 30 -12.51 0.99 16.98
N GLU C 31 -13.70 0.47 16.69
CA GLU C 31 -13.87 -0.51 15.64
C GLU C 31 -13.97 0.17 14.28
N LEU C 32 -13.24 -0.36 13.30
CA LEU C 32 -13.21 0.21 11.96
C LEU C 32 -13.96 -0.64 10.94
N VAL C 33 -14.69 -1.66 11.39
CA VAL C 33 -15.43 -2.54 10.49
C VAL C 33 -16.87 -2.61 10.97
N GLN C 34 -17.80 -2.29 10.07
CA GLN C 34 -19.23 -2.38 10.36
C GLN C 34 -19.70 -3.79 9.98
N SER C 35 -19.87 -4.64 10.99
CA SER C 35 -20.23 -6.04 10.78
C SER C 35 -21.68 -6.35 11.12
N SER C 36 -22.50 -5.33 11.33
CA SER C 36 -23.90 -5.52 11.70
C SER C 36 -24.78 -4.67 10.81
N SER C 37 -25.96 -5.21 10.49
CA SER C 37 -26.95 -4.53 9.66
C SER C 37 -28.28 -4.53 10.35
N THR C 38 -29.06 -3.46 10.16
CA THR C 38 -30.37 -3.35 10.80
C THR C 38 -31.38 -4.32 10.21
N GLY C 39 -31.08 -4.95 9.08
CA GLY C 39 -32.00 -5.88 8.47
C GLY C 39 -33.12 -5.26 7.67
N LYS C 40 -33.08 -3.95 7.44
CA LYS C 40 -34.15 -3.26 6.73
C LYS C 40 -33.54 -2.22 5.80
N ILE C 41 -34.31 -1.83 4.79
CA ILE C 41 -33.87 -0.92 3.75
C ILE C 41 -34.59 0.41 3.92
N CYS C 42 -33.83 1.50 3.95
CA CYS C 42 -34.39 2.84 4.10
C CYS C 42 -34.77 3.43 2.75
N ASN C 43 -35.80 4.27 2.75
CA ASN C 43 -36.29 4.89 1.53
C ASN C 43 -35.75 6.29 1.31
N ASN C 44 -34.84 6.75 2.17
CA ASN C 44 -34.23 8.06 2.02
C ASN C 44 -32.72 7.95 2.13
N PRO C 45 -31.98 8.78 1.39
CA PRO C 45 -32.43 9.79 0.44
C PRO C 45 -32.59 9.23 -0.97
N HIS C 46 -32.35 7.93 -1.14
CA HIS C 46 -32.46 7.31 -2.46
C HIS C 46 -33.89 6.83 -2.70
N ARG C 47 -34.36 7.05 -3.93
CA ARG C 47 -35.70 6.62 -4.34
C ARG C 47 -35.65 5.13 -4.65
N ILE C 48 -36.28 4.32 -3.81
CA ILE C 48 -36.17 2.87 -3.89
C ILE C 48 -37.52 2.28 -4.30
N LEU C 49 -37.49 1.42 -5.31
CA LEU C 49 -38.68 0.73 -5.80
C LEU C 49 -38.63 -0.73 -5.37
N ASP C 50 -39.80 -1.32 -5.20
CA ASP C 50 -39.94 -2.68 -4.71
C ASP C 50 -40.48 -3.57 -5.81
N GLY C 51 -39.92 -4.77 -5.94
CA GLY C 51 -40.33 -5.66 -7.01
C GLY C 51 -41.75 -6.16 -6.85
N ARG C 52 -42.03 -6.80 -5.71
CA ARG C 52 -43.36 -7.35 -5.42
C ARG C 52 -43.82 -8.29 -6.53
N ASP C 53 -43.06 -9.38 -6.69
CA ASP C 53 -43.30 -10.42 -7.68
C ASP C 53 -43.21 -9.89 -9.12
N CYS C 54 -42.38 -8.87 -9.35
CA CYS C 54 -42.19 -8.29 -10.68
C CYS C 54 -40.71 -8.08 -10.93
N THR C 55 -40.19 -8.74 -11.96
CA THR C 55 -38.82 -8.52 -12.38
C THR C 55 -38.72 -7.27 -13.25
N LEU C 56 -37.50 -6.76 -13.39
CA LEU C 56 -37.30 -5.55 -14.20
C LEU C 56 -37.69 -5.80 -15.65
N ILE C 57 -37.30 -6.95 -16.20
CA ILE C 57 -37.66 -7.28 -17.58
C ILE C 57 -39.17 -7.50 -17.69
N ASP C 58 -39.76 -8.16 -16.70
CA ASP C 58 -41.20 -8.38 -16.72
C ASP C 58 -41.97 -7.07 -16.66
N ALA C 59 -41.51 -6.13 -15.85
CA ALA C 59 -42.14 -4.80 -15.81
C ALA C 59 -41.90 -4.05 -17.11
N LEU C 60 -40.73 -4.21 -17.72
CA LEU C 60 -40.43 -3.54 -18.99
C LEU C 60 -41.37 -4.02 -20.10
N LEU C 61 -41.57 -5.34 -20.19
CA LEU C 61 -42.37 -5.88 -21.28
C LEU C 61 -43.85 -5.57 -21.11
N GLY C 62 -44.34 -5.48 -19.87
CA GLY C 62 -45.74 -5.20 -19.65
C GLY C 62 -46.56 -6.40 -19.23
N ASP C 63 -46.03 -7.19 -18.31
CA ASP C 63 -46.79 -8.29 -17.74
C ASP C 63 -48.06 -7.74 -17.08
N PRO C 64 -49.21 -8.37 -17.29
CA PRO C 64 -50.45 -7.87 -16.65
C PRO C 64 -50.31 -7.67 -15.14
N HIS C 65 -49.78 -8.68 -14.43
CA HIS C 65 -49.58 -8.53 -12.99
C HIS C 65 -48.50 -7.51 -12.66
N CYS C 66 -47.72 -7.06 -13.66
CA CYS C 66 -46.75 -5.99 -13.50
C CYS C 66 -47.32 -4.63 -13.89
N ASP C 67 -48.62 -4.55 -14.17
CA ASP C 67 -49.25 -3.36 -14.73
C ASP C 67 -49.19 -2.15 -13.81
N VAL C 68 -48.64 -2.30 -12.61
CA VAL C 68 -48.49 -1.17 -11.70
C VAL C 68 -47.17 -0.42 -11.93
N PHE C 69 -46.21 -1.05 -12.63
CA PHE C 69 -44.89 -0.46 -12.84
C PHE C 69 -44.80 0.31 -14.16
N GLN C 70 -45.90 0.88 -14.63
CA GLN C 70 -45.89 1.66 -15.87
C GLN C 70 -45.39 3.08 -15.60
N ASP C 71 -44.41 3.51 -16.38
CA ASP C 71 -43.86 4.87 -16.30
C ASP C 71 -43.40 5.21 -14.89
N GLU C 72 -42.69 4.28 -14.26
CA GLU C 72 -42.21 4.44 -12.90
C GLU C 72 -40.70 4.62 -12.90
N THR C 73 -40.22 5.61 -12.14
CA THR C 73 -38.81 5.91 -12.00
C THR C 73 -38.29 5.38 -10.68
N TRP C 74 -36.98 5.11 -10.63
CA TRP C 74 -36.37 4.60 -9.42
C TRP C 74 -34.89 4.94 -9.42
N ASP C 75 -34.30 4.92 -8.22
CA ASP C 75 -32.86 4.98 -8.06
C ASP C 75 -32.23 3.65 -7.70
N LEU C 76 -33.00 2.74 -7.09
CA LEU C 76 -32.56 1.37 -6.83
C LEU C 76 -33.76 0.46 -6.93
N TYR C 77 -33.75 -0.45 -7.90
CA TYR C 77 -34.82 -1.41 -8.08
C TYR C 77 -34.50 -2.66 -7.27
N VAL C 78 -35.41 -3.03 -6.37
CA VAL C 78 -35.20 -4.16 -5.47
C VAL C 78 -35.98 -5.34 -6.02
N GLU C 79 -35.27 -6.41 -6.38
CA GLU C 79 -35.90 -7.65 -6.80
C GLU C 79 -36.06 -8.57 -5.60
N ARG C 80 -37.19 -9.26 -5.55
CA ARG C 80 -37.47 -10.22 -4.50
C ARG C 80 -37.41 -11.64 -5.05
N SER C 81 -37.02 -12.58 -4.20
CA SER C 81 -36.89 -13.96 -4.61
C SER C 81 -38.23 -14.61 -4.95
N SER C 82 -39.34 -13.97 -4.62
CA SER C 82 -40.67 -14.46 -4.93
C SER C 82 -41.16 -14.03 -6.31
N ALA C 83 -40.32 -13.36 -7.09
CA ALA C 83 -40.72 -12.88 -8.40
C ALA C 83 -40.99 -14.05 -9.34
N PHE C 84 -42.00 -13.88 -10.20
CA PHE C 84 -42.37 -14.91 -11.15
C PHE C 84 -42.98 -14.26 -12.38
N SER C 85 -43.04 -15.02 -13.46
CA SER C 85 -43.60 -14.57 -14.73
C SER C 85 -44.94 -15.24 -14.97
N ASN C 86 -45.92 -14.46 -15.43
CA ASN C 86 -47.28 -14.95 -15.63
C ASN C 86 -47.80 -14.50 -17.00
N CYS C 87 -47.00 -14.71 -18.04
CA CYS C 87 -47.39 -14.36 -19.40
C CYS C 87 -46.85 -15.44 -20.34
N TYR C 88 -46.84 -15.13 -21.63
CA TYR C 88 -46.31 -16.05 -22.63
C TYR C 88 -44.85 -16.34 -22.32
N PRO C 89 -44.41 -17.60 -22.37
CA PRO C 89 -43.00 -17.91 -22.11
C PRO C 89 -42.08 -17.19 -23.07
N TYR C 90 -40.96 -16.70 -22.54
CA TYR C 90 -40.04 -15.89 -23.32
C TYR C 90 -38.63 -16.05 -22.77
N ASP C 91 -37.66 -15.65 -23.58
CA ASP C 91 -36.27 -15.63 -23.17
C ASP C 91 -35.56 -14.42 -23.79
N VAL C 92 -34.55 -13.92 -23.08
CA VAL C 92 -33.71 -12.84 -23.61
C VAL C 92 -32.32 -13.41 -23.84
N PRO C 93 -31.84 -13.47 -25.10
CA PRO C 93 -30.49 -13.97 -25.38
C PRO C 93 -29.43 -13.40 -24.45
N ASP C 94 -29.40 -12.09 -24.31
CA ASP C 94 -28.53 -11.41 -23.35
C ASP C 94 -29.43 -10.80 -22.27
N TYR C 95 -29.78 -11.61 -21.27
CA TYR C 95 -30.66 -11.16 -20.21
C TYR C 95 -29.97 -10.19 -19.27
N ALA C 96 -28.72 -10.50 -18.87
CA ALA C 96 -28.00 -9.63 -17.96
C ALA C 96 -27.72 -8.28 -18.57
N SER C 97 -27.39 -8.25 -19.86
CA SER C 97 -27.13 -7.00 -20.55
C SER C 97 -28.36 -6.10 -20.55
N LEU C 98 -29.52 -6.66 -20.90
CA LEU C 98 -30.74 -5.87 -20.92
C LEU C 98 -31.13 -5.42 -19.52
N ARG C 99 -30.97 -6.29 -18.52
CA ARG C 99 -31.28 -5.90 -17.16
C ARG C 99 -30.39 -4.74 -16.70
N SER C 100 -29.08 -4.82 -17.00
CA SER C 100 -28.18 -3.73 -16.66
C SER C 100 -28.54 -2.45 -17.39
N LEU C 101 -28.90 -2.55 -18.67
CA LEU C 101 -29.30 -1.37 -19.44
C LEU C 101 -30.50 -0.69 -18.79
N VAL C 102 -31.55 -1.46 -18.49
CA VAL C 102 -32.76 -0.87 -17.92
C VAL C 102 -32.48 -0.31 -16.53
N ALA C 103 -31.67 -1.02 -15.74
CA ALA C 103 -31.37 -0.57 -14.39
C ALA C 103 -30.59 0.75 -14.42
N SER C 104 -29.61 0.85 -15.32
CA SER C 104 -28.84 2.09 -15.41
C SER C 104 -29.67 3.23 -15.98
N SER C 105 -30.60 2.94 -16.89
CA SER C 105 -31.47 3.98 -17.42
C SER C 105 -32.33 4.60 -16.32
N GLY C 106 -32.95 3.76 -15.49
CA GLY C 106 -33.66 4.22 -14.33
C GLY C 106 -35.10 4.64 -14.56
N THR C 107 -35.57 4.66 -15.81
CA THR C 107 -36.91 5.11 -16.12
C THR C 107 -37.59 4.11 -17.03
N LEU C 108 -38.75 3.61 -16.61
CA LEU C 108 -39.60 2.78 -17.46
C LEU C 108 -40.63 3.63 -18.21
N GLU C 109 -40.16 4.70 -18.86
CA GLU C 109 -41.05 5.66 -19.51
C GLU C 109 -41.29 5.20 -20.94
N PHE C 110 -42.53 4.87 -21.26
CA PHE C 110 -42.92 4.36 -22.56
C PHE C 110 -43.69 5.43 -23.33
N ILE C 111 -43.19 5.78 -24.52
CA ILE C 111 -43.86 6.72 -25.40
C ILE C 111 -44.29 5.95 -26.64
N THR C 112 -45.59 6.01 -26.95
CA THR C 112 -46.15 5.28 -28.08
C THR C 112 -46.03 6.10 -29.36
N GLU C 113 -45.56 5.44 -30.42
CA GLU C 113 -45.45 6.06 -31.73
C GLU C 113 -46.48 5.43 -32.68
N GLY C 114 -46.72 6.12 -33.79
CA GLY C 114 -47.70 5.67 -34.75
C GLY C 114 -47.18 4.64 -35.72
N PHE C 115 -46.85 3.46 -35.22
CA PHE C 115 -46.43 2.36 -36.09
C PHE C 115 -47.59 1.90 -36.96
N THR C 116 -47.33 1.77 -38.25
CA THR C 116 -48.34 1.34 -39.21
C THR C 116 -47.99 -0.05 -39.72
N TRP C 117 -48.91 -1.00 -39.50
CA TRP C 117 -48.73 -2.39 -39.93
C TRP C 117 -49.90 -2.74 -40.83
N THR C 118 -49.68 -2.69 -42.15
CA THR C 118 -50.74 -2.89 -43.12
C THR C 118 -50.80 -4.35 -43.56
N GLY C 119 -51.98 -4.93 -43.52
CA GLY C 119 -52.19 -6.29 -43.96
C GLY C 119 -52.04 -7.37 -42.90
N VAL C 120 -51.91 -6.98 -41.63
CA VAL C 120 -51.75 -7.94 -40.55
C VAL C 120 -52.73 -7.59 -39.43
N THR C 121 -53.09 -8.60 -38.65
CA THR C 121 -53.99 -8.43 -37.51
C THR C 121 -53.15 -8.08 -36.28
N GLN C 122 -53.49 -6.96 -35.64
CA GLN C 122 -52.76 -6.50 -34.47
C GLN C 122 -53.42 -7.00 -33.19
N ASN C 123 -52.76 -6.71 -32.07
CA ASN C 123 -53.29 -7.01 -30.74
C ASN C 123 -53.58 -8.50 -30.57
N GLY C 124 -52.58 -9.32 -30.83
CA GLY C 124 -52.69 -10.75 -30.59
C GLY C 124 -52.58 -11.07 -29.11
N GLY C 125 -52.84 -12.33 -28.79
CA GLY C 125 -52.80 -12.75 -27.40
C GLY C 125 -52.79 -14.26 -27.28
N SER C 126 -52.75 -14.72 -26.04
CA SER C 126 -52.72 -16.14 -25.74
C SER C 126 -53.34 -16.38 -24.37
N ASN C 127 -53.77 -17.62 -24.15
CA ASN C 127 -54.37 -17.99 -22.88
C ASN C 127 -53.35 -18.09 -21.74
N ALA C 128 -52.06 -18.01 -22.04
CA ALA C 128 -51.03 -18.04 -21.02
C ALA C 128 -50.78 -16.67 -20.40
N CYS C 129 -51.44 -15.63 -20.90
CA CYS C 129 -51.28 -14.26 -20.41
C CYS C 129 -52.64 -13.63 -20.15
N LYS C 130 -53.48 -14.36 -19.41
CA LYS C 130 -54.84 -13.92 -19.16
C LYS C 130 -54.86 -12.58 -18.43
N ARG C 131 -55.40 -11.56 -19.09
CA ARG C 131 -55.55 -10.23 -18.49
C ARG C 131 -57.02 -10.07 -18.09
N GLY C 132 -57.33 -10.59 -16.90
CA GLY C 132 -58.69 -10.58 -16.40
C GLY C 132 -59.44 -11.83 -16.81
N PRO C 133 -60.66 -11.66 -17.31
CA PRO C 133 -61.44 -12.83 -17.75
C PRO C 133 -61.13 -13.29 -19.16
N ALA C 134 -60.35 -12.53 -19.92
CA ALA C 134 -60.03 -12.85 -21.30
C ALA C 134 -58.53 -13.12 -21.45
N SER C 135 -58.11 -13.34 -22.69
CA SER C 135 -56.72 -13.63 -23.00
C SER C 135 -56.02 -12.37 -23.48
N GLY C 136 -54.80 -12.14 -23.01
CA GLY C 136 -54.08 -10.94 -23.36
C GLY C 136 -52.64 -11.16 -23.74
N PHE C 137 -51.83 -10.09 -23.69
CA PHE C 137 -50.44 -10.14 -24.08
C PHE C 137 -49.69 -9.05 -23.32
N PHE C 138 -48.40 -8.92 -23.59
CA PHE C 138 -47.62 -7.85 -22.99
C PHE C 138 -48.15 -6.50 -23.46
N SER C 139 -48.17 -5.54 -22.53
CA SER C 139 -48.73 -4.22 -22.84
C SER C 139 -47.85 -3.44 -23.80
N ARG C 140 -46.54 -3.66 -23.77
CA ARG C 140 -45.60 -2.92 -24.59
C ARG C 140 -45.19 -3.69 -25.84
N LEU C 141 -45.85 -4.79 -26.15
CA LEU C 141 -45.56 -5.56 -27.36
C LEU C 141 -46.86 -5.74 -28.15
N ASN C 142 -46.71 -5.98 -29.44
CA ASN C 142 -47.83 -6.12 -30.36
C ASN C 142 -47.61 -7.39 -31.19
N TRP C 143 -48.48 -8.38 -31.01
CA TRP C 143 -48.38 -9.64 -31.73
C TRP C 143 -49.09 -9.47 -33.07
N LEU C 144 -48.32 -9.35 -34.15
CA LEU C 144 -48.88 -9.22 -35.47
C LEU C 144 -49.17 -10.61 -36.05
N THR C 145 -50.40 -10.80 -36.50
CA THR C 145 -50.87 -12.07 -37.03
C THR C 145 -51.51 -11.81 -38.39
N LYS C 146 -51.47 -12.82 -39.26
CA LYS C 146 -52.04 -12.69 -40.59
C LYS C 146 -53.46 -12.14 -40.54
N SER C 147 -53.79 -11.29 -41.50
CA SER C 147 -55.12 -10.69 -41.62
C SER C 147 -55.80 -11.34 -42.82
N GLY C 148 -56.79 -12.19 -42.55
CA GLY C 148 -57.43 -12.95 -43.61
C GLY C 148 -56.66 -14.21 -43.94
N SER C 149 -55.94 -14.21 -45.07
CA SER C 149 -55.14 -15.36 -45.45
C SER C 149 -53.81 -14.95 -46.05
N ALA C 150 -53.33 -13.75 -45.72
CA ALA C 150 -52.08 -13.25 -46.26
C ALA C 150 -51.31 -12.49 -45.19
N TYR C 151 -49.99 -12.68 -45.17
CA TYR C 151 -49.09 -11.94 -44.28
C TYR C 151 -48.06 -11.23 -45.14
N PRO C 152 -48.24 -9.93 -45.42
CA PRO C 152 -47.31 -9.23 -46.30
C PRO C 152 -45.98 -8.97 -45.59
N VAL C 153 -44.97 -8.64 -46.40
CA VAL C 153 -43.66 -8.28 -45.89
C VAL C 153 -43.78 -6.88 -45.30
N LEU C 154 -43.62 -6.77 -43.98
CA LEU C 154 -43.80 -5.51 -43.29
C LEU C 154 -42.48 -4.73 -43.32
N ASN C 155 -42.50 -3.57 -43.96
CA ASN C 155 -41.32 -2.71 -44.08
C ASN C 155 -41.69 -1.34 -43.53
N VAL C 156 -41.39 -1.11 -42.25
CA VAL C 156 -41.73 0.14 -41.59
C VAL C 156 -40.46 0.87 -41.20
N THR C 157 -40.56 2.20 -41.11
CA THR C 157 -39.44 3.06 -40.78
C THR C 157 -39.90 4.18 -39.88
N MET C 158 -39.02 4.60 -38.97
CA MET C 158 -39.32 5.73 -38.10
C MET C 158 -38.04 6.37 -37.59
N PRO C 159 -37.88 7.68 -37.75
CA PRO C 159 -36.60 8.33 -37.44
C PRO C 159 -36.54 8.83 -36.00
N ASN C 160 -35.39 9.40 -35.67
CA ASN C 160 -35.14 10.06 -34.39
C ASN C 160 -34.95 11.55 -34.66
N ASN C 161 -36.04 12.31 -34.60
CA ASN C 161 -35.97 13.76 -34.73
C ASN C 161 -35.78 14.45 -33.38
N ASP C 162 -35.70 13.68 -32.30
CA ASP C 162 -35.49 14.24 -30.97
C ASP C 162 -33.99 14.27 -30.67
N ASN C 163 -33.64 14.53 -29.42
CA ASN C 163 -32.24 14.61 -29.00
C ASN C 163 -31.94 13.65 -27.86
N PHE C 164 -32.66 12.54 -27.77
CA PHE C 164 -32.41 11.51 -26.77
C PHE C 164 -32.48 10.14 -27.42
N ASP C 165 -31.73 9.20 -26.87
CA ASP C 165 -31.71 7.84 -27.39
C ASP C 165 -33.03 7.13 -27.09
N LYS C 166 -33.44 6.26 -28.01
CA LYS C 166 -34.64 5.46 -27.85
C LYS C 166 -34.27 4.00 -27.72
N LEU C 167 -34.99 3.28 -26.87
CA LEU C 167 -34.79 1.85 -26.67
C LEU C 167 -36.03 1.12 -27.16
N TYR C 168 -35.91 0.42 -28.28
CA TYR C 168 -37.00 -0.33 -28.87
C TYR C 168 -36.84 -1.80 -28.49
N VAL C 169 -37.85 -2.35 -27.81
CA VAL C 169 -37.85 -3.75 -27.40
C VAL C 169 -38.85 -4.48 -28.26
N TRP C 170 -38.38 -5.49 -29.00
CA TRP C 170 -39.21 -6.28 -29.90
C TRP C 170 -38.95 -7.75 -29.63
N GLY C 171 -39.67 -8.61 -30.35
CA GLY C 171 -39.54 -10.04 -30.15
C GLY C 171 -39.75 -10.83 -31.42
N VAL C 172 -39.19 -12.04 -31.42
CA VAL C 172 -39.36 -13.01 -32.49
C VAL C 172 -40.01 -14.25 -31.90
N HIS C 173 -41.08 -14.72 -32.54
CA HIS C 173 -41.87 -15.83 -32.00
C HIS C 173 -41.38 -17.14 -32.61
N HIS C 174 -41.04 -18.10 -31.75
CA HIS C 174 -40.70 -19.45 -32.19
C HIS C 174 -41.89 -20.35 -31.91
N PRO C 175 -42.62 -20.80 -32.93
CA PRO C 175 -43.79 -21.64 -32.70
C PRO C 175 -43.41 -23.08 -32.38
N SER C 176 -44.39 -23.82 -31.89
CA SER C 176 -44.17 -25.21 -31.50
C SER C 176 -44.12 -26.13 -32.72
N THR C 177 -44.96 -25.89 -33.73
CA THR C 177 -45.06 -26.78 -34.87
C THR C 177 -45.22 -25.96 -36.14
N ASN C 178 -45.01 -26.64 -37.28
CA ASN C 178 -45.15 -25.99 -38.57
C ASN C 178 -46.59 -25.59 -38.85
N GLN C 179 -47.55 -26.37 -38.36
CA GLN C 179 -48.96 -26.03 -38.55
C GLN C 179 -49.29 -24.69 -37.88
N GLU C 180 -48.77 -24.46 -36.68
CA GLU C 180 -48.99 -23.18 -36.01
C GLU C 180 -48.34 -22.05 -36.79
N GLN C 181 -47.15 -22.27 -37.33
CA GLN C 181 -46.48 -21.23 -38.10
C GLN C 181 -47.29 -20.87 -39.34
N THR C 182 -47.82 -21.87 -40.04
CA THR C 182 -48.64 -21.58 -41.22
C THR C 182 -49.96 -20.93 -40.85
N ASN C 183 -50.55 -21.32 -39.71
CA ASN C 183 -51.84 -20.76 -39.31
C ASN C 183 -51.71 -19.35 -38.76
N LEU C 184 -50.52 -18.95 -38.31
CA LEU C 184 -50.33 -17.61 -37.77
C LEU C 184 -49.65 -16.64 -38.72
N TYR C 185 -48.73 -17.11 -39.56
CA TYR C 185 -47.91 -16.22 -40.37
C TYR C 185 -47.86 -16.62 -41.84
N VAL C 186 -48.72 -17.55 -42.28
CA VAL C 186 -48.82 -17.97 -43.68
C VAL C 186 -47.52 -18.60 -44.16
N GLN C 187 -46.44 -17.82 -44.16
CA GLN C 187 -45.18 -18.28 -44.71
C GLN C 187 -44.64 -19.47 -43.90
N ALA C 188 -44.00 -20.40 -44.61
CA ALA C 188 -43.43 -21.56 -43.96
C ALA C 188 -42.28 -21.20 -43.03
N SER C 189 -41.43 -20.26 -43.44
CA SER C 189 -40.29 -19.82 -42.64
C SER C 189 -40.33 -18.31 -42.51
N GLY C 190 -40.22 -17.82 -41.28
CA GLY C 190 -40.23 -16.40 -41.02
C GLY C 190 -38.84 -15.79 -41.02
N ARG C 191 -38.81 -14.47 -40.79
CA ARG C 191 -37.57 -13.70 -40.74
C ARG C 191 -37.91 -12.31 -40.21
N VAL C 192 -37.08 -11.80 -39.30
CA VAL C 192 -37.26 -10.47 -38.76
C VAL C 192 -35.92 -9.76 -38.72
N THR C 193 -35.80 -8.63 -39.41
CA THR C 193 -34.59 -7.81 -39.34
C THR C 193 -34.96 -6.42 -38.85
N VAL C 194 -34.16 -5.91 -37.93
CA VAL C 194 -34.33 -4.56 -37.38
C VAL C 194 -32.98 -3.86 -37.50
N SER C 195 -32.96 -2.74 -38.21
CA SER C 195 -31.70 -2.12 -38.57
C SER C 195 -31.74 -0.61 -38.34
N THR C 196 -30.55 -0.05 -38.12
CA THR C 196 -30.31 1.38 -38.08
C THR C 196 -29.23 1.71 -39.12
N ARG C 197 -28.79 2.97 -39.13
CA ARG C 197 -27.74 3.37 -40.06
C ARG C 197 -26.38 2.80 -39.70
N ARG C 198 -26.22 2.21 -38.52
CA ARG C 198 -24.92 1.72 -38.08
C ARG C 198 -24.93 0.29 -37.56
N SER C 199 -26.10 -0.31 -37.32
CA SER C 199 -26.16 -1.66 -36.79
C SER C 199 -27.43 -2.34 -37.30
N GLN C 200 -27.42 -3.67 -37.27
CA GLN C 200 -28.57 -4.45 -37.70
C GLN C 200 -28.63 -5.74 -36.90
N GLN C 201 -29.83 -6.28 -36.77
CA GLN C 201 -30.07 -7.56 -36.11
C GLN C 201 -31.07 -8.34 -36.94
N THR C 202 -30.67 -9.51 -37.44
CA THR C 202 -31.53 -10.36 -38.24
C THR C 202 -31.70 -11.70 -37.54
N ILE C 203 -32.95 -12.09 -37.33
CA ILE C 203 -33.29 -13.30 -36.60
C ILE C 203 -34.18 -14.16 -37.47
N ILE C 204 -33.82 -15.44 -37.60
CA ILE C 204 -34.60 -16.44 -38.29
C ILE C 204 -35.27 -17.32 -37.24
N PRO C 205 -36.60 -17.36 -37.17
CA PRO C 205 -37.26 -18.17 -36.14
C PRO C 205 -37.03 -19.66 -36.37
N ASN C 206 -37.11 -20.40 -35.26
CA ASN C 206 -36.85 -21.84 -35.26
C ASN C 206 -38.06 -22.58 -34.70
N ILE C 207 -38.49 -23.61 -35.42
CA ILE C 207 -39.67 -24.38 -35.03
C ILE C 207 -39.23 -25.59 -34.22
N GLY C 208 -39.84 -25.79 -33.06
CA GLY C 208 -39.52 -26.94 -32.23
C GLY C 208 -40.45 -26.98 -31.04
N SER C 209 -40.47 -28.15 -30.41
CA SER C 209 -41.34 -28.39 -29.25
C SER C 209 -40.54 -28.13 -27.98
N ARG C 210 -40.86 -27.05 -27.30
CA ARG C 210 -40.25 -26.70 -26.02
C ARG C 210 -41.11 -27.21 -24.87
N PRO C 211 -40.56 -27.30 -23.67
CA PRO C 211 -41.34 -27.80 -22.53
C PRO C 211 -42.60 -26.99 -22.30
N TRP C 212 -43.66 -27.70 -21.91
CA TRP C 212 -44.94 -27.08 -21.61
C TRP C 212 -44.81 -26.04 -20.50
N VAL C 213 -45.18 -24.80 -20.80
CA VAL C 213 -45.16 -23.71 -19.83
C VAL C 213 -46.43 -22.90 -20.01
N ARG C 214 -47.35 -23.00 -19.05
CA ARG C 214 -48.60 -22.24 -19.04
C ARG C 214 -49.44 -22.48 -20.28
N GLY C 215 -49.33 -23.67 -20.87
CA GLY C 215 -50.16 -24.07 -21.99
C GLY C 215 -49.53 -23.92 -23.35
N GLN C 216 -48.41 -23.19 -23.45
CA GLN C 216 -47.79 -22.91 -24.73
C GLN C 216 -46.43 -23.57 -24.81
N SER C 217 -46.18 -24.28 -25.91
N SER C 217 -46.18 -24.28 -25.91
CA SER C 217 -44.89 -24.91 -26.17
CA SER C 217 -44.89 -24.91 -26.16
C SER C 217 -43.97 -24.04 -27.01
C SER C 217 -43.97 -24.05 -27.02
N GLY C 218 -44.41 -22.85 -27.40
N GLY C 218 -44.41 -22.85 -27.40
CA GLY C 218 -43.58 -21.93 -28.14
CA GLY C 218 -43.58 -21.93 -28.14
C GLY C 218 -42.86 -20.94 -27.23
C GLY C 218 -42.85 -20.96 -27.23
N ARG C 219 -41.98 -20.16 -27.84
CA ARG C 219 -41.16 -19.20 -27.11
C ARG C 219 -41.19 -17.85 -27.81
N ILE C 220 -40.72 -16.83 -27.10
CA ILE C 220 -40.53 -15.49 -27.66
C ILE C 220 -39.14 -15.02 -27.28
N SER C 221 -38.31 -14.73 -28.28
CA SER C 221 -36.97 -14.21 -28.06
C SER C 221 -37.02 -12.70 -28.10
N ILE C 222 -36.62 -12.05 -27.01
CA ILE C 222 -36.72 -10.60 -26.85
C ILE C 222 -35.40 -9.97 -27.24
N TYR C 223 -35.45 -8.97 -28.12
CA TYR C 223 -34.27 -8.23 -28.54
C TYR C 223 -34.54 -6.75 -28.35
N TRP C 224 -33.44 -5.98 -28.28
CA TRP C 224 -33.54 -4.54 -28.08
C TRP C 224 -32.61 -3.83 -29.07
N THR C 225 -33.00 -2.62 -29.45
CA THR C 225 -32.22 -1.78 -30.33
C THR C 225 -32.19 -0.36 -29.78
N ILE C 226 -31.04 0.28 -29.87
CA ILE C 226 -30.85 1.64 -29.38
C ILE C 226 -30.72 2.56 -30.59
N VAL C 227 -31.57 3.58 -30.64
CA VAL C 227 -31.59 4.55 -31.73
C VAL C 227 -31.02 5.86 -31.20
N LYS C 228 -29.91 6.31 -31.80
CA LYS C 228 -29.27 7.56 -31.45
C LYS C 228 -29.96 8.72 -32.17
N PRO C 229 -29.76 9.95 -31.71
CA PRO C 229 -30.29 11.10 -32.45
C PRO C 229 -29.73 11.14 -33.86
N GLY C 230 -30.59 11.48 -34.82
CA GLY C 230 -30.23 11.48 -36.21
C GLY C 230 -30.29 10.13 -36.88
N ASP C 231 -30.66 9.08 -36.17
CA ASP C 231 -30.76 7.74 -36.71
C ASP C 231 -32.23 7.40 -37.01
N VAL C 232 -32.42 6.27 -37.67
CA VAL C 232 -33.77 5.82 -38.05
C VAL C 232 -33.84 4.31 -37.85
N LEU C 233 -34.94 3.85 -37.24
CA LEU C 233 -35.19 2.43 -37.05
C LEU C 233 -36.02 1.90 -38.21
N VAL C 234 -35.57 0.81 -38.82
CA VAL C 234 -36.29 0.17 -39.91
C VAL C 234 -36.54 -1.29 -39.52
N ILE C 235 -37.79 -1.71 -39.60
CA ILE C 235 -38.20 -3.07 -39.29
C ILE C 235 -38.72 -3.72 -40.57
N ASN C 236 -38.09 -4.81 -40.98
CA ASN C 236 -38.52 -5.58 -42.15
C ASN C 236 -38.75 -7.01 -41.69
N SER C 237 -40.00 -7.46 -41.77
CA SER C 237 -40.39 -8.76 -41.26
C SER C 237 -41.18 -9.52 -42.32
N ASN C 238 -40.71 -10.72 -42.65
CA ASN C 238 -41.50 -11.66 -43.43
C ASN C 238 -42.56 -12.32 -42.56
N GLY C 239 -42.26 -12.57 -41.30
CA GLY C 239 -43.21 -13.15 -40.37
C GLY C 239 -42.56 -13.33 -39.01
N ASN C 240 -43.39 -13.79 -38.07
CA ASN C 240 -42.94 -14.10 -36.71
C ASN C 240 -42.34 -12.87 -36.02
N LEU C 241 -43.07 -11.76 -36.05
CA LEU C 241 -42.60 -10.50 -35.49
C LEU C 241 -43.50 -10.10 -34.32
N ILE C 242 -42.89 -9.88 -33.16
CA ILE C 242 -43.57 -9.28 -32.01
C ILE C 242 -43.11 -7.83 -31.99
N ALA C 243 -43.89 -6.98 -32.65
CA ALA C 243 -43.48 -5.61 -32.89
C ALA C 243 -43.52 -4.77 -31.61
N PRO C 244 -42.76 -3.68 -31.55
CA PRO C 244 -42.88 -2.75 -30.43
C PRO C 244 -44.00 -1.76 -30.65
N ARG C 245 -44.64 -1.38 -29.54
CA ARG C 245 -45.69 -0.38 -29.56
C ARG C 245 -45.15 1.04 -29.39
N GLY C 246 -43.86 1.20 -29.13
CA GLY C 246 -43.27 2.50 -28.90
C GLY C 246 -41.82 2.41 -28.49
N TYR C 247 -41.35 3.35 -27.68
CA TYR C 247 -39.96 3.34 -27.24
C TYR C 247 -39.87 3.70 -25.77
N PHE C 248 -38.78 3.23 -25.14
CA PHE C 248 -38.44 3.60 -23.78
C PHE C 248 -37.37 4.69 -23.81
N LYS C 249 -37.60 5.76 -23.06
CA LYS C 249 -36.63 6.85 -23.00
C LYS C 249 -35.46 6.43 -22.12
N MET C 250 -34.25 6.50 -22.67
CA MET C 250 -33.05 6.14 -21.94
C MET C 250 -32.47 7.38 -21.25
N ARG C 251 -31.81 7.14 -20.11
CA ARG C 251 -31.27 8.21 -19.31
C ARG C 251 -29.94 7.76 -18.71
N THR C 252 -29.06 8.73 -18.46
CA THR C 252 -27.78 8.48 -17.81
C THR C 252 -27.85 9.03 -16.39
N GLY C 253 -27.73 8.14 -15.41
CA GLY C 253 -27.84 8.54 -14.03
C GLY C 253 -27.16 7.57 -13.10
N LYS C 254 -27.57 7.61 -11.84
CA LYS C 254 -27.00 6.78 -10.78
C LYS C 254 -27.90 5.62 -10.40
N SER C 255 -28.91 5.32 -11.22
CA SER C 255 -29.82 4.23 -10.91
C SER C 255 -29.14 2.88 -11.04
N SER C 256 -29.62 1.92 -10.27
CA SER C 256 -29.03 0.59 -10.25
C SER C 256 -30.10 -0.43 -9.87
N ILE C 257 -29.66 -1.67 -9.64
CA ILE C 257 -30.55 -2.79 -9.35
C ILE C 257 -29.94 -3.59 -8.19
N MET C 258 -30.81 -4.29 -7.46
CA MET C 258 -30.37 -5.07 -6.32
C MET C 258 -31.34 -6.22 -6.09
N ARG C 259 -30.81 -7.36 -5.66
CA ARG C 259 -31.59 -8.53 -5.29
C ARG C 259 -31.56 -8.67 -3.77
N SER C 260 -32.73 -8.58 -3.14
CA SER C 260 -32.79 -8.65 -1.69
C SER C 260 -34.21 -9.00 -1.26
N ASP C 261 -34.33 -9.74 -0.16
CA ASP C 261 -35.61 -10.06 0.44
C ASP C 261 -35.84 -9.27 1.73
N ALA C 262 -35.01 -8.26 1.99
CA ALA C 262 -35.14 -7.45 3.20
C ALA C 262 -36.33 -6.50 3.07
N PRO C 263 -37.00 -6.21 4.20
CA PRO C 263 -38.12 -5.27 4.16
C PRO C 263 -37.64 -3.85 3.96
N ILE C 264 -38.60 -2.95 3.73
CA ILE C 264 -38.36 -1.53 3.53
C ILE C 264 -39.10 -0.77 4.62
N ASP C 265 -38.38 0.13 5.31
CA ASP C 265 -38.94 0.86 6.43
C ASP C 265 -38.58 2.33 6.31
N THR C 266 -39.38 3.17 6.97
CA THR C 266 -39.20 4.62 6.93
C THR C 266 -37.99 5.00 7.78
N CYS C 267 -36.90 5.34 7.11
CA CYS C 267 -35.67 5.76 7.78
C CYS C 267 -34.78 6.44 6.75
N ILE C 268 -33.60 6.87 7.19
CA ILE C 268 -32.63 7.55 6.34
C ILE C 268 -31.31 6.81 6.41
N SER C 269 -30.77 6.44 5.24
CA SER C 269 -29.48 5.76 5.19
C SER C 269 -28.90 5.96 3.80
N GLU C 270 -27.61 6.29 3.75
CA GLU C 270 -26.91 6.55 2.49
C GLU C 270 -26.31 5.30 1.86
N CYS C 271 -26.22 4.20 2.61
CA CYS C 271 -25.64 2.97 2.12
C CYS C 271 -26.69 1.87 2.16
N ILE C 272 -26.82 1.14 1.05
CA ILE C 272 -27.82 0.09 0.92
C ILE C 272 -27.11 -1.22 0.63
N THR C 273 -27.46 -2.26 1.40
CA THR C 273 -26.92 -3.60 1.27
C THR C 273 -28.07 -4.59 1.28
N PRO C 274 -27.96 -5.69 0.52
CA PRO C 274 -29.07 -6.66 0.48
C PRO C 274 -29.47 -7.19 1.85
N ASN C 275 -28.53 -7.30 2.79
CA ASN C 275 -28.86 -7.65 4.15
C ASN C 275 -29.54 -6.51 4.90
N GLY C 276 -29.58 -5.32 4.32
CA GLY C 276 -30.18 -4.17 4.95
C GLY C 276 -29.26 -2.96 4.93
N SER C 277 -29.86 -1.81 5.19
CA SER C 277 -29.10 -0.56 5.24
C SER C 277 -28.11 -0.61 6.40
N ILE C 278 -26.89 -0.17 6.13
CA ILE C 278 -25.83 -0.17 7.15
C ILE C 278 -25.31 1.24 7.34
N PRO C 279 -24.88 1.60 8.55
CA PRO C 279 -24.28 2.93 8.75
C PRO C 279 -22.97 3.08 7.99
N ASN C 280 -22.69 4.32 7.58
CA ASN C 280 -21.52 4.61 6.76
C ASN C 280 -20.47 5.44 7.49
N ASP C 281 -20.48 5.42 8.82
CA ASP C 281 -19.47 6.18 9.57
C ASP C 281 -18.11 5.50 9.52
N LYS C 282 -18.08 4.17 9.60
CA LYS C 282 -16.83 3.42 9.56
C LYS C 282 -16.30 3.31 8.14
N PRO C 283 -14.98 3.23 7.96
CA PRO C 283 -14.43 3.14 6.60
C PRO C 283 -14.53 1.76 5.99
N PHE C 284 -14.77 0.71 6.77
CA PHE C 284 -14.82 -0.65 6.26
C PHE C 284 -16.06 -1.35 6.82
N GLN C 285 -16.51 -2.37 6.10
CA GLN C 285 -17.66 -3.16 6.51
C GLN C 285 -17.44 -4.61 6.13
N ASN C 286 -18.14 -5.50 6.82
CA ASN C 286 -18.09 -6.93 6.58
C ASN C 286 -19.50 -7.52 6.52
N VAL C 287 -20.38 -6.86 5.77
CA VAL C 287 -21.77 -7.30 5.67
C VAL C 287 -21.97 -7.99 4.32
N ASN C 288 -21.76 -7.25 3.23
CA ASN C 288 -21.95 -7.79 1.89
C ASN C 288 -21.08 -7.01 0.91
N LYS C 289 -20.71 -7.66 -0.18
CA LYS C 289 -19.87 -7.04 -1.23
C LYS C 289 -20.75 -6.20 -2.16
N ILE C 290 -22.04 -6.50 -2.20
CA ILE C 290 -22.96 -5.75 -3.04
C ILE C 290 -23.44 -4.55 -2.25
N THR C 291 -23.05 -3.35 -2.68
CA THR C 291 -23.39 -2.12 -1.98
C THR C 291 -23.89 -1.08 -2.97
N TYR C 292 -24.76 -0.19 -2.49
CA TYR C 292 -25.27 0.91 -3.29
C TYR C 292 -25.14 2.20 -2.48
N GLY C 293 -24.63 3.24 -3.11
CA GLY C 293 -24.46 4.53 -2.48
C GLY C 293 -23.09 4.68 -1.83
N ALA C 294 -22.99 5.69 -0.97
CA ALA C 294 -21.78 5.95 -0.22
C ALA C 294 -21.63 4.86 0.84
N CYS C 295 -20.77 3.89 0.57
CA CYS C 295 -20.66 2.71 1.41
C CYS C 295 -19.22 2.45 1.80
N PRO C 296 -18.99 1.85 2.96
CA PRO C 296 -17.63 1.44 3.32
C PRO C 296 -17.15 0.29 2.46
N LYS C 297 -15.82 0.17 2.38
CA LYS C 297 -15.20 -0.87 1.57
C LYS C 297 -15.32 -2.22 2.25
N TYR C 298 -15.76 -3.22 1.51
CA TYR C 298 -15.90 -4.57 2.05
C TYR C 298 -14.53 -5.20 2.25
N VAL C 299 -14.32 -5.78 3.43
CA VAL C 299 -13.06 -6.45 3.76
C VAL C 299 -13.39 -7.80 4.40
N LYS C 300 -12.44 -8.74 4.29
CA LYS C 300 -12.64 -10.06 4.85
C LYS C 300 -12.53 -10.08 6.37
N GLN C 301 -11.81 -9.13 6.95
CA GLN C 301 -11.62 -9.12 8.40
C GLN C 301 -12.93 -8.79 9.11
N SER C 302 -13.25 -9.57 10.14
CA SER C 302 -14.46 -9.33 10.91
C SER C 302 -14.31 -8.14 11.85
N THR C 303 -13.13 -7.94 12.43
CA THR C 303 -12.89 -6.84 13.34
C THR C 303 -11.55 -6.19 13.03
N LEU C 304 -11.49 -4.88 13.24
CA LEU C 304 -10.27 -4.11 13.06
C LEU C 304 -10.30 -2.94 14.05
N LYS C 305 -9.38 -2.95 15.01
CA LYS C 305 -9.39 -1.99 16.11
C LYS C 305 -8.27 -0.98 15.91
N LEU C 306 -8.63 0.31 16.00
CA LEU C 306 -7.69 1.41 15.91
C LEU C 306 -7.51 2.03 17.29
N ALA C 307 -6.26 2.20 17.70
CA ALA C 307 -5.95 2.66 19.04
C ALA C 307 -6.17 4.16 19.15
N THR C 308 -7.17 4.56 19.91
CA THR C 308 -7.44 5.96 20.20
C THR C 308 -6.68 6.47 21.42
N GLY C 309 -6.20 5.56 22.28
CA GLY C 309 -5.47 5.96 23.46
C GLY C 309 -4.03 5.49 23.46
N MET C 310 -3.41 5.46 24.64
CA MET C 310 -2.02 5.08 24.78
C MET C 310 -1.91 3.66 25.31
N ARG C 311 -0.67 3.25 25.59
CA ARG C 311 -0.41 1.93 26.16
C ARG C 311 -1.01 1.83 27.55
N ASN C 312 -1.43 0.62 27.92
CA ASN C 312 -2.09 0.36 29.20
C ASN C 312 -1.17 -0.49 30.05
N VAL C 313 -0.60 0.11 31.09
CA VAL C 313 0.25 -0.60 32.05
C VAL C 313 -0.37 -0.43 33.44
N PRO C 314 -1.25 -1.32 33.86
CA PRO C 314 -1.97 -1.12 35.12
C PRO C 314 -1.12 -1.53 36.32
N GLU C 315 -1.66 -1.23 37.50
CA GLU C 315 -1.05 -1.63 38.76
C GLU C 315 -1.44 -3.08 39.08
N LYS C 316 -0.45 -3.98 39.07
CA LYS C 316 -0.69 -5.40 39.32
C LYS C 316 0.01 -5.91 40.56
N GLN C 317 0.43 -5.01 41.46
CA GLN C 317 1.11 -5.37 42.70
C GLN C 317 2.35 -6.22 42.43
N THR C 318 3.08 -5.87 41.37
CA THR C 318 4.33 -6.54 41.04
C THR C 318 5.42 -6.15 42.02
N ARG C 319 5.54 -4.85 42.32
CA ARG C 319 6.54 -4.35 43.23
C ARG C 319 6.08 -3.00 43.77
N GLY C 320 6.67 -2.59 44.88
CA GLY C 320 6.27 -1.36 45.54
C GLY C 320 5.50 -1.64 46.82
N LEU C 321 6.17 -1.48 47.95
CA LEU C 321 5.64 -1.92 49.23
C LEU C 321 5.05 -0.75 50.03
N PHE C 322 3.89 -1.01 50.62
CA PHE C 322 3.19 -0.06 51.50
C PHE C 322 2.96 1.28 50.82
N GLY C 323 2.37 1.20 49.63
CA GLY C 323 1.95 2.40 48.93
C GLY C 323 3.07 3.11 48.18
N ALA C 324 4.32 2.83 48.57
CA ALA C 324 5.45 3.47 47.93
C ALA C 324 5.55 3.06 46.48
N LYS C 325 5.13 3.95 45.58
CA LYS C 325 5.17 3.71 44.15
C LYS C 325 5.45 5.04 43.46
N ALA C 326 6.12 4.98 42.32
CA ALA C 326 6.58 6.20 41.69
C ALA C 326 7.01 6.02 40.24
N GLY C 327 6.58 6.94 39.38
CA GLY C 327 7.15 7.07 38.05
C GLY C 327 6.37 6.46 36.91
N PHE C 328 6.64 6.93 35.69
CA PHE C 328 6.04 6.39 34.48
C PHE C 328 6.86 5.26 33.87
N ILE C 329 8.08 5.02 34.36
CA ILE C 329 8.89 3.92 33.89
C ILE C 329 8.40 2.58 34.44
N GLU C 330 7.97 2.53 35.69
CA GLU C 330 7.55 1.30 36.34
C GLU C 330 6.14 0.86 35.92
N ASN C 331 5.19 1.79 35.90
CA ASN C 331 3.79 1.45 35.67
C ASN C 331 3.01 2.74 35.42
N GLY C 332 1.72 2.59 35.11
CA GLY C 332 0.85 3.71 34.86
C GLY C 332 -0.07 4.00 36.03
N TRP C 333 -0.51 5.25 36.10
CA TRP C 333 -1.27 5.75 37.25
C TRP C 333 -2.77 5.60 36.97
N GLU C 334 -3.38 4.61 37.62
CA GLU C 334 -4.80 4.37 37.43
C GLU C 334 -5.67 5.45 38.08
N GLY C 335 -5.14 6.19 39.03
CA GLY C 335 -5.89 7.21 39.72
C GLY C 335 -5.97 8.55 39.02
N MET C 336 -5.40 8.67 37.83
CA MET C 336 -5.44 9.92 37.07
C MET C 336 -6.63 9.86 36.12
N ILE C 337 -7.71 10.55 36.47
CA ILE C 337 -8.94 10.54 35.70
C ILE C 337 -9.23 11.88 35.04
N ASP C 338 -8.33 12.86 35.16
CA ASP C 338 -8.54 14.18 34.58
C ASP C 338 -7.46 14.57 33.58
N GLY C 339 -6.67 13.61 33.11
CA GLY C 339 -5.66 13.90 32.11
C GLY C 339 -4.97 12.63 31.68
N TRP C 340 -4.15 12.76 30.65
CA TRP C 340 -3.35 11.64 30.17
C TRP C 340 -1.97 11.61 30.79
N TYR C 341 -1.37 12.78 31.01
CA TYR C 341 -0.07 12.90 31.64
C TYR C 341 -0.19 13.84 32.84
N GLY C 342 0.57 13.55 33.89
CA GLY C 342 0.42 14.32 35.11
C GLY C 342 1.59 14.20 36.05
N PHE C 343 1.49 14.95 37.14
CA PHE C 343 2.52 15.08 38.16
C PHE C 343 2.00 14.58 39.50
N ARG C 344 2.90 13.98 40.27
CA ARG C 344 2.66 13.57 41.64
C ARG C 344 3.80 14.09 42.50
N HIS C 345 3.48 14.82 43.56
CA HIS C 345 4.51 15.47 44.37
C HIS C 345 4.33 15.08 45.84
N GLN C 346 5.47 15.03 46.54
CA GLN C 346 5.51 14.73 47.98
C GLN C 346 6.49 15.73 48.62
N ASN C 347 5.97 16.86 49.06
CA ASN C 347 6.77 17.87 49.73
C ASN C 347 6.61 17.73 51.26
N SER C 348 7.14 18.70 52.00
CA SER C 348 6.99 18.71 53.45
C SER C 348 5.56 19.00 53.89
N GLU C 349 4.73 19.56 53.01
CA GLU C 349 3.35 19.85 53.33
C GLU C 349 2.39 18.72 52.96
N GLY C 350 2.91 17.63 52.41
CA GLY C 350 2.05 16.50 52.08
C GLY C 350 2.28 15.94 50.69
N THR C 351 1.22 15.41 50.08
CA THR C 351 1.28 14.84 48.75
C THR C 351 0.16 15.44 47.90
N GLY C 352 0.36 15.40 46.59
CA GLY C 352 -0.64 15.94 45.69
C GLY C 352 -0.45 15.43 44.28
N GLN C 353 -1.49 15.62 43.48
CA GLN C 353 -1.51 15.20 42.09
C GLN C 353 -2.07 16.31 41.22
N ALA C 354 -1.65 16.31 39.96
CA ALA C 354 -2.14 17.27 38.99
C ALA C 354 -1.98 16.69 37.60
N ALA C 355 -2.65 17.30 36.62
CA ALA C 355 -2.63 16.85 35.24
C ALA C 355 -1.93 17.87 34.36
N ASP C 356 -1.15 17.38 33.40
CA ASP C 356 -0.49 18.24 32.41
C ASP C 356 -1.45 18.40 31.23
N LEU C 357 -2.09 19.56 31.14
CA LEU C 357 -3.12 19.77 30.14
C LEU C 357 -2.55 19.90 28.73
N LYS C 358 -1.38 20.53 28.59
CA LYS C 358 -0.84 20.83 27.26
C LYS C 358 -0.49 19.55 26.52
N SER C 359 0.26 18.64 27.17
N SER C 359 0.26 18.64 27.17
CA SER C 359 0.65 17.40 26.50
CA SER C 359 0.65 17.40 26.50
C SER C 359 -0.55 16.51 26.23
C SER C 359 -0.55 16.51 26.23
N THR C 360 -1.47 16.42 27.19
CA THR C 360 -2.68 15.62 26.98
C THR C 360 -3.49 16.14 25.80
N GLN C 361 -3.66 17.46 25.73
CA GLN C 361 -4.40 18.05 24.62
C GLN C 361 -3.68 17.82 23.29
N ALA C 362 -2.36 17.96 23.27
CA ALA C 362 -1.62 17.75 22.02
C ALA C 362 -1.76 16.32 21.54
N ALA C 363 -1.63 15.36 22.45
CA ALA C 363 -1.80 13.96 22.07
C ALA C 363 -3.23 13.69 21.59
N ILE C 364 -4.22 14.27 22.27
CA ILE C 364 -5.61 14.05 21.90
C ILE C 364 -5.89 14.61 20.51
N ASP C 365 -5.38 15.81 20.21
CA ASP C 365 -5.58 16.37 18.88
C ASP C 365 -4.86 15.57 17.81
N GLN C 366 -3.65 15.08 18.08
CA GLN C 366 -2.97 14.25 17.10
C GLN C 366 -3.76 12.98 16.81
N ILE C 367 -4.27 12.31 17.86
CA ILE C 367 -5.03 11.10 17.67
C ILE C 367 -6.34 11.38 16.94
N ASN C 368 -7.01 12.48 17.27
CA ASN C 368 -8.25 12.83 16.58
C ASN C 368 -8.00 13.13 15.11
N GLY C 369 -6.91 13.83 14.81
CA GLY C 369 -6.57 14.11 13.43
C GLY C 369 -6.28 12.86 12.64
N LYS C 370 -5.56 11.91 13.25
CA LYS C 370 -5.34 10.63 12.56
C LYS C 370 -6.63 9.82 12.47
N LEU C 371 -7.59 10.05 13.37
CA LEU C 371 -8.89 9.41 13.27
C LEU C 371 -9.69 9.96 12.08
N ASN C 372 -9.62 11.27 11.86
CA ASN C 372 -10.36 11.88 10.76
C ASN C 372 -9.86 11.37 9.41
N ARG C 373 -8.55 11.12 9.31
CA ARG C 373 -7.96 10.61 8.05
C ARG C 373 -8.53 9.21 7.74
N VAL C 374 -8.66 8.35 8.76
CA VAL C 374 -9.11 6.99 8.52
C VAL C 374 -10.55 6.97 8.03
N ILE C 375 -11.42 7.75 8.67
CA ILE C 375 -12.82 7.82 8.26
C ILE C 375 -12.99 8.83 7.14
N ASN C 379 -16.13 7.56 -0.87
CA ASN C 379 -16.45 6.93 -2.14
C ASN C 379 -17.95 6.78 -2.32
N GLU C 380 -18.39 6.70 -3.58
CA GLU C 380 -19.80 6.57 -3.89
C GLU C 380 -19.92 5.77 -5.18
N LYS C 381 -20.18 4.47 -5.06
CA LYS C 381 -20.36 3.58 -6.20
C LYS C 381 -21.85 3.23 -6.31
N PHE C 382 -22.40 3.38 -7.51
CA PHE C 382 -23.83 3.20 -7.73
C PHE C 382 -24.14 1.95 -8.55
N HIS C 383 -23.58 1.84 -9.75
CA HIS C 383 -23.80 0.68 -10.60
C HIS C 383 -22.49 -0.06 -10.79
N GLN C 384 -22.47 -1.32 -10.38
CA GLN C 384 -21.28 -2.15 -10.53
C GLN C 384 -21.64 -3.47 -11.21
N ILE C 385 -20.69 -4.39 -11.27
CA ILE C 385 -20.92 -5.69 -11.90
C ILE C 385 -21.68 -6.58 -10.94
N GLU C 386 -22.27 -7.66 -11.46
CA GLU C 386 -22.99 -8.61 -10.63
C GLU C 386 -22.00 -9.45 -9.84
N LYS C 387 -22.30 -9.67 -8.55
CA LYS C 387 -21.39 -10.38 -7.67
C LYS C 387 -21.88 -11.76 -7.26
N GLU C 388 -23.18 -12.03 -7.37
CA GLU C 388 -23.74 -13.34 -7.05
C GLU C 388 -24.48 -13.87 -8.27
N PHE C 389 -24.22 -15.12 -8.61
CA PHE C 389 -24.78 -15.74 -9.81
C PHE C 389 -25.56 -17.00 -9.43
N SER C 390 -26.73 -17.15 -10.04
CA SER C 390 -27.58 -18.31 -9.79
C SER C 390 -27.33 -19.45 -10.78
N GLU C 391 -26.92 -19.13 -12.01
CA GLU C 391 -26.61 -20.13 -13.01
C GLU C 391 -25.10 -20.14 -13.28
N VAL C 392 -24.67 -21.10 -14.09
CA VAL C 392 -23.28 -21.26 -14.46
C VAL C 392 -23.15 -20.94 -15.94
N GLU C 393 -22.31 -19.95 -16.27
CA GLU C 393 -22.17 -19.48 -17.64
C GLU C 393 -20.79 -19.80 -18.20
N GLY C 394 -19.73 -19.36 -17.55
CA GLY C 394 -18.39 -19.64 -18.02
C GLY C 394 -17.51 -18.39 -17.91
N ARG C 395 -16.69 -18.20 -18.94
CA ARG C 395 -15.60 -17.22 -18.98
C ARG C 395 -15.90 -15.92 -18.28
N ILE C 396 -17.01 -15.28 -18.64
CA ILE C 396 -17.32 -13.97 -18.08
C ILE C 396 -17.58 -14.05 -16.58
N GLN C 397 -18.27 -15.10 -16.15
CA GLN C 397 -18.57 -15.26 -14.72
C GLN C 397 -17.29 -15.40 -13.91
N ASP C 398 -16.36 -16.25 -14.37
CA ASP C 398 -15.08 -16.38 -13.69
C ASP C 398 -14.28 -15.08 -13.75
N LEU C 399 -14.39 -14.32 -14.84
CA LEU C 399 -13.68 -13.05 -14.92
C LEU C 399 -14.17 -12.07 -13.87
N GLU C 400 -15.49 -11.92 -13.74
CA GLU C 400 -16.03 -11.02 -12.72
C GLU C 400 -15.71 -11.52 -11.32
N LYS C 401 -15.76 -12.84 -11.11
CA LYS C 401 -15.40 -13.38 -9.79
C LYS C 401 -13.95 -13.09 -9.46
N TYR C 402 -13.05 -13.25 -10.43
CA TYR C 402 -11.65 -12.92 -10.23
C TYR C 402 -11.45 -11.44 -9.91
N VAL C 403 -12.15 -10.57 -10.64
CA VAL C 403 -12.00 -9.13 -10.40
C VAL C 403 -12.45 -8.79 -8.98
N GLU C 404 -13.61 -9.31 -8.58
CA GLU C 404 -14.12 -9.01 -7.24
C GLU C 404 -13.21 -9.57 -6.15
N ASP C 405 -12.70 -10.79 -6.35
CA ASP C 405 -11.82 -11.39 -5.34
C ASP C 405 -10.52 -10.61 -5.22
N THR C 406 -9.95 -10.18 -6.36
CA THR C 406 -8.74 -9.38 -6.32
C THR C 406 -8.97 -8.06 -5.59
N LYS C 407 -10.10 -7.40 -5.88
CA LYS C 407 -10.41 -6.14 -5.19
C LYS C 407 -10.54 -6.37 -3.69
N ILE C 408 -11.25 -7.42 -3.29
CA ILE C 408 -11.47 -7.68 -1.88
C ILE C 408 -10.14 -7.95 -1.17
N ASP C 409 -9.30 -8.79 -1.78
CA ASP C 409 -8.03 -9.13 -1.15
C ASP C 409 -7.14 -7.90 -1.01
N LEU C 410 -7.05 -7.09 -2.07
CA LEU C 410 -6.21 -5.90 -2.01
C LEU C 410 -6.71 -4.93 -0.95
N TRP C 411 -8.02 -4.71 -0.87
CA TRP C 411 -8.54 -3.77 0.11
C TRP C 411 -8.39 -4.29 1.53
N SER C 412 -8.52 -5.60 1.73
CA SER C 412 -8.29 -6.18 3.05
C SER C 412 -6.84 -6.01 3.49
N TYR C 413 -5.90 -6.25 2.58
CA TYR C 413 -4.49 -6.04 2.90
C TYR C 413 -4.23 -4.58 3.24
N ASN C 414 -4.82 -3.66 2.46
CA ASN C 414 -4.65 -2.24 2.72
C ASN C 414 -5.18 -1.87 4.10
N ALA C 415 -6.36 -2.38 4.46
CA ALA C 415 -6.93 -2.08 5.77
C ALA C 415 -6.06 -2.60 6.90
N GLU C 416 -5.57 -3.84 6.76
CA GLU C 416 -4.70 -4.40 7.80
C GLU C 416 -3.43 -3.58 7.98
N LEU C 417 -2.78 -3.24 6.86
CA LEU C 417 -1.53 -2.47 6.94
C LEU C 417 -1.78 -1.10 7.54
N LEU C 418 -2.87 -0.43 7.14
CA LEU C 418 -3.17 0.89 7.68
C LEU C 418 -3.42 0.83 9.18
N VAL C 419 -4.19 -0.15 9.63
CA VAL C 419 -4.49 -0.27 11.05
C VAL C 419 -3.20 -0.49 11.85
N ALA C 420 -2.36 -1.41 11.37
CA ALA C 420 -1.11 -1.69 12.08
C ALA C 420 -0.22 -0.45 12.15
N LEU C 421 -0.07 0.24 11.01
CA LEU C 421 0.80 1.42 10.98
C LEU C 421 0.29 2.51 11.90
N GLU C 422 -1.01 2.78 11.87
CA GLU C 422 -1.55 3.85 12.72
C GLU C 422 -1.46 3.49 14.20
N ASN C 423 -1.69 2.22 14.55
CA ASN C 423 -1.56 1.83 15.95
C ASN C 423 -0.12 1.99 16.44
N GLN C 424 0.84 1.55 15.63
CA GLN C 424 2.25 1.72 16.01
C GLN C 424 2.59 3.20 16.16
N HIS C 425 2.13 4.03 15.23
CA HIS C 425 2.41 5.46 15.30
C HIS C 425 1.79 6.09 16.53
N THR C 426 0.57 5.67 16.88
CA THR C 426 -0.08 6.21 18.08
C THR C 426 0.71 5.87 19.34
N ILE C 427 1.18 4.62 19.42
CA ILE C 427 2.05 4.23 20.57
C ILE C 427 3.20 5.26 20.68
N ASP C 428 4.00 5.39 19.61
CA ASP C 428 5.13 6.36 19.63
C ASP C 428 4.60 7.75 19.98
N LEU C 429 3.59 8.22 19.24
CA LEU C 429 2.97 9.54 19.52
C LEU C 429 2.89 9.78 21.03
N THR C 430 2.25 8.86 21.76
CA THR C 430 2.05 9.05 23.22
C THR C 430 3.35 8.92 23.97
N ASP C 431 4.13 7.88 23.67
CA ASP C 431 5.41 7.64 24.40
C ASP C 431 6.31 8.87 24.25
N SER C 432 6.63 9.25 23.01
CA SER C 432 7.45 10.44 22.77
C SER C 432 6.90 11.66 23.51
N GLU C 433 5.58 11.77 23.63
CA GLU C 433 5.01 12.89 24.37
C GLU C 433 5.37 12.82 25.85
N MET C 434 5.28 11.63 26.43
CA MET C 434 5.69 11.47 27.83
C MET C 434 7.18 11.78 27.99
N ASN C 435 8.01 11.33 27.05
CA ASN C 435 9.44 11.59 27.13
C ASN C 435 9.74 13.08 26.98
N LYS C 436 8.99 13.79 26.14
CA LYS C 436 9.20 15.22 26.00
C LYS C 436 8.77 15.97 27.26
N LEU C 437 7.70 15.53 27.90
CA LEU C 437 7.36 16.11 29.20
C LEU C 437 8.47 15.90 30.21
N PHE C 438 9.04 14.69 30.24
CA PHE C 438 10.18 14.43 31.12
C PHE C 438 11.36 15.33 30.81
N GLU C 439 11.67 15.50 29.52
CA GLU C 439 12.79 16.34 29.14
C GLU C 439 12.57 17.80 29.50
N LYS C 440 11.33 18.30 29.33
CA LYS C 440 11.01 19.66 29.71
C LYS C 440 11.17 19.85 31.22
N THR C 441 10.67 18.91 32.01
CA THR C 441 10.81 19.03 33.46
C THR C 441 12.26 18.98 33.89
N ARG C 442 13.05 18.09 33.26
CA ARG C 442 14.47 18.00 33.59
C ARG C 442 15.22 19.27 33.22
N ARG C 443 14.92 19.84 32.05
CA ARG C 443 15.58 21.08 31.64
C ARG C 443 15.14 22.26 32.49
N GLN C 444 13.94 22.21 33.07
CA GLN C 444 13.52 23.28 33.96
C GLN C 444 14.20 23.15 35.32
N LEU C 445 14.19 21.96 35.91
CA LEU C 445 14.86 21.72 37.19
C LEU C 445 16.38 21.69 36.94
N ARG C 446 16.90 22.83 36.54
CA ARG C 446 18.26 22.95 36.06
C ARG C 446 19.22 22.84 37.23
N GLU C 447 19.75 21.64 37.42
CA GLU C 447 20.80 21.31 38.40
C GLU C 447 20.29 21.25 39.84
N ASN C 448 19.05 21.69 40.09
CA ASN C 448 18.47 21.64 41.43
C ASN C 448 17.76 20.33 41.71
N ALA C 449 17.79 19.38 40.79
CA ALA C 449 17.14 18.10 40.97
C ALA C 449 18.02 16.99 40.42
N GLU C 450 17.71 15.77 40.83
CA GLU C 450 18.42 14.58 40.38
C GLU C 450 17.43 13.56 39.85
N ASP C 451 17.80 12.87 38.77
CA ASP C 451 16.95 11.82 38.22
C ASP C 451 17.18 10.52 38.97
N MET C 452 16.08 9.99 39.54
CA MET C 452 16.15 8.79 40.39
C MET C 452 16.00 7.54 39.54
N GLY C 453 15.89 7.66 38.23
CA GLY C 453 15.89 6.54 37.32
C GLY C 453 14.56 5.83 37.18
N ASN C 454 13.58 6.16 38.02
CA ASN C 454 12.25 5.55 37.94
C ASN C 454 11.21 6.49 37.36
N GLY C 455 11.65 7.63 36.81
CA GLY C 455 10.72 8.63 36.32
C GLY C 455 10.41 9.73 37.32
N CYS C 456 11.26 9.94 38.31
CA CYS C 456 11.05 10.95 39.33
C CYS C 456 12.26 11.86 39.43
N PHE C 457 12.01 13.09 39.85
CA PHE C 457 13.06 14.06 40.15
C PHE C 457 13.09 14.31 41.65
N LYS C 458 14.25 14.10 42.24
CA LYS C 458 14.49 14.41 43.65
C LYS C 458 15.00 15.84 43.72
N ILE C 459 14.23 16.72 44.35
CA ILE C 459 14.57 18.13 44.47
C ILE C 459 15.36 18.32 45.76
N TYR C 460 16.57 18.88 45.64
CA TYR C 460 17.48 19.01 46.76
C TYR C 460 17.30 20.30 47.53
N HIS C 461 16.13 20.92 47.45
CA HIS C 461 15.84 22.12 48.21
C HIS C 461 14.38 22.08 48.65
N LYS C 462 14.07 22.85 49.69
CA LYS C 462 12.70 22.94 50.15
C LYS C 462 11.82 23.52 49.06
N CYS C 463 10.69 22.84 48.80
CA CYS C 463 9.83 23.17 47.66
C CYS C 463 8.38 23.01 48.12
N ASP C 464 7.75 24.12 48.46
CA ASP C 464 6.37 24.12 48.94
C ASP C 464 5.42 23.95 47.75
N ASN C 465 4.12 24.06 48.00
CA ASN C 465 3.13 23.88 46.95
C ASN C 465 3.27 24.94 45.85
N ALA C 466 3.65 26.16 46.21
CA ALA C 466 3.87 27.19 45.21
C ALA C 466 5.03 26.80 44.28
N CYS C 467 6.07 26.18 44.83
CA CYS C 467 7.19 25.75 44.00
C CYS C 467 6.80 24.59 43.09
N ILE C 468 5.95 23.67 43.59
CA ILE C 468 5.41 22.62 42.74
C ILE C 468 4.61 23.22 41.59
N GLU C 469 3.76 24.20 41.90
CA GLU C 469 2.99 24.86 40.85
C GLU C 469 3.90 25.59 39.87
N SER C 470 4.99 26.18 40.36
CA SER C 470 5.94 26.84 39.48
C SER C 470 6.59 25.86 38.51
N ILE C 471 6.99 24.68 39.00
CA ILE C 471 7.55 23.66 38.13
C ILE C 471 6.51 23.20 37.12
N ARG C 472 5.27 22.99 37.58
CA ARG C 472 4.22 22.47 36.69
C ARG C 472 3.85 23.47 35.59
N ASN C 473 3.67 24.74 35.95
CA ASN C 473 3.16 25.75 35.04
C ASN C 473 4.22 26.37 34.15
N GLY C 474 5.50 26.16 34.45
CA GLY C 474 6.57 26.70 33.65
C GLY C 474 7.27 27.91 34.23
N THR C 475 6.73 28.51 35.29
CA THR C 475 7.31 29.70 35.89
C THR C 475 8.17 29.34 37.09
N TYR C 476 9.24 28.58 36.83
CA TYR C 476 10.14 28.10 37.87
C TYR C 476 11.48 28.80 37.72
N ASP C 477 11.91 29.51 38.76
CA ASP C 477 13.18 30.22 38.78
C ASP C 477 14.19 29.38 39.54
N HIS C 478 15.21 28.89 38.83
CA HIS C 478 16.22 28.03 39.43
C HIS C 478 17.37 28.79 40.06
N ASP C 479 17.41 30.12 39.91
CA ASP C 479 18.50 30.91 40.45
C ASP C 479 18.28 31.32 41.91
N ILE C 480 17.08 31.11 42.46
CA ILE C 480 16.82 31.41 43.86
C ILE C 480 16.95 30.16 44.73
N TYR C 481 17.27 29.02 44.13
CA TYR C 481 17.47 27.80 44.89
C TYR C 481 18.82 27.13 44.62
N ARG C 482 19.68 27.71 43.78
CA ARG C 482 20.88 27.01 43.35
C ARG C 482 21.84 26.77 44.52
N ASP C 483 22.00 27.76 45.39
CA ASP C 483 22.95 27.64 46.49
C ASP C 483 22.55 26.51 47.43
N GLU C 484 21.28 26.50 47.86
CA GLU C 484 20.82 25.47 48.77
C GLU C 484 20.86 24.09 48.13
N ALA C 485 20.47 24.00 46.86
CA ALA C 485 20.53 22.73 46.15
C ALA C 485 21.96 22.22 46.05
N LEU C 486 22.90 23.11 45.74
CA LEU C 486 24.30 22.71 45.66
C LEU C 486 24.81 22.21 47.01
N ASN C 487 24.50 22.93 48.09
CA ASN C 487 24.95 22.48 49.41
C ASN C 487 24.35 21.12 49.77
N ASN C 488 23.06 20.92 49.49
CA ASN C 488 22.43 19.65 49.82
C ASN C 488 22.80 18.53 48.85
N ARG C 489 23.39 18.84 47.70
CA ARG C 489 23.62 17.86 46.66
C ARG C 489 25.07 17.41 46.56
N PHE C 490 26.04 18.32 46.68
CA PHE C 490 27.45 17.96 46.56
C PHE C 490 28.22 18.03 47.87
N GLN C 491 27.57 18.30 48.99
CA GLN C 491 28.27 18.46 50.26
C GLN C 491 27.66 17.54 51.31
N ILE C 492 27.48 16.27 50.94
CA ILE C 492 26.94 15.24 51.83
C ILE C 492 25.59 15.66 52.42
N TYR D 32 5.08 34.87 25.20
CA TYR D 32 4.16 35.93 24.78
C TYR D 32 4.41 37.20 25.59
N ALA D 33 5.29 38.06 25.07
CA ALA D 33 5.53 39.33 25.72
C ALA D 33 4.35 40.28 25.52
N PHE D 34 4.20 41.22 26.44
CA PHE D 34 3.12 42.19 26.39
C PHE D 34 3.67 43.60 26.57
N SER D 35 2.86 44.58 26.23
CA SER D 35 3.28 45.97 26.34
C SER D 35 2.10 46.86 26.67
N TRP D 36 2.39 47.96 27.36
CA TRP D 36 1.43 49.00 27.69
C TRP D 36 1.81 50.23 26.89
N VAL D 37 0.85 50.75 26.11
CA VAL D 37 1.07 51.90 25.23
C VAL D 37 0.02 52.96 25.55
N ARG D 38 0.39 54.21 25.33
CA ARG D 38 -0.43 55.36 25.73
C ARG D 38 -0.74 56.22 24.50
N GLN D 39 -1.96 56.74 24.43
CA GLN D 39 -2.37 57.66 23.37
C GLN D 39 -3.03 58.87 24.01
N ALA D 40 -2.29 59.97 24.08
CA ALA D 40 -2.81 61.25 24.55
C ALA D 40 -3.88 61.71 23.56
N PRO D 41 -4.80 62.63 23.95
CA PRO D 41 -5.93 62.98 23.08
C PRO D 41 -5.56 63.18 21.61
N ARG D 42 -4.64 64.09 21.32
CA ARG D 42 -4.02 64.16 20.00
C ARG D 42 -2.53 64.45 20.20
N LYS D 43 -1.76 63.39 20.41
CA LYS D 43 -0.31 63.50 20.50
C LYS D 43 0.45 62.34 19.88
N GLY D 44 -0.24 61.38 19.27
CA GLY D 44 0.42 60.19 18.78
C GLY D 44 0.50 59.10 19.83
N LEU D 45 1.05 57.96 19.43
CA LEU D 45 1.16 56.79 20.29
C LEU D 45 2.55 56.74 20.91
N GLU D 46 2.60 56.60 22.24
CA GLU D 46 3.85 56.57 22.99
C GLU D 46 3.94 55.25 23.74
N TRP D 47 4.99 54.49 23.47
CA TRP D 47 5.21 53.22 24.15
C TRP D 47 5.61 53.48 25.59
N LEU D 48 4.95 52.80 26.53
CA LEU D 48 5.17 53.05 27.95
C LEU D 48 5.95 51.92 28.63
N ALA D 49 5.48 50.69 28.52
CA ALA D 49 6.09 49.58 29.26
C ALA D 49 6.07 48.32 28.42
N ALA D 50 6.99 47.40 28.75
CA ALA D 50 7.04 46.09 28.12
C ALA D 50 7.43 45.04 29.15
N ILE D 51 6.73 43.91 29.12
CA ILE D 51 7.01 42.78 30.00
C ILE D 51 7.29 41.56 29.14
N ASP D 52 8.43 40.91 29.38
CA ASP D 52 8.84 39.75 28.63
C ASP D 52 8.15 38.48 29.16
N SER D 53 8.34 37.39 28.44
CA SER D 53 7.77 36.11 28.83
C SER D 53 8.74 35.35 29.75
N VAL D 54 8.25 34.23 30.28
CA VAL D 54 9.04 33.43 31.20
C VAL D 54 10.21 32.77 30.49
N SER D 55 10.01 32.33 29.24
CA SER D 55 11.04 31.58 28.54
C SER D 55 12.34 32.36 28.38
N TYR D 56 12.26 33.69 28.40
CA TYR D 56 13.43 34.54 28.30
C TYR D 56 13.70 35.28 29.61
N ARG D 57 13.18 34.77 30.72
CA ARG D 57 13.19 35.44 32.02
C ARG D 57 12.32 36.68 31.98
N ARG D 58 11.43 36.84 32.95
CA ARG D 58 10.45 37.91 32.89
C ARG D 58 11.06 39.27 33.21
N SER D 59 12.04 39.68 32.41
CA SER D 59 12.59 41.02 32.54
C SER D 59 11.61 42.04 31.99
N THR D 60 11.50 43.18 32.67
CA THR D 60 10.56 44.22 32.31
C THR D 60 11.31 45.52 32.02
N TYR D 61 10.87 46.21 30.97
CA TYR D 61 11.45 47.49 30.57
C TYR D 61 10.39 48.58 30.70
N TYR D 62 10.78 49.72 31.25
CA TYR D 62 9.86 50.81 31.51
C TYR D 62 10.40 52.10 30.90
N ALA D 63 9.50 52.92 30.37
CA ALA D 63 9.85 54.25 29.88
C ALA D 63 9.73 55.24 31.03
N ASP D 64 9.74 56.54 30.72
CA ASP D 64 9.68 57.57 31.75
C ASP D 64 8.26 57.69 32.32
N SER D 65 7.80 56.65 33.01
CA SER D 65 6.47 56.63 33.61
C SER D 65 6.53 56.56 35.13
N VAL D 66 7.21 55.57 35.68
CA VAL D 66 7.31 55.38 37.13
C VAL D 66 8.75 55.26 37.60
N LYS D 67 9.73 55.37 36.71
CA LYS D 67 11.13 55.19 37.06
C LYS D 67 11.53 56.14 38.19
N GLY D 68 12.22 55.59 39.19
CA GLY D 68 12.67 56.37 40.33
C GLY D 68 13.27 55.51 41.43
N SER D 87 4.01 58.91 41.63
CA SER D 87 4.20 60.24 41.06
C SER D 87 3.34 60.44 39.83
N LEU D 88 2.02 60.51 40.04
CA LEU D 88 1.05 60.68 38.96
C LEU D 88 0.87 62.17 38.73
N ARG D 89 1.44 62.66 37.63
CA ARG D 89 1.36 64.08 37.30
C ARG D 89 0.08 64.36 36.52
N THR D 90 -0.06 65.59 36.03
CA THR D 90 -1.25 65.95 35.25
C THR D 90 -1.21 65.41 33.84
N GLU D 91 -0.01 65.26 33.26
CA GLU D 91 0.14 64.76 31.89
C GLU D 91 0.10 63.23 31.90
N ASP D 92 -1.05 62.71 32.31
CA ASP D 92 -1.27 61.27 32.31
C ASP D 92 -2.65 60.85 31.84
N THR D 93 -3.50 61.79 31.41
CA THR D 93 -4.82 61.45 30.90
C THR D 93 -4.71 61.05 29.44
N ALA D 94 -5.15 59.84 29.12
CA ALA D 94 -4.99 59.28 27.79
C ALA D 94 -5.75 57.97 27.70
N ARG D 95 -5.73 57.37 26.51
CA ARG D 95 -6.25 56.03 26.30
C ARG D 95 -5.10 55.03 26.35
N TYR D 96 -5.25 54.02 27.20
CA TYR D 96 -4.22 53.03 27.42
C TYR D 96 -4.57 51.74 26.69
N TYR D 97 -3.59 51.18 25.99
CA TYR D 97 -3.76 49.96 25.21
C TYR D 97 -2.78 48.91 25.68
N CYS D 98 -3.24 47.66 25.70
CA CYS D 98 -2.40 46.51 25.97
C CYS D 98 -2.17 45.76 24.66
N ALA D 99 -0.90 45.50 24.36
CA ALA D 99 -0.51 44.88 23.10
C ALA D 99 0.23 43.57 23.36
N ARG D 100 -0.01 42.58 22.51
CA ARG D 100 0.54 41.25 22.66
C ARG D 100 1.67 41.02 21.65
N GLY D 101 2.80 40.52 22.15
CA GLY D 101 3.91 40.18 21.27
C GLY D 101 5.17 40.96 21.59
N ALA D 102 6.29 40.56 20.98
CA ALA D 102 7.53 41.32 21.13
C ALA D 102 7.37 42.73 20.58
N PHE D 103 6.68 42.86 19.47
CA PHE D 103 6.18 44.08 18.87
C PHE D 103 4.70 44.23 19.16
N PRO D 104 4.18 45.45 19.23
CA PRO D 104 2.75 45.61 19.55
C PRO D 104 1.85 45.12 18.42
N ASN D 105 1.73 43.80 18.29
CA ASN D 105 1.03 43.21 17.15
C ASN D 105 -0.49 43.24 17.35
N LEU D 106 -0.98 42.55 18.37
CA LEU D 106 -2.41 42.45 18.64
C LEU D 106 -2.79 43.48 19.68
N TRP D 107 -3.84 44.26 19.40
CA TRP D 107 -4.24 45.38 20.22
C TRP D 107 -5.61 45.17 20.82
N GLY D 108 -5.84 45.76 21.99
CA GLY D 108 -7.13 45.74 22.63
C GLY D 108 -7.82 47.09 22.53
N PRO D 109 -9.10 47.13 22.87
CA PRO D 109 -9.84 48.40 22.82
C PRO D 109 -9.21 49.50 23.66
N GLY D 110 -8.66 49.17 24.82
CA GLY D 110 -8.04 50.16 25.68
C GLY D 110 -9.04 50.80 26.63
N VAL D 111 -8.50 51.52 27.62
CA VAL D 111 -9.32 52.18 28.64
C VAL D 111 -8.97 53.66 28.65
N GLU D 112 -9.99 54.51 28.80
CA GLU D 112 -9.81 55.96 28.79
C GLU D 112 -9.58 56.43 30.22
N VAL D 113 -8.32 56.60 30.60
CA VAL D 113 -7.98 57.05 31.94
C VAL D 113 -7.84 58.57 31.96
N LEU E 18 57.23 19.15 3.39
CA LEU E 18 56.58 18.85 2.13
C LEU E 18 55.58 17.71 2.28
N ARG E 19 54.58 17.69 1.40
CA ARG E 19 53.56 16.65 1.43
C ARG E 19 53.31 16.09 0.04
N LEU E 20 52.30 15.23 -0.10
CA LEU E 20 51.95 14.63 -1.38
C LEU E 20 50.46 14.34 -1.37
N SER E 21 50.00 13.62 -2.39
CA SER E 21 48.58 13.27 -2.52
C SER E 21 48.33 11.99 -1.74
N CYS E 22 47.89 12.14 -0.49
CA CYS E 22 47.54 11.01 0.37
C CYS E 22 46.06 10.64 0.27
N VAL E 23 45.42 10.98 -0.85
CA VAL E 23 44.01 10.67 -1.07
C VAL E 23 43.86 10.13 -2.49
N GLY E 24 43.07 9.06 -2.62
CA GLY E 24 42.84 8.45 -3.93
C GLY E 24 42.16 7.11 -3.84
N ASP E 28 39.17 13.71 1.74
CA ASP E 28 37.91 13.36 2.37
C ASP E 28 37.69 14.19 3.64
N LEU E 29 38.24 13.70 4.76
CA LEU E 29 38.10 14.37 6.04
C LEU E 29 39.34 14.10 6.87
N SER E 30 39.29 14.46 8.15
CA SER E 30 40.41 14.26 9.07
C SER E 30 39.96 13.45 10.30
N ASP E 31 38.87 12.70 10.17
CA ASP E 31 38.41 11.88 11.27
C ASP E 31 39.26 10.63 11.44
N TYR E 32 39.98 10.22 10.40
CA TYR E 32 40.81 9.02 10.45
C TYR E 32 42.15 9.33 11.12
N ALA E 33 42.84 8.27 11.52
CA ALA E 33 44.20 8.37 12.04
C ALA E 33 45.19 8.34 10.88
N PHE E 34 46.43 8.71 11.16
CA PHE E 34 47.43 8.81 10.11
C PHE E 34 48.77 8.33 10.62
N SER E 35 49.68 8.07 9.68
CA SER E 35 51.00 7.57 10.01
C SER E 35 52.01 8.03 8.95
N TRP E 36 53.27 8.09 9.38
CA TRP E 36 54.40 8.44 8.53
C TRP E 36 55.36 7.26 8.53
N VAL E 37 55.61 6.71 7.33
CA VAL E 37 56.45 5.52 7.18
C VAL E 37 57.62 5.87 6.26
N ARG E 38 58.77 5.25 6.51
CA ARG E 38 59.98 5.50 5.76
C ARG E 38 60.47 4.21 5.09
N GLN E 39 60.87 4.33 3.83
CA GLN E 39 61.43 3.20 3.09
C GLN E 39 62.77 3.62 2.49
N ALA E 40 63.85 3.03 3.00
CA ALA E 40 65.15 3.23 2.41
C ALA E 40 65.20 2.52 1.04
N PRO E 41 66.13 2.91 0.16
CA PRO E 41 66.12 2.35 -1.20
C PRO E 41 66.18 0.83 -1.24
N ARG E 42 66.98 0.21 -0.36
CA ARG E 42 67.11 -1.25 -0.35
C ARG E 42 67.16 -1.78 1.07
N LYS E 43 66.30 -1.28 1.95
CA LYS E 43 66.28 -1.71 3.34
C LYS E 43 64.90 -2.06 3.89
N GLY E 44 63.83 -1.83 3.13
CA GLY E 44 62.51 -2.19 3.56
C GLY E 44 61.80 -1.09 4.34
N LEU E 45 60.51 -1.31 4.57
CA LEU E 45 59.69 -0.31 5.23
C LEU E 45 60.00 -0.24 6.72
N GLU E 46 59.92 0.97 7.27
CA GLU E 46 60.13 1.20 8.69
C GLU E 46 59.14 2.25 9.16
N TRP E 47 58.26 1.86 10.08
CA TRP E 47 57.27 2.79 10.62
C TRP E 47 57.95 3.80 11.54
N LEU E 48 57.69 5.08 11.29
CA LEU E 48 58.29 6.15 12.08
C LEU E 48 57.30 6.83 13.02
N ALA E 49 56.19 7.34 12.51
CA ALA E 49 55.31 8.17 13.32
C ALA E 49 53.86 7.78 13.11
N ALA E 50 53.02 8.10 14.08
CA ALA E 50 51.59 7.85 13.98
C ALA E 50 50.84 8.87 14.82
N ILE E 51 49.85 9.52 14.22
CA ILE E 51 48.98 10.49 14.89
C ILE E 51 47.59 9.90 14.97
N ASP E 52 47.04 9.86 16.18
CA ASP E 52 45.71 9.31 16.42
C ASP E 52 44.65 10.34 15.99
N SER E 53 43.40 10.02 16.25
CA SER E 53 42.28 10.91 15.94
C SER E 53 41.91 11.72 17.18
N VAL E 54 40.96 12.64 16.97
CA VAL E 54 40.53 13.52 18.06
C VAL E 54 39.83 12.73 19.16
N SER E 55 39.13 11.66 18.79
CA SER E 55 38.32 10.92 19.75
C SER E 55 39.15 10.26 20.85
N TYR E 56 40.47 10.14 20.66
CA TYR E 56 41.34 9.50 21.64
C TYR E 56 42.47 10.44 22.06
N ARG E 57 42.15 11.71 22.22
CA ARG E 57 43.06 12.76 22.69
C ARG E 57 44.25 12.97 21.75
N ARG E 58 44.24 12.35 20.57
CA ARG E 58 45.31 12.49 19.58
C ARG E 58 46.67 12.14 20.20
N SER E 59 46.70 11.08 20.99
CA SER E 59 47.97 10.61 21.55
C SER E 59 48.86 10.10 20.43
N THR E 60 50.01 10.75 20.27
CA THR E 60 50.93 10.45 19.17
C THR E 60 52.10 9.63 19.68
N TYR E 61 52.44 8.56 18.95
CA TYR E 61 53.53 7.68 19.30
C TYR E 61 54.61 7.77 18.23
N TYR E 62 55.86 7.54 18.64
CA TYR E 62 57.00 7.67 17.74
C TYR E 62 57.90 6.47 17.89
N ALA E 63 58.63 6.16 16.82
CA ALA E 63 59.52 5.02 16.81
C ALA E 63 60.66 5.20 17.81
N ASP E 64 61.13 4.08 18.37
CA ASP E 64 62.16 4.11 19.40
C ASP E 64 63.50 4.63 18.87
N SER E 65 63.76 4.53 17.58
CA SER E 65 65.01 5.04 17.02
C SER E 65 64.90 6.54 16.77
N VAL E 66 63.73 6.99 16.30
CA VAL E 66 63.48 8.40 16.05
C VAL E 66 63.07 9.07 17.35
N LYS E 67 62.98 8.28 18.42
CA LYS E 67 62.46 8.83 19.70
C LYS E 67 63.24 10.04 20.18
N GLY E 68 62.55 10.98 20.85
CA GLY E 68 63.23 12.14 21.43
C GLY E 68 63.81 13.06 20.37
N ARG E 69 64.78 12.58 19.63
CA ARG E 69 65.43 13.39 18.58
C ARG E 69 64.53 13.38 17.36
N PHE E 70 63.24 13.61 17.55
CA PHE E 70 62.34 13.41 16.39
C PHE E 70 61.97 14.67 15.70
N THR E 71 61.15 14.54 14.67
CA THR E 71 60.61 15.70 13.97
C THR E 71 59.11 15.45 13.79
N ILE E 72 58.32 16.11 14.64
CA ILE E 72 56.88 15.86 14.70
C ILE E 72 56.20 16.30 13.40
N SER E 73 54.99 15.82 13.19
CA SER E 73 54.21 16.16 12.00
C SER E 73 52.76 16.37 12.45
N SER E 74 51.97 16.96 11.56
CA SER E 74 50.58 17.27 11.87
C SER E 74 49.74 17.33 10.60
N ASP E 75 48.52 17.86 10.71
CA ASP E 75 47.62 17.96 9.57
C ASP E 75 46.79 19.23 9.72
N TYR E 76 46.25 19.68 8.59
CA TYR E 76 45.41 20.87 8.57
C TYR E 76 44.15 20.65 7.75
N THR E 80 49.65 17.50 7.02
CA THR E 80 49.88 16.43 6.06
C THR E 80 51.34 16.38 5.64
N LEU E 81 52.12 17.33 6.17
CA LEU E 81 53.55 17.41 5.88
C LEU E 81 54.36 17.19 7.15
N TYR E 82 55.68 17.19 6.99
CA TYR E 82 56.61 17.01 8.10
C TYR E 82 57.69 18.08 8.04
N LEU E 83 58.23 18.41 9.21
CA LEU E 83 59.22 19.47 9.33
C LEU E 83 60.61 18.91 9.03
N GLN E 84 61.64 19.72 9.31
CA GLN E 84 63.02 19.35 9.02
C GLN E 84 63.92 20.15 9.97
N MET E 85 65.22 20.19 9.68
CA MET E 85 66.20 20.95 10.45
C MET E 85 66.23 20.46 11.91
N ASN E 86 66.73 19.24 12.08
CA ASN E 86 66.78 18.59 13.38
C ASN E 86 68.04 17.71 13.41
N SER E 87 68.05 16.74 14.31
CA SER E 87 69.23 15.92 14.58
C SER E 87 69.55 14.96 13.43
N LEU E 88 68.90 15.16 12.28
CA LEU E 88 69.15 14.39 11.07
C LEU E 88 70.64 14.16 10.85
N ARG E 89 71.02 12.89 10.70
CA ARG E 89 72.42 12.48 10.58
C ARG E 89 72.70 11.81 9.24
N THR E 90 72.08 12.32 8.17
CA THR E 90 72.31 11.86 6.81
C THR E 90 71.93 10.40 6.60
N GLU E 91 71.37 9.77 7.63
CA GLU E 91 70.86 8.41 7.49
C GLU E 91 69.39 8.38 7.10
N ASP E 92 68.69 9.51 7.24
CA ASP E 92 67.27 9.60 6.89
C ASP E 92 67.08 10.06 5.45
N THR E 93 67.75 9.39 4.52
CA THR E 93 67.59 9.64 3.10
C THR E 93 66.81 8.47 2.50
N ALA E 94 65.52 8.68 2.25
CA ALA E 94 64.63 7.59 1.88
C ALA E 94 63.36 8.18 1.29
N ARG E 95 62.42 7.29 0.96
CA ARG E 95 61.10 7.69 0.47
C ARG E 95 60.12 7.68 1.63
N TYR E 96 59.41 8.79 1.82
CA TYR E 96 58.47 8.95 2.92
C TYR E 96 57.04 8.78 2.40
N TYR E 97 56.26 8.00 3.13
CA TYR E 97 54.89 7.65 2.75
C TYR E 97 53.93 8.11 3.84
N CYS E 98 52.86 8.79 3.43
CA CYS E 98 51.76 9.14 4.31
C CYS E 98 50.69 8.07 4.21
N ALA E 99 50.32 7.50 5.36
CA ALA E 99 49.36 6.41 5.41
C ALA E 99 48.18 6.79 6.29
N ARG E 100 47.03 6.19 5.99
CA ARG E 100 45.79 6.51 6.67
C ARG E 100 45.25 5.28 7.41
N GLY E 101 44.65 5.54 8.57
CA GLY E 101 44.02 4.49 9.34
C GLY E 101 44.83 4.11 10.57
N ALA E 102 44.21 3.28 11.42
CA ALA E 102 44.91 2.75 12.58
C ALA E 102 46.12 1.92 12.16
N PHE E 103 45.98 1.19 11.09
CA PHE E 103 46.98 0.49 10.30
C PHE E 103 47.22 1.25 9.01
N PRO E 104 48.41 1.14 8.42
CA PRO E 104 48.67 1.87 7.17
C PRO E 104 47.86 1.31 6.01
N ASN E 105 46.58 1.65 5.96
CA ASN E 105 45.68 1.07 4.97
C ASN E 105 45.83 1.76 3.61
N LEU E 106 45.56 3.06 3.56
CA LEU E 106 45.65 3.83 2.32
C LEU E 106 47.00 4.54 2.26
N TRP E 107 47.69 4.38 1.14
CA TRP E 107 49.04 4.89 0.98
C TRP E 107 49.09 5.98 -0.08
N GLY E 108 50.19 6.72 -0.08
CA GLY E 108 50.42 7.75 -1.07
C GLY E 108 51.68 7.50 -1.88
N PRO E 109 51.86 8.28 -2.95
CA PRO E 109 53.08 8.10 -3.78
C PRO E 109 54.37 8.23 -2.99
N GLY E 110 54.42 9.15 -2.04
CA GLY E 110 55.61 9.35 -1.23
C GLY E 110 56.54 10.40 -1.83
N VAL E 111 57.41 10.92 -0.98
CA VAL E 111 58.35 11.97 -1.37
C VAL E 111 59.77 11.52 -1.05
N GLU E 112 60.69 11.73 -1.99
CA GLU E 112 62.08 11.38 -1.79
C GLU E 112 62.78 12.44 -0.95
N VAL E 113 63.67 11.99 -0.07
CA VAL E 113 64.44 12.90 0.76
C VAL E 113 65.89 12.44 0.85
N VAL F 3 58.23 -8.62 18.24
CA VAL F 3 58.95 -8.65 16.97
C VAL F 3 58.32 -9.67 16.04
N LEU F 4 58.50 -9.47 14.74
CA LEU F 4 57.93 -10.35 13.72
C LEU F 4 59.05 -10.92 12.86
N THR F 5 59.01 -12.23 12.63
CA THR F 5 59.95 -12.91 11.75
C THR F 5 59.20 -13.43 10.53
N GLN F 6 59.68 -13.09 9.35
CA GLN F 6 59.06 -13.47 8.09
C GLN F 6 59.97 -14.47 7.38
N THR F 7 59.40 -15.62 7.01
CA THR F 7 60.12 -16.69 6.35
C THR F 7 59.18 -17.33 5.34
N PRO F 8 59.66 -17.63 4.11
CA PRO F 8 61.01 -17.42 3.58
C PRO F 8 61.30 -15.98 3.19
N LEU F 9 62.58 -15.59 3.21
CA LEU F 9 62.95 -14.25 2.78
C LEU F 9 62.90 -14.09 1.27
N SER F 10 63.04 -15.18 0.52
CA SER F 10 62.96 -15.16 -0.94
C SER F 10 62.02 -16.24 -1.40
N LEU F 11 61.31 -15.97 -2.50
CA LEU F 11 60.31 -16.89 -3.03
C LEU F 11 60.56 -17.10 -4.51
N SER F 12 60.09 -18.25 -5.00
CA SER F 12 60.26 -18.62 -6.41
C SER F 12 59.02 -19.35 -6.93
N ALA F 19 53.73 -20.89 -2.55
CA ALA F 19 53.15 -19.55 -2.60
C ALA F 19 52.65 -19.12 -1.22
N SER F 20 53.31 -19.62 -0.18
CA SER F 20 52.95 -19.32 1.20
C SER F 20 54.08 -18.57 1.89
N ILE F 21 53.72 -17.51 2.59
CA ILE F 21 54.67 -16.69 3.35
C ILE F 21 54.20 -16.68 4.80
N SER F 22 55.13 -16.96 5.71
CA SER F 22 54.82 -17.11 7.13
C SER F 22 55.37 -15.94 7.93
N CYS F 23 54.53 -15.39 8.81
CA CYS F 23 54.94 -14.38 9.77
C CYS F 23 54.66 -14.91 11.17
N ARG F 24 55.72 -14.98 11.97
CA ARG F 24 55.62 -15.50 13.34
C ARG F 24 56.06 -14.41 14.32
N SER F 25 55.26 -14.19 15.35
CA SER F 25 55.52 -13.13 16.31
C SER F 25 55.96 -13.73 17.65
N SER F 26 56.84 -13.02 18.33
CA SER F 26 57.27 -13.44 19.66
C SER F 26 56.09 -13.44 20.64
N GLN F 27 55.24 -12.43 20.55
CA GLN F 27 54.06 -12.31 21.39
C GLN F 27 52.81 -12.45 20.53
N SER F 28 51.82 -13.18 21.05
CA SER F 28 50.58 -13.39 20.31
C SER F 28 49.89 -12.07 20.05
N LEU F 29 49.42 -11.89 18.81
CA LEU F 29 48.78 -10.65 18.38
C LEU F 29 47.26 -10.71 18.46
N ARG F 30 46.73 -11.56 19.34
CA ARG F 30 45.29 -11.65 19.56
C ARG F 30 44.90 -10.74 20.71
N HIS F 31 43.94 -9.85 20.47
CA HIS F 31 43.49 -8.91 21.47
C HIS F 31 42.30 -9.48 22.22
N THR F 32 41.90 -8.79 23.29
CA THR F 32 40.72 -9.21 24.05
C THR F 32 39.45 -9.06 23.23
N ASP F 33 39.46 -8.21 22.20
CA ASP F 33 38.30 -8.06 21.33
C ASP F 33 38.02 -9.37 20.58
N GLY F 34 39.07 -10.04 20.12
CA GLY F 34 38.90 -11.31 19.43
C GLY F 34 39.38 -11.29 18.00
N LYS F 35 40.27 -10.32 17.74
CA LYS F 35 40.79 -10.14 16.37
C LYS F 35 42.31 -10.20 16.41
N ASP F 36 42.92 -10.91 15.46
CA ASP F 36 44.38 -10.94 15.37
C ASP F 36 44.86 -9.65 14.71
N TYR F 37 45.81 -8.97 15.37
CA TYR F 37 46.29 -7.68 14.91
C TYR F 37 47.49 -7.86 13.98
N LEU F 38 47.19 -8.27 12.75
CA LEU F 38 48.20 -8.42 11.72
C LEU F 38 47.60 -8.06 10.36
N ASN F 39 48.39 -7.36 9.55
CA ASN F 39 48.01 -7.01 8.19
C ASN F 39 49.08 -7.48 7.22
N TRP F 40 48.65 -7.79 6.01
CA TRP F 40 49.54 -8.23 4.93
C TRP F 40 49.44 -7.22 3.80
N TYR F 41 50.58 -6.65 3.43
CA TYR F 41 50.70 -5.62 2.41
C TYR F 41 51.60 -6.08 1.28
N LEU F 42 51.33 -5.55 0.08
CA LEU F 42 52.13 -5.81 -1.11
C LEU F 42 52.71 -4.49 -1.62
N GLN F 43 54.02 -4.48 -1.87
CA GLN F 43 54.68 -3.34 -2.49
C GLN F 43 55.20 -3.78 -3.86
N LYS F 44 54.57 -3.27 -4.91
CA LYS F 44 55.03 -3.52 -6.26
C LYS F 44 56.26 -2.66 -6.55
N PRO F 45 57.09 -3.07 -7.51
CA PRO F 45 58.32 -2.31 -7.78
C PRO F 45 58.02 -0.90 -8.27
N GLY F 46 58.39 0.09 -7.45
CA GLY F 46 58.24 1.48 -7.80
C GLY F 46 56.94 2.13 -7.36
N GLN F 47 55.95 1.36 -6.95
CA GLN F 47 54.65 1.89 -6.55
C GLN F 47 54.48 1.81 -5.03
N SER F 48 53.42 2.46 -4.55
CA SER F 48 53.15 2.50 -3.13
C SER F 48 52.62 1.17 -2.64
N PRO F 49 52.88 0.81 -1.39
CA PRO F 49 52.33 -0.44 -0.84
C PRO F 49 50.81 -0.43 -0.85
N GLN F 50 50.24 -1.61 -1.10
CA GLN F 50 48.79 -1.77 -1.19
C GLN F 50 48.33 -2.81 -0.18
N LEU F 51 47.23 -2.52 0.50
CA LEU F 51 46.66 -3.46 1.45
C LEU F 51 46.17 -4.71 0.73
N LEU F 52 46.55 -5.87 1.27
CA LEU F 52 46.03 -7.15 0.79
C LEU F 52 45.08 -7.77 1.79
N ILE F 53 45.52 -7.94 3.04
CA ILE F 53 44.70 -8.59 4.07
C ILE F 53 44.78 -7.77 5.34
N TYR F 54 43.64 -7.56 5.99
CA TYR F 54 43.60 -6.85 7.26
C TYR F 54 42.96 -7.72 8.33
N TYR F 55 43.53 -7.66 9.53
CA TYR F 55 43.18 -8.49 10.68
C TYR F 55 43.51 -9.97 10.46
N ALA F 56 44.39 -10.25 9.49
CA ALA F 56 45.00 -11.56 9.28
C ALA F 56 44.02 -12.58 8.72
N THR F 57 42.74 -12.25 8.68
CA THR F 57 41.73 -13.10 8.06
C THR F 57 40.96 -12.40 6.95
N THR F 58 40.48 -11.19 7.20
CA THR F 58 39.62 -10.50 6.24
C THR F 58 40.43 -10.04 5.04
N ARG F 59 39.79 -10.08 3.86
CA ARG F 59 40.40 -9.68 2.61
C ARG F 59 39.90 -8.29 2.23
N ALA F 60 40.83 -7.40 1.90
CA ALA F 60 40.47 -6.03 1.55
C ALA F 60 39.62 -6.00 0.28
N SER F 61 38.58 -5.17 0.31
CA SER F 61 37.72 -5.02 -0.87
C SER F 61 38.49 -4.36 -2.01
N GLY F 62 38.33 -4.91 -3.21
CA GLY F 62 39.02 -4.40 -4.38
C GLY F 62 40.32 -5.08 -4.72
N VAL F 63 40.64 -6.22 -4.11
CA VAL F 63 41.87 -6.94 -4.40
C VAL F 63 41.51 -8.27 -5.05
N PRO F 64 42.41 -8.85 -5.85
CA PRO F 64 42.12 -10.16 -6.45
C PRO F 64 41.98 -11.24 -5.39
N ASP F 65 41.12 -12.22 -5.68
CA ASP F 65 40.88 -13.32 -4.75
C ASP F 65 42.02 -14.33 -4.72
N ARG F 66 43.08 -14.11 -5.50
CA ARG F 66 44.22 -15.02 -5.47
C ARG F 66 44.88 -15.04 -4.09
N PHE F 67 44.75 -13.95 -3.35
CA PHE F 67 45.41 -13.83 -2.05
C PHE F 67 44.48 -14.25 -0.93
N THR F 68 44.95 -15.17 -0.09
CA THR F 68 44.21 -15.59 1.09
C THR F 68 45.21 -15.91 2.19
N GLY F 69 44.90 -15.48 3.40
CA GLY F 69 45.78 -15.71 4.53
C GLY F 69 44.98 -16.02 5.77
N SER F 70 45.60 -16.78 6.68
CA SER F 70 44.92 -17.20 7.90
C SER F 70 45.96 -17.51 8.96
N GLY F 71 45.51 -17.56 10.20
CA GLY F 71 46.39 -17.86 11.31
C GLY F 71 45.82 -17.34 12.60
N SER F 72 46.60 -17.54 13.66
CA SER F 72 46.17 -17.11 14.99
C SER F 72 47.38 -17.03 15.90
N GLY F 73 47.18 -16.36 17.04
CA GLY F 73 48.19 -16.29 18.07
C GLY F 73 49.50 -15.71 17.58
N THR F 74 50.50 -16.55 17.43
CA THR F 74 51.81 -16.14 16.97
C THR F 74 52.06 -16.45 15.50
N ASP F 75 51.32 -17.37 14.91
CA ASP F 75 51.63 -17.88 13.57
C ASP F 75 50.56 -17.42 12.59
N PHE F 76 50.99 -16.77 11.50
CA PHE F 76 50.09 -16.40 10.42
C PHE F 76 50.74 -16.76 9.09
N THR F 77 49.91 -17.13 8.11
CA THR F 77 50.41 -17.57 6.82
C THR F 77 49.58 -16.95 5.71
N LEU F 78 50.21 -16.79 4.56
CA LEU F 78 49.56 -16.28 3.37
C LEU F 78 49.37 -17.39 2.34
N ASP F 87 51.96 -9.83 -9.05
CA ASP F 87 52.30 -10.48 -7.79
C ASP F 87 53.80 -10.44 -7.55
N VAL F 88 54.52 -9.79 -8.44
CA VAL F 88 55.96 -9.60 -8.31
C VAL F 88 56.20 -8.35 -7.48
N GLY F 89 56.87 -8.51 -6.35
CA GLY F 89 57.13 -7.39 -5.46
C GLY F 89 57.65 -7.87 -4.12
N VAL F 90 57.30 -7.13 -3.08
CA VAL F 90 57.71 -7.43 -1.72
C VAL F 90 56.46 -7.55 -0.85
N TYR F 91 56.39 -8.62 -0.05
CA TYR F 91 55.30 -8.88 0.86
C TYR F 91 55.73 -8.46 2.26
N TYR F 92 54.84 -7.79 2.99
CA TYR F 92 55.13 -7.31 4.34
C TYR F 92 54.03 -7.73 5.29
N CYS F 93 54.41 -8.16 6.49
CA CYS F 93 53.47 -8.42 7.58
C CYS F 93 53.67 -7.37 8.67
N PHE F 94 52.57 -6.77 9.10
CA PHE F 94 52.59 -5.62 10.01
C PHE F 94 51.71 -5.90 11.22
N GLN F 95 52.11 -5.38 12.37
CA GLN F 95 51.37 -5.53 13.61
C GLN F 95 51.03 -4.17 14.19
N GLY F 96 49.90 -4.09 14.88
CA GLY F 96 49.45 -2.85 15.47
C GLY F 96 48.88 -3.00 16.85
N LEU F 97 49.36 -3.99 17.60
CA LEU F 97 48.85 -4.24 18.95
C LEU F 97 49.72 -3.61 20.04
N GLN F 98 50.97 -3.26 19.73
CA GLN F 98 51.91 -2.76 20.72
C GLN F 98 52.30 -1.31 20.40
N SER F 99 52.88 -0.65 21.40
CA SER F 99 53.22 0.75 21.25
C SER F 99 54.22 1.05 20.14
N PRO F 100 55.30 0.29 19.96
CA PRO F 100 56.15 0.47 18.76
C PRO F 100 55.77 -0.49 17.63
N PRO F 101 54.74 -0.19 16.85
CA PRO F 101 54.39 -1.09 15.74
C PRO F 101 55.45 -1.07 14.65
N GLY F 102 55.49 -2.15 13.88
CA GLY F 102 56.46 -2.23 12.80
C GLY F 102 56.10 -3.33 11.81
N PHE F 103 56.76 -3.27 10.67
CA PHE F 103 56.57 -4.24 9.60
C PHE F 103 57.60 -5.36 9.74
N GLY F 104 57.60 -6.26 8.77
CA GLY F 104 58.55 -7.35 8.72
C GLY F 104 59.69 -7.08 7.75
N ALA F 105 60.55 -8.09 7.61
CA ALA F 105 61.69 -7.96 6.71
C ALA F 105 61.24 -7.83 5.26
N GLY F 106 60.21 -8.58 4.87
CA GLY F 106 59.71 -8.53 3.51
C GLY F 106 60.15 -9.69 2.66
N THR F 107 59.20 -10.41 2.08
CA THR F 107 59.49 -11.54 1.22
C THR F 107 59.44 -11.08 -0.23
N LYS F 108 60.55 -11.26 -0.95
CA LYS F 108 60.65 -10.80 -2.32
C LYS F 108 60.22 -11.92 -3.26
N LEU F 109 59.15 -11.68 -4.01
CA LEU F 109 58.64 -12.68 -4.94
C LEU F 109 58.66 -12.14 -6.38
N VAL G 3 16.15 56.78 17.32
CA VAL G 3 15.06 57.69 17.02
C VAL G 3 14.56 57.43 15.59
N LEU G 4 13.33 57.86 15.31
CA LEU G 4 12.72 57.68 14.01
C LEU G 4 12.13 58.99 13.53
N THR G 5 12.14 59.18 12.21
CA THR G 5 11.53 60.35 11.57
C THR G 5 10.59 59.85 10.48
N GLN G 6 9.31 60.14 10.64
CA GLN G 6 8.27 59.72 9.70
C GLN G 6 7.87 60.94 8.87
N THR G 7 8.14 60.88 7.57
CA THR G 7 7.90 62.00 6.66
C THR G 7 7.10 61.50 5.47
N PRO G 8 6.01 62.17 5.11
CA PRO G 8 5.25 61.77 3.91
C PRO G 8 5.92 62.27 2.64
N LEU G 9 5.92 61.41 1.62
CA LEU G 9 6.49 61.75 0.33
C LEU G 9 5.44 62.09 -0.72
N SER G 10 4.25 61.51 -0.62
CA SER G 10 3.16 61.81 -1.55
C SER G 10 1.85 61.61 -0.78
N LEU G 11 1.26 62.72 -0.35
CA LEU G 11 0.04 62.70 0.44
C LEU G 11 -1.16 63.12 -0.41
N SER G 12 -2.32 62.58 -0.06
CA SER G 12 -3.56 62.89 -0.75
C SER G 12 -4.20 64.14 -0.17
N ALA G 19 0.70 57.68 -1.61
CA ALA G 19 0.79 56.59 -0.65
C ALA G 19 2.24 56.15 -0.47
N SER G 20 3.09 57.06 -0.01
CA SER G 20 4.50 56.78 0.21
C SER G 20 4.94 57.51 1.47
N ILE G 21 5.04 56.78 2.58
CA ILE G 21 5.50 57.30 3.85
C ILE G 21 6.87 56.73 4.16
N SER G 22 7.82 57.59 4.51
CA SER G 22 9.20 57.18 4.72
C SER G 22 9.55 57.34 6.20
N CYS G 23 9.96 56.26 6.84
CA CYS G 23 10.42 56.27 8.23
C CYS G 23 11.92 56.00 8.22
N ARG G 24 12.70 57.03 8.50
CA ARG G 24 14.15 56.95 8.49
C ARG G 24 14.69 57.06 9.91
N SER G 25 15.65 56.21 10.24
CA SER G 25 16.20 56.13 11.59
C SER G 25 17.66 56.55 11.59
N SER G 26 18.08 57.16 12.71
CA SER G 26 19.48 57.54 12.86
C SER G 26 20.39 56.32 12.88
N GLN G 27 19.97 55.26 13.58
CA GLN G 27 20.73 54.03 13.70
C GLN G 27 20.06 52.95 12.86
N SER G 28 20.85 52.26 12.05
CA SER G 28 20.32 51.19 11.20
C SER G 28 19.70 50.10 12.07
N LEU G 29 18.45 49.76 11.76
CA LEU G 29 17.71 48.77 12.54
C LEU G 29 17.83 47.37 11.94
N ARG G 30 19.07 46.91 11.73
CA ARG G 30 19.33 45.56 11.26
C ARG G 30 20.13 44.82 12.30
N HIS G 31 19.64 43.65 12.70
CA HIS G 31 20.29 42.85 13.73
C HIS G 31 21.18 41.80 13.08
N THR G 32 21.91 41.04 13.92
CA THR G 32 22.72 39.95 13.44
C THR G 32 21.88 38.78 12.93
N ASP G 33 20.57 38.79 13.18
CA ASP G 33 19.68 37.74 12.70
C ASP G 33 19.24 37.95 11.26
N GLY G 34 19.76 38.97 10.59
CA GLY G 34 19.36 39.25 9.22
C GLY G 34 17.92 39.72 9.08
N LYS G 35 17.45 40.52 10.03
CA LYS G 35 16.09 41.04 9.99
C LYS G 35 16.10 42.52 10.32
N ASP G 36 15.16 43.25 9.74
CA ASP G 36 15.00 44.68 10.00
C ASP G 36 13.89 44.87 11.03
N TYR G 37 14.23 45.45 12.18
CA TYR G 37 13.30 45.57 13.30
C TYR G 37 12.49 46.86 13.14
N LEU G 38 11.51 46.80 12.25
CA LEU G 38 10.60 47.93 12.03
C LEU G 38 9.24 47.40 11.61
N ASN G 39 8.19 47.92 12.25
CA ASN G 39 6.82 47.52 11.98
C ASN G 39 5.99 48.74 11.61
N TRP G 40 4.97 48.52 10.79
CA TRP G 40 4.09 49.58 10.33
C TRP G 40 2.68 49.31 10.83
N TYR G 41 2.07 50.31 11.46
CA TYR G 41 0.74 50.17 12.03
C TYR G 41 -0.18 51.25 11.46
N LEU G 42 -1.46 50.91 11.32
CA LEU G 42 -2.48 51.83 10.86
C LEU G 42 -3.55 51.95 11.94
N GLN G 43 -3.83 53.19 12.35
CA GLN G 43 -4.88 53.48 13.32
C GLN G 43 -6.02 54.16 12.57
N LYS G 44 -7.09 53.42 12.32
CA LYS G 44 -8.28 53.98 11.71
C LYS G 44 -8.98 54.90 12.70
N PRO G 45 -9.74 55.89 12.21
CA PRO G 45 -10.32 56.88 13.13
C PRO G 45 -11.30 56.27 14.11
N GLY G 46 -10.95 56.27 15.38
CA GLY G 46 -11.77 55.73 16.44
C GLY G 46 -11.52 54.27 16.76
N GLN G 47 -10.83 53.55 15.89
CA GLN G 47 -10.57 52.12 16.10
C GLN G 47 -9.22 51.97 16.81
N SER G 48 -8.74 50.72 16.89
CA SER G 48 -7.46 50.37 17.49
C SER G 48 -6.41 50.14 16.40
N PRO G 49 -5.14 50.41 16.72
CA PRO G 49 -4.09 50.20 15.72
C PRO G 49 -3.98 48.75 15.30
N GLN G 50 -3.66 48.53 14.03
CA GLN G 50 -3.53 47.20 13.46
C GLN G 50 -2.22 47.08 12.71
N LEU G 51 -1.61 45.89 12.79
CA LEU G 51 -0.35 45.66 12.10
C LEU G 51 -0.59 45.54 10.61
N LEU G 52 0.30 46.17 9.83
CA LEU G 52 0.25 46.08 8.38
C LEU G 52 1.42 45.30 7.81
N ILE G 53 2.66 45.73 8.07
CA ILE G 53 3.86 45.02 7.64
C ILE G 53 4.81 44.95 8.83
N TYR G 54 5.19 43.73 9.20
CA TYR G 54 6.16 43.51 10.27
C TYR G 54 7.49 43.08 9.68
N TYR G 55 8.57 43.48 10.34
CA TYR G 55 9.94 43.29 9.87
C TYR G 55 10.21 44.05 8.57
N ALA G 56 9.36 45.04 8.28
CA ALA G 56 9.53 46.00 7.21
C ALA G 56 9.39 45.38 5.82
N THR G 57 9.28 44.06 5.75
CA THR G 57 9.05 43.38 4.47
C THR G 57 7.82 42.50 4.50
N THR G 58 7.68 41.69 5.55
CA THR G 58 6.65 40.66 5.58
C THR G 58 5.31 41.25 5.95
N ARG G 59 4.30 41.00 5.10
CA ARG G 59 2.96 41.48 5.36
C ARG G 59 2.32 40.72 6.52
N ALA G 60 1.40 41.38 7.20
CA ALA G 60 0.72 40.78 8.34
C ALA G 60 -0.42 39.89 7.87
N SER G 61 -0.87 39.01 8.77
CA SER G 61 -1.94 38.08 8.44
C SER G 61 -3.25 38.83 8.27
N GLY G 62 -4.00 38.46 7.22
CA GLY G 62 -5.27 39.09 6.95
C GLY G 62 -5.16 40.56 6.60
N VAL G 63 -4.17 40.93 5.81
CA VAL G 63 -3.92 42.31 5.40
C VAL G 63 -4.05 42.37 3.89
N PRO G 64 -4.79 43.33 3.34
CA PRO G 64 -4.93 43.42 1.89
C PRO G 64 -3.59 43.62 1.19
N ASP G 65 -3.46 43.07 -0.01
CA ASP G 65 -2.24 43.17 -0.79
C ASP G 65 -1.97 44.59 -1.29
N ARG G 66 -2.88 45.54 -1.03
CA ARG G 66 -2.65 46.93 -1.38
C ARG G 66 -1.43 47.50 -0.67
N PHE G 67 -1.11 46.99 0.50
CA PHE G 67 0.00 47.50 1.31
C PHE G 67 1.25 46.67 1.05
N THR G 68 2.36 47.35 0.80
CA THR G 68 3.65 46.69 0.67
C THR G 68 4.71 47.60 1.28
N GLY G 69 5.77 47.00 1.81
CA GLY G 69 6.82 47.74 2.48
C GLY G 69 8.19 47.39 1.89
N SER G 70 9.11 48.33 2.02
CA SER G 70 10.46 48.14 1.49
C SER G 70 11.44 48.92 2.34
N GLY G 71 12.72 48.61 2.18
CA GLY G 71 13.75 49.32 2.91
C GLY G 71 14.68 48.40 3.68
N SER G 72 15.79 48.94 4.15
CA SER G 72 16.78 48.13 4.86
C SER G 72 17.77 49.04 5.56
N GLY G 73 18.04 48.76 6.83
CA GLY G 73 19.03 49.51 7.57
C GLY G 73 18.49 50.81 8.13
N THR G 74 18.82 51.92 7.47
CA THR G 74 18.38 53.24 7.90
C THR G 74 17.08 53.66 7.22
N ASP G 75 16.96 53.46 5.92
CA ASP G 75 15.83 53.96 5.14
C ASP G 75 14.78 52.88 4.97
N PHE G 76 13.54 53.19 5.30
CA PHE G 76 12.39 52.34 5.08
C PHE G 76 11.25 53.16 4.51
N THR G 77 10.48 52.56 3.61
CA THR G 77 9.35 53.23 2.98
C THR G 77 8.18 52.27 2.90
N LEU G 78 6.97 52.85 3.01
CA LEU G 78 5.74 52.09 2.90
C LEU G 78 5.30 51.99 1.43
N ASP G 87 -7.89 52.22 4.42
CA ASP G 87 -7.74 53.40 3.60
C ASP G 87 -7.27 54.61 4.41
N VAL G 88 -8.21 55.23 5.12
CA VAL G 88 -7.96 56.47 5.84
C VAL G 88 -7.61 56.15 7.28
N GLY G 89 -6.58 56.82 7.79
CA GLY G 89 -6.14 56.59 9.16
C GLY G 89 -4.83 57.31 9.41
N VAL G 90 -4.13 56.86 10.45
CA VAL G 90 -2.83 57.40 10.81
C VAL G 90 -1.82 56.27 10.78
N TYR G 91 -0.71 56.47 10.08
CA TYR G 91 0.32 55.46 9.91
C TYR G 91 1.48 55.74 10.85
N TYR G 92 1.88 54.71 11.61
CA TYR G 92 2.99 54.81 12.55
C TYR G 92 4.05 53.77 12.20
N CYS G 93 5.30 54.14 12.42
CA CYS G 93 6.42 53.23 12.31
C CYS G 93 7.04 53.00 13.68
N PHE G 94 7.25 51.74 14.03
CA PHE G 94 7.71 51.36 15.36
C PHE G 94 8.97 50.52 15.25
N GLN G 95 9.99 50.89 16.02
CA GLN G 95 11.21 50.12 16.12
C GLN G 95 11.22 49.34 17.43
N GLY G 96 11.79 48.14 17.39
CA GLY G 96 11.83 47.28 18.55
C GLY G 96 13.18 46.64 18.77
N LEU G 97 14.25 47.34 18.40
CA LEU G 97 15.61 46.84 18.51
C LEU G 97 16.33 47.33 19.75
N GLN G 98 16.14 48.58 20.13
CA GLN G 98 16.87 49.18 21.24
C GLN G 98 16.05 49.18 22.52
N SER G 99 16.71 49.48 23.63
CA SER G 99 16.06 49.44 24.93
C SER G 99 14.89 50.40 25.08
N PRO G 100 14.95 51.65 24.63
CA PRO G 100 13.76 52.51 24.63
C PRO G 100 13.04 52.49 23.29
N PRO G 101 12.26 51.46 22.97
CA PRO G 101 11.55 51.45 21.68
C PRO G 101 10.49 52.53 21.65
N GLY G 102 10.17 53.00 20.45
CA GLY G 102 9.20 54.07 20.29
C GLY G 102 8.53 54.06 18.94
N PHE G 103 7.40 54.74 18.88
CA PHE G 103 6.65 54.91 17.64
C PHE G 103 7.13 56.16 16.90
N GLY G 104 6.65 56.31 15.67
CA GLY G 104 6.94 57.50 14.90
C GLY G 104 5.99 58.64 15.22
N ALA G 105 6.27 59.79 14.61
CA ALA G 105 5.42 60.96 14.83
C ALA G 105 4.01 60.72 14.31
N GLY G 106 3.88 60.09 13.14
CA GLY G 106 2.59 59.80 12.58
C GLY G 106 2.29 60.54 11.29
N THR G 107 1.62 59.88 10.36
CA THR G 107 1.25 60.48 9.08
C THR G 107 -0.27 60.37 8.93
N LYS G 108 -0.94 61.50 8.72
CA LYS G 108 -2.38 61.54 8.59
C LYS G 108 -2.76 61.42 7.12
N LEU G 109 -3.56 60.42 6.79
CA LEU G 109 -4.01 60.21 5.41
C LEU G 109 -5.51 60.45 5.29
N TYR H 32 10.27 -7.23 41.78
CA TYR H 32 9.46 -8.32 42.32
C TYR H 32 9.74 -8.51 43.80
N ALA H 33 8.83 -8.03 44.63
CA ALA H 33 8.97 -8.17 46.07
C ALA H 33 8.48 -9.55 46.52
N PHE H 34 9.09 -10.05 47.59
CA PHE H 34 8.75 -11.36 48.14
C PHE H 34 8.48 -11.23 49.63
N SER H 35 7.67 -12.17 50.13
CA SER H 35 7.29 -12.18 51.53
C SER H 35 7.34 -13.60 52.07
N TRP H 36 7.61 -13.71 53.37
CA TRP H 36 7.61 -14.99 54.09
C TRP H 36 6.41 -15.00 55.02
N VAL H 37 5.50 -15.96 54.81
CA VAL H 37 4.26 -16.07 55.57
C VAL H 37 4.27 -17.39 56.33
N ARG H 38 3.61 -17.41 57.48
CA ARG H 38 3.60 -18.56 58.36
C ARG H 38 2.17 -18.99 58.65
N GLN H 39 1.94 -20.30 58.61
CA GLN H 39 0.62 -20.89 58.90
C GLN H 39 0.80 -21.97 59.97
N ALA H 40 0.34 -21.67 61.18
CA ALA H 40 0.35 -22.65 62.26
C ALA H 40 -0.67 -23.75 61.96
N PRO H 41 -0.58 -24.90 62.65
CA PRO H 41 -1.50 -26.01 62.34
C PRO H 41 -2.96 -25.61 62.38
N ARG H 42 -3.39 -24.81 63.37
CA ARG H 42 -4.69 -24.15 63.29
C ARG H 42 -4.58 -22.83 64.06
N LYS H 43 -4.16 -21.78 63.36
CA LYS H 43 -4.18 -20.43 63.93
C LYS H 43 -4.62 -19.35 62.95
N GLY H 44 -4.55 -19.57 61.65
CA GLY H 44 -4.73 -18.51 60.68
C GLY H 44 -3.41 -17.97 60.20
N LEU H 45 -3.39 -17.50 58.94
CA LEU H 45 -2.17 -17.02 58.34
C LEU H 45 -1.65 -15.79 59.06
N GLU H 46 -0.34 -15.77 59.34
CA GLU H 46 0.32 -14.64 59.96
C GLU H 46 1.50 -14.22 59.09
N TRP H 47 1.57 -12.94 58.76
CA TRP H 47 2.62 -12.42 57.91
C TRP H 47 3.88 -12.18 58.73
N LEU H 48 4.95 -12.90 58.42
CA LEU H 48 6.19 -12.79 59.18
C LEU H 48 7.13 -11.73 58.60
N ALA H 49 7.57 -11.93 57.37
CA ALA H 49 8.57 -11.04 56.78
C ALA H 49 8.08 -10.40 55.49
N VAL H 54 15.03 -3.78 44.98
CA VAL H 54 15.97 -3.26 43.99
C VAL H 54 15.72 -1.78 43.77
N SER H 55 14.63 -1.47 43.06
CA SER H 55 14.27 -0.09 42.76
C SER H 55 13.88 0.69 44.00
N TYR H 56 13.61 0.03 45.12
CA TYR H 56 13.25 0.70 46.37
C TYR H 56 14.24 0.39 47.46
N ARG H 57 15.52 0.21 47.10
CA ARG H 57 16.64 -0.02 48.00
C ARG H 57 16.51 -1.34 48.78
N ARG H 58 15.58 -2.22 48.39
CA ARG H 58 15.37 -3.49 49.07
C ARG H 58 15.13 -3.29 50.57
N SER H 59 14.36 -2.25 50.91
CA SER H 59 14.01 -2.02 52.30
C SER H 59 13.18 -3.18 52.84
N THR H 60 13.56 -3.67 54.02
CA THR H 60 12.95 -4.85 54.62
C THR H 60 12.17 -4.47 55.87
N TYR H 61 11.01 -5.07 56.02
CA TYR H 61 10.13 -4.83 57.16
C TYR H 61 9.78 -6.16 57.80
N TYR H 62 9.69 -6.18 59.13
CA TYR H 62 9.39 -7.38 59.88
C TYR H 62 8.31 -7.10 60.91
N ALA H 63 7.54 -8.13 61.24
CA ALA H 63 6.47 -8.00 62.21
C ALA H 63 7.03 -7.92 63.63
N ASP H 64 6.15 -7.49 64.55
CA ASP H 64 6.57 -7.34 65.95
C ASP H 64 6.95 -8.67 66.58
N SER H 65 6.27 -9.75 66.20
CA SER H 65 6.56 -11.06 66.79
C SER H 65 7.99 -11.50 66.46
N VAL H 66 8.42 -11.29 65.21
CA VAL H 66 9.74 -11.73 64.77
C VAL H 66 10.76 -10.61 64.83
N LYS H 67 10.36 -9.40 65.25
CA LYS H 67 11.30 -8.29 65.34
C LYS H 67 12.40 -8.59 66.36
N GLY H 68 13.65 -8.36 65.96
CA GLY H 68 14.78 -8.63 66.82
C GLY H 68 15.35 -10.03 66.64
N GLU H 91 4.75 -20.25 69.03
CA GLU H 91 6.12 -20.73 68.89
C GLU H 91 6.64 -20.50 67.47
N ASP H 92 7.21 -21.55 66.88
CA ASP H 92 7.72 -21.46 65.51
C ASP H 92 7.43 -22.71 64.70
N THR H 93 6.61 -23.63 65.19
CA THR H 93 6.28 -24.85 64.45
C THR H 93 5.08 -24.55 63.55
N ALA H 94 5.34 -24.38 62.25
CA ALA H 94 4.30 -24.00 61.31
C ALA H 94 4.82 -24.21 59.90
N ARG H 95 3.90 -24.22 58.94
CA ARG H 95 4.26 -24.25 57.53
C ARG H 95 4.66 -22.85 57.08
N TYR H 96 5.63 -22.78 56.16
CA TYR H 96 6.16 -21.52 55.68
C TYR H 96 5.95 -21.41 54.18
N TYR H 97 5.48 -20.24 53.75
CA TYR H 97 5.19 -19.96 52.35
C TYR H 97 6.01 -18.77 51.88
N CYS H 98 6.54 -18.87 50.67
CA CYS H 98 7.16 -17.76 49.98
C CYS H 98 6.17 -17.19 48.97
N ALA H 99 5.83 -15.92 49.13
CA ALA H 99 4.81 -15.27 48.32
C ALA H 99 5.43 -14.18 47.47
N ARG H 100 4.93 -14.07 46.23
CA ARG H 100 5.49 -13.17 45.24
C ARG H 100 4.59 -11.95 45.08
N GLY H 101 5.20 -10.76 45.08
CA GLY H 101 4.47 -9.53 44.83
C GLY H 101 4.44 -8.59 46.01
N ALA H 102 3.98 -7.36 45.78
CA ALA H 102 3.80 -6.41 46.89
C ALA H 102 2.80 -6.96 47.89
N PHE H 103 1.70 -7.51 47.41
CA PHE H 103 0.79 -8.34 48.17
C PHE H 103 1.14 -9.81 47.91
N PRO H 104 0.82 -10.71 48.83
CA PRO H 104 1.13 -12.13 48.60
C PRO H 104 0.29 -12.72 47.48
N ASN H 105 0.62 -12.36 46.24
CA ASN H 105 -0.21 -12.70 45.08
C ASN H 105 0.01 -14.16 44.66
N LEU H 106 1.24 -14.50 44.30
CA LEU H 106 1.56 -15.85 43.85
C LEU H 106 2.21 -16.62 45.00
N TRP H 107 1.59 -17.74 45.38
CA TRP H 107 2.05 -18.54 46.49
C TRP H 107 2.71 -19.83 46.00
N GLY H 108 3.67 -20.31 46.78
CA GLY H 108 4.40 -21.54 46.42
C GLY H 108 4.03 -22.70 47.31
N PRO H 109 3.80 -23.92 46.77
CA PRO H 109 3.39 -25.14 47.54
C PRO H 109 3.63 -24.98 49.03
N GLY H 110 4.87 -24.78 49.46
CA GLY H 110 5.11 -24.51 50.89
C GLY H 110 5.91 -25.58 51.57
N VAL H 111 6.53 -25.29 52.70
CA VAL H 111 7.38 -26.25 53.38
C VAL H 111 6.79 -26.53 54.76
N GLU H 112 7.20 -27.66 55.35
CA GLU H 112 6.75 -28.06 56.67
C GLU H 112 7.91 -27.90 57.64
N VAL H 113 7.68 -27.16 58.71
CA VAL H 113 8.71 -26.94 59.73
C VAL H 113 8.16 -27.30 61.11
N VAL I 3 -5.89 -2.96 61.89
CA VAL I 3 -6.54 -4.15 62.40
C VAL I 3 -7.80 -4.45 61.61
N LEU I 4 -7.91 -5.70 61.13
CA LEU I 4 -9.02 -6.13 60.31
C LEU I 4 -9.89 -7.09 61.10
N THR I 5 -11.21 -6.89 61.03
CA THR I 5 -12.18 -7.77 61.67
C THR I 5 -13.06 -8.38 60.59
N GLN I 6 -13.20 -9.71 60.61
CA GLN I 6 -13.96 -10.44 59.61
C GLN I 6 -15.24 -10.98 60.22
N THR I 7 -16.33 -10.89 59.46
CA THR I 7 -17.63 -11.40 59.90
C THR I 7 -18.33 -12.09 58.74
N PRO I 8 -18.90 -13.27 58.97
CA PRO I 8 -18.89 -14.06 60.20
C PRO I 8 -17.65 -14.94 60.32
N LEU I 9 -17.26 -15.33 61.52
CA LEU I 9 -16.12 -16.23 61.68
C LEU I 9 -16.40 -17.60 61.07
N SER I 10 -17.61 -18.12 61.27
CA SER I 10 -18.00 -19.41 60.74
C SER I 10 -19.18 -19.22 59.80
N LEU I 11 -19.09 -19.83 58.62
CA LEU I 11 -20.13 -19.69 57.61
C LEU I 11 -20.46 -21.03 56.97
N ALA I 19 -22.72 -16.06 49.29
CA ALA I 19 -22.67 -15.50 50.64
C ALA I 19 -21.87 -14.21 50.66
N SER I 20 -21.92 -13.50 51.79
CA SER I 20 -21.23 -12.23 51.96
C SER I 20 -20.33 -12.29 53.18
N ILE I 21 -19.08 -11.88 53.01
CA ILE I 21 -18.10 -11.82 54.08
C ILE I 21 -17.62 -10.38 54.18
N SER I 22 -17.66 -9.81 55.39
CA SER I 22 -17.34 -8.41 55.59
C SER I 22 -16.02 -8.29 56.35
N CYS I 23 -15.09 -7.54 55.78
CA CYS I 23 -13.83 -7.18 56.43
C CYS I 23 -13.89 -5.68 56.73
N ARG I 24 -13.77 -5.35 58.02
CA ARG I 24 -13.84 -3.97 58.47
C ARG I 24 -12.51 -3.57 59.12
N SER I 25 -11.99 -2.42 58.73
CA SER I 25 -10.71 -1.94 59.22
C SER I 25 -10.92 -0.67 60.05
N SER I 26 -10.12 -0.53 61.10
CA SER I 26 -10.17 0.66 61.93
C SER I 26 -9.78 1.90 61.12
N GLN I 27 -8.72 1.79 60.33
CA GLN I 27 -8.27 2.87 59.47
C GLN I 27 -8.71 2.62 58.04
N SER I 28 -9.08 3.69 57.34
CA SER I 28 -9.44 3.58 55.93
C SER I 28 -8.21 3.18 55.11
N LEU I 29 -8.43 2.28 54.14
CA LEU I 29 -7.35 1.75 53.33
C LEU I 29 -7.28 2.41 51.96
N ARG I 30 -7.92 3.57 51.79
CA ARG I 30 -7.88 4.28 50.52
C ARG I 30 -6.62 5.15 50.47
N HIS I 31 -5.78 4.90 49.47
CA HIS I 31 -4.55 5.64 49.29
C HIS I 31 -4.82 6.87 48.41
N THR I 32 -3.84 7.79 48.39
CA THR I 32 -3.91 8.91 47.47
C THR I 32 -3.86 8.46 46.02
N ASP I 33 -3.35 7.25 45.76
CA ASP I 33 -3.38 6.69 44.41
C ASP I 33 -4.80 6.41 43.93
N GLY I 34 -5.78 6.37 44.83
CA GLY I 34 -7.15 6.11 44.45
C GLY I 34 -7.56 4.66 44.50
N LYS I 35 -6.79 3.84 45.22
CA LYS I 35 -7.05 2.39 45.25
C LYS I 35 -7.16 1.93 46.69
N ASP I 36 -8.18 1.12 46.98
CA ASP I 36 -8.37 0.59 48.33
C ASP I 36 -7.48 -0.63 48.50
N TYR I 37 -6.50 -0.53 49.38
CA TYR I 37 -5.48 -1.57 49.54
C TYR I 37 -6.04 -2.69 50.41
N LEU I 38 -6.71 -3.65 49.76
CA LEU I 38 -7.22 -4.83 50.45
C LEU I 38 -7.33 -5.96 49.44
N ASN I 39 -6.86 -7.14 49.83
CA ASN I 39 -6.92 -8.32 48.98
C ASN I 39 -7.72 -9.42 49.65
N TRP I 40 -8.43 -10.19 48.84
CA TRP I 40 -9.23 -11.32 49.29
C TRP I 40 -8.62 -12.59 48.74
N TYR I 41 -8.22 -13.49 49.65
CA TYR I 41 -7.57 -14.76 49.33
C TYR I 41 -8.44 -15.91 49.82
N LEU I 42 -8.31 -17.06 49.14
CA LEU I 42 -8.99 -18.29 49.53
C LEU I 42 -7.97 -19.40 49.69
N GLN I 43 -8.01 -20.08 50.83
CA GLN I 43 -7.18 -21.24 51.12
C GLN I 43 -8.08 -22.48 51.08
N LYS I 44 -7.90 -23.29 50.05
CA LYS I 44 -8.56 -24.58 50.00
C LYS I 44 -7.90 -25.54 50.98
N PRO I 45 -8.64 -26.51 51.51
CA PRO I 45 -8.05 -27.40 52.53
C PRO I 45 -6.86 -28.17 51.99
N GLY I 46 -5.72 -28.04 52.68
CA GLY I 46 -4.52 -28.76 52.34
C GLY I 46 -3.65 -28.13 51.27
N GLN I 47 -4.08 -27.01 50.69
CA GLN I 47 -3.34 -26.37 49.61
C GLN I 47 -2.89 -24.97 50.03
N SER I 48 -1.97 -24.43 49.23
CA SER I 48 -1.49 -23.08 49.45
C SER I 48 -2.59 -22.07 49.13
N PRO I 49 -2.60 -20.92 49.80
CA PRO I 49 -3.61 -19.90 49.52
C PRO I 49 -3.49 -19.38 48.09
N GLN I 50 -4.64 -19.01 47.53
CA GLN I 50 -4.70 -18.49 46.17
C GLN I 50 -5.44 -17.16 46.17
N LEU I 51 -5.06 -16.30 45.23
CA LEU I 51 -5.65 -14.98 45.12
C LEU I 51 -7.03 -15.06 44.49
N LEU I 52 -7.98 -14.34 45.07
CA LEU I 52 -9.31 -14.16 44.49
C LEU I 52 -9.51 -12.75 43.97
N ILE I 53 -9.30 -11.73 44.82
CA ILE I 53 -9.53 -10.35 44.43
C ILE I 53 -8.39 -9.50 44.98
N TYR I 54 -7.94 -8.53 44.18
CA TYR I 54 -6.96 -7.56 44.63
C TYR I 54 -7.50 -6.15 44.46
N TYR I 55 -7.11 -5.27 45.38
CA TYR I 55 -7.60 -3.89 45.46
C TYR I 55 -9.10 -3.83 45.74
N ALA I 56 -9.64 -4.92 46.30
CA ALA I 56 -11.00 -4.99 46.83
C ALA I 56 -12.07 -4.90 45.75
N THR I 57 -11.68 -4.65 44.50
CA THR I 57 -12.63 -4.61 43.40
C THR I 57 -12.20 -5.43 42.18
N THR I 58 -10.92 -5.50 41.86
CA THR I 58 -10.46 -6.12 40.63
C THR I 58 -10.28 -7.62 40.84
N ARG I 59 -10.91 -8.41 39.99
CA ARG I 59 -10.78 -9.86 40.05
C ARG I 59 -9.37 -10.28 39.64
N ALA I 60 -8.96 -11.45 40.12
CA ALA I 60 -7.63 -11.96 39.83
C ALA I 60 -7.56 -12.49 38.39
N SER I 61 -6.43 -13.08 38.04
CA SER I 61 -6.21 -13.58 36.68
C SER I 61 -6.66 -15.04 36.61
N GLY I 62 -7.72 -15.30 35.85
CA GLY I 62 -8.20 -16.65 35.66
C GLY I 62 -8.86 -17.24 36.88
N VAL I 63 -9.91 -16.59 37.37
CA VAL I 63 -10.67 -17.09 38.52
C VAL I 63 -12.15 -17.10 38.15
N PRO I 64 -12.94 -17.93 38.82
CA PRO I 64 -14.37 -18.01 38.51
C PRO I 64 -15.07 -16.67 38.75
N ASP I 65 -16.10 -16.43 37.95
CA ASP I 65 -16.88 -15.19 38.02
C ASP I 65 -17.84 -15.16 39.20
N ARG I 66 -17.93 -16.24 39.98
CA ARG I 66 -18.79 -16.23 41.16
C ARG I 66 -18.31 -15.21 42.18
N PHE I 67 -17.00 -15.07 42.33
CA PHE I 67 -16.42 -14.21 43.35
C PHE I 67 -16.48 -12.75 42.89
N THR I 68 -17.22 -11.93 43.63
CA THR I 68 -17.31 -10.50 43.38
C THR I 68 -17.07 -9.76 44.70
N GLY I 69 -16.24 -8.73 44.64
CA GLY I 69 -15.92 -7.96 45.83
C GLY I 69 -16.17 -6.49 45.64
N SER I 70 -16.53 -5.82 46.73
CA SER I 70 -16.81 -4.40 46.70
C SER I 70 -16.57 -3.81 48.09
N GLY I 71 -16.20 -2.54 48.13
CA GLY I 71 -15.94 -1.84 49.36
C GLY I 71 -15.35 -0.48 49.14
N SER I 72 -15.34 0.37 50.17
CA SER I 72 -14.82 1.73 50.02
C SER I 72 -14.31 2.19 51.39
N GLY I 73 -12.99 2.13 51.57
CA GLY I 73 -12.36 2.70 52.75
C GLY I 73 -12.28 1.78 53.95
N THR I 74 -13.41 1.56 54.64
CA THR I 74 -13.39 0.86 55.92
C THR I 74 -14.24 -0.41 55.95
N ASP I 75 -15.18 -0.60 55.02
CA ASP I 75 -16.05 -1.77 55.01
C ASP I 75 -16.00 -2.41 53.64
N PHE I 76 -15.35 -3.56 53.53
CA PHE I 76 -15.24 -4.29 52.28
C PHE I 76 -16.03 -5.58 52.36
N THR I 77 -16.62 -5.97 51.24
CA THR I 77 -17.50 -7.13 51.19
C THR I 77 -17.08 -8.07 50.07
N LEU I 78 -17.23 -9.36 50.32
CA LEU I 78 -16.96 -10.39 49.31
C LEU I 78 -18.21 -11.25 49.11
N ASP I 87 -15.05 -24.02 46.44
CA ASP I 87 -15.43 -22.83 47.19
C ASP I 87 -15.41 -23.10 48.68
N VAL I 88 -15.11 -24.34 49.05
CA VAL I 88 -15.01 -24.72 50.46
C VAL I 88 -13.59 -24.49 50.94
N GLY I 89 -13.43 -23.68 51.98
CA GLY I 89 -12.10 -23.38 52.48
C GLY I 89 -12.15 -22.28 53.52
N VAL I 90 -11.08 -21.48 53.55
CA VAL I 90 -10.95 -20.36 54.47
C VAL I 90 -10.70 -19.09 53.67
N TYR I 91 -11.48 -18.06 53.94
CA TYR I 91 -11.34 -16.77 53.26
C TYR I 91 -10.61 -15.79 54.16
N TYR I 92 -9.67 -15.06 53.56
CA TYR I 92 -8.81 -14.12 54.28
C TYR I 92 -8.86 -12.76 53.60
N CYS I 93 -8.90 -11.70 54.42
CA CYS I 93 -8.75 -10.34 53.94
C CYS I 93 -7.42 -9.79 54.45
N PHE I 94 -6.63 -9.22 53.53
CA PHE I 94 -5.25 -8.83 53.81
C PHE I 94 -5.06 -7.36 53.44
N GLN I 95 -4.48 -6.59 54.37
CA GLN I 95 -4.14 -5.21 54.11
C GLN I 95 -2.66 -5.09 53.71
N GLY I 96 -2.37 -4.10 52.88
CA GLY I 96 -1.01 -3.87 52.43
C GLY I 96 -0.63 -2.41 52.41
N LEU I 97 -1.21 -1.62 53.32
CA LEU I 97 -0.99 -0.18 53.36
C LEU I 97 -0.13 0.26 54.52
N GLN I 98 -0.24 -0.37 55.69
CA GLN I 98 0.49 0.04 56.87
C GLN I 98 1.67 -0.89 57.13
N SER I 99 2.65 -0.39 57.87
CA SER I 99 3.92 -1.09 58.01
C SER I 99 3.83 -2.46 58.66
N PRO I 100 2.90 -2.73 59.58
CA PRO I 100 2.64 -4.13 59.97
C PRO I 100 1.48 -4.75 59.20
N PRO I 101 1.67 -5.12 57.93
CA PRO I 101 0.56 -5.73 57.19
C PRO I 101 0.22 -7.09 57.76
N GLY I 102 -1.05 -7.48 57.59
CA GLY I 102 -1.48 -8.76 58.12
C GLY I 102 -2.78 -9.22 57.48
N PHE I 103 -3.09 -10.49 57.75
CA PHE I 103 -4.31 -11.10 57.24
C PHE I 103 -5.44 -10.89 58.24
N GLY I 104 -6.61 -11.45 57.91
CA GLY I 104 -7.75 -11.43 58.81
C GLY I 104 -7.80 -12.66 59.68
N ALA I 105 -8.90 -12.76 60.42
CA ALA I 105 -9.10 -13.93 61.29
C ALA I 105 -9.29 -15.21 60.47
N GLY I 106 -9.95 -15.11 59.33
CA GLY I 106 -10.20 -16.28 58.51
C GLY I 106 -11.61 -16.81 58.69
N THR I 107 -12.42 -16.75 57.64
CA THR I 107 -13.81 -17.20 57.70
C THR I 107 -13.93 -18.55 57.01
N LYS I 108 -14.49 -19.52 57.72
CA LYS I 108 -14.59 -20.89 57.22
C LYS I 108 -15.90 -21.06 56.45
N LEU I 109 -15.79 -21.61 55.24
CA LEU I 109 -16.96 -21.93 54.44
C LEU I 109 -16.81 -23.29 53.78
#